data_8EIF
#
_entry.id   8EIF
#
_cell.length_a   60.408
_cell.length_b   187.412
_cell.length_c   60.421
_cell.angle_alpha   90.000
_cell.angle_beta   99.187
_cell.angle_gamma   90.000
#
_symmetry.space_group_name_H-M   'P 1 21 1'
#
loop_
_entity.id
_entity.type
_entity.pdbx_description
1 polymer 'Antibiotic biosynthesis monooxygenase'
2 non-polymer 'PROPANOIC ACID'
3 non-polymer GLYCEROL
4 non-polymer 'CACODYLIC ACID'
5 non-polymer GLYCINE
6 non-polymer 'PENTAETHYLENE GLYCOL'
7 non-polymer 'TETRAETHYLENE GLYCOL'
8 water water
#
_entity_poly.entity_id   1
_entity_poly.type   'polypeptide(L)'
_entity_poly.pdbx_seq_one_letter_code
;SGGGMTYHVLVQFDVPSDKREAFAAAGLFDANGSLQNEPGTLRFEVIRDENNRNRFYLDEVYEDEAAFLQHCRNETIARF
YELIDSYAFGPLFLFKGYRVEG
;
_entity_poly.pdbx_strand_id   A,B,C,D,E,F,G,H,I,J,K,L
#
loop_
_chem_comp.id
_chem_comp.type
_chem_comp.name
_chem_comp.formula
1PE non-polymer 'PENTAETHYLENE GLYCOL' 'C10 H22 O6'
CAD non-polymer 'CACODYLIC ACID' 'C2 H7 As O2'
GOL non-polymer GLYCEROL 'C3 H8 O3'
PG4 non-polymer 'TETRAETHYLENE GLYCOL' 'C8 H18 O5'
PPI non-polymer 'PROPANOIC ACID' 'C3 H6 O2'
#
# COMPACT_ATOMS: atom_id res chain seq x y z
N GLY A 4 -27.33 15.11 -10.15
CA GLY A 4 -26.86 16.29 -9.45
C GLY A 4 -25.55 16.06 -8.71
N MET A 5 -25.62 16.10 -7.37
CA MET A 5 -24.44 15.97 -6.52
C MET A 5 -24.17 14.48 -6.26
N THR A 6 -23.61 13.82 -7.26
CA THR A 6 -23.29 12.41 -7.13
C THR A 6 -22.06 12.21 -6.25
N TYR A 7 -21.85 10.96 -5.85
CA TYR A 7 -20.79 10.57 -4.92
C TYR A 7 -19.76 9.75 -5.68
N HIS A 8 -18.49 10.18 -5.65
CA HIS A 8 -17.45 9.63 -6.49
C HIS A 8 -16.35 9.01 -5.64
N VAL A 9 -15.88 7.83 -6.04
CA VAL A 9 -14.90 7.05 -5.28
C VAL A 9 -13.81 6.58 -6.24
N LEU A 10 -12.57 6.94 -5.96
CA LEU A 10 -11.42 6.62 -6.81
C LEU A 10 -10.49 5.70 -6.05
N VAL A 11 -10.21 4.52 -6.62
CA VAL A 11 -9.50 3.44 -5.94
C VAL A 11 -8.29 3.01 -6.77
N GLN A 12 -7.25 2.54 -6.07
CA GLN A 12 -5.98 2.17 -6.71
C GLN A 12 -5.54 0.78 -6.26
N PHE A 13 -5.01 0.00 -7.20
CA PHE A 13 -4.48 -1.34 -6.94
C PHE A 13 -3.16 -1.51 -7.67
N ASP A 14 -2.27 -2.33 -7.09
CA ASP A 14 -1.07 -2.83 -7.75
C ASP A 14 -1.10 -4.35 -7.77
N VAL A 15 -0.69 -4.95 -8.87
CA VAL A 15 -0.66 -6.41 -8.99
C VAL A 15 0.68 -6.83 -9.58
N PRO A 16 1.11 -8.07 -9.32
CA PRO A 16 2.36 -8.55 -9.92
C PRO A 16 2.26 -8.62 -11.44
N SER A 17 3.43 -8.60 -12.08
CA SER A 17 3.50 -8.47 -13.53
C SER A 17 2.77 -9.60 -14.27
N ASP A 18 2.61 -10.76 -13.64
CA ASP A 18 1.94 -11.89 -14.29
C ASP A 18 0.45 -11.96 -13.97
N LYS A 19 -0.10 -10.98 -13.26
CA LYS A 19 -1.51 -10.96 -12.91
C LYS A 19 -2.26 -9.79 -13.54
N ARG A 20 -1.67 -9.15 -14.55
CA ARG A 20 -2.31 -7.98 -15.16
C ARG A 20 -3.64 -8.35 -15.79
N GLU A 21 -3.68 -9.47 -16.53
CA GLU A 21 -4.93 -9.87 -17.17
C GLU A 21 -5.94 -10.40 -16.17
N ALA A 22 -5.47 -11.11 -15.15
CA ALA A 22 -6.38 -11.64 -14.14
C ALA A 22 -7.10 -10.52 -13.39
N PHE A 23 -6.37 -9.46 -13.03
CA PHE A 23 -7.02 -8.36 -12.30
C PHE A 23 -7.98 -7.60 -13.20
N ALA A 24 -7.62 -7.40 -14.47
CA ALA A 24 -8.51 -6.71 -15.38
C ALA A 24 -9.83 -7.44 -15.52
N ALA A 25 -9.78 -8.78 -15.63
CA ALA A 25 -11.01 -9.57 -15.71
C ALA A 25 -11.81 -9.47 -14.41
N ALA A 26 -11.11 -9.41 -13.26
CA ALA A 26 -11.80 -9.29 -11.98
C ALA A 26 -12.46 -7.91 -11.85
N GLY A 27 -11.73 -6.86 -12.21
CA GLY A 27 -12.30 -5.52 -12.15
C GLY A 27 -13.48 -5.35 -13.10
N LEU A 28 -13.41 -5.99 -14.26
CA LEU A 28 -14.52 -5.93 -15.21
C LEU A 28 -15.74 -6.67 -14.66
N PHE A 29 -15.51 -7.77 -13.95
CA PHE A 29 -16.62 -8.48 -13.30
C PHE A 29 -17.26 -7.61 -12.24
N ASP A 30 -16.42 -6.97 -11.41
CA ASP A 30 -16.94 -6.06 -10.39
C ASP A 30 -17.73 -4.92 -11.03
N ALA A 31 -17.18 -4.31 -12.08
CA ALA A 31 -17.85 -3.19 -12.73
C ALA A 31 -19.18 -3.62 -13.35
N ASN A 32 -19.17 -4.70 -14.13
CA ASN A 32 -20.37 -5.11 -14.83
C ASN A 32 -21.41 -5.66 -13.86
N GLY A 33 -21.00 -6.47 -12.90
CA GLY A 33 -21.95 -7.01 -11.93
C GLY A 33 -22.58 -5.93 -11.09
N SER A 34 -21.81 -4.90 -10.71
CA SER A 34 -22.35 -3.83 -9.88
C SER A 34 -23.28 -2.94 -10.67
N LEU A 35 -22.90 -2.59 -11.90
CA LEU A 35 -23.72 -1.69 -12.71
C LEU A 35 -25.06 -2.33 -13.06
N GLN A 36 -25.06 -3.63 -13.39
CA GLN A 36 -26.29 -4.27 -13.81
C GLN A 36 -27.25 -4.50 -12.65
N ASN A 37 -26.74 -4.72 -11.44
CA ASN A 37 -27.55 -5.21 -10.34
C ASN A 37 -27.75 -4.23 -9.20
N GLU A 38 -27.01 -3.12 -9.15
CA GLU A 38 -27.15 -2.18 -8.05
C GLU A 38 -27.71 -0.86 -8.58
N PRO A 39 -28.99 -0.56 -8.34
CA PRO A 39 -29.57 0.66 -8.90
C PRO A 39 -28.85 1.93 -8.48
N GLY A 40 -28.27 1.95 -7.28
CA GLY A 40 -27.53 3.12 -6.83
C GLY A 40 -26.14 3.26 -7.41
N THR A 41 -25.63 2.22 -8.08
CA THR A 41 -24.32 2.28 -8.72
C THR A 41 -24.50 2.80 -10.13
N LEU A 42 -24.03 4.03 -10.38
CA LEU A 42 -24.30 4.72 -11.64
C LEU A 42 -23.19 4.59 -12.66
N ARG A 43 -21.94 4.45 -12.22
CA ARG A 43 -20.80 4.38 -13.13
C ARG A 43 -19.68 3.62 -12.45
N PHE A 44 -18.95 2.82 -13.23
CA PHE A 44 -17.88 1.99 -12.67
C PHE A 44 -16.90 1.70 -13.80
N GLU A 45 -15.69 2.26 -13.71
CA GLU A 45 -14.71 2.16 -14.77
C GLU A 45 -13.38 1.61 -14.25
N VAL A 46 -12.82 0.67 -15.00
CA VAL A 46 -11.50 0.11 -14.77
C VAL A 46 -10.52 0.82 -15.69
N ILE A 47 -9.42 1.33 -15.12
CA ILE A 47 -8.45 2.15 -15.86
C ILE A 47 -7.06 1.60 -15.59
N ARG A 48 -6.30 1.36 -16.66
CA ARG A 48 -4.90 0.97 -16.54
C ARG A 48 -4.02 2.20 -16.68
N ASP A 49 -3.03 2.32 -15.80
CA ASP A 49 -2.10 3.45 -15.85
C ASP A 49 -1.37 3.46 -17.19
N GLU A 50 -1.11 4.66 -17.71
CA GLU A 50 -0.54 4.77 -19.05
C GLU A 50 0.91 4.32 -19.10
N ASN A 51 1.62 4.38 -17.98
CA ASN A 51 3.03 4.00 -17.93
C ASN A 51 3.31 2.77 -17.09
N ASN A 52 2.68 2.66 -15.91
CA ASN A 52 2.93 1.57 -14.97
C ASN A 52 1.96 0.44 -15.28
N ARG A 53 2.47 -0.61 -15.94
CA ARG A 53 1.63 -1.72 -16.36
C ARG A 53 1.09 -2.55 -15.19
N ASN A 54 1.62 -2.36 -13.98
CA ASN A 54 1.17 -3.11 -12.82
C ASN A 54 0.13 -2.36 -12.00
N ARG A 55 -0.21 -1.12 -12.36
CA ARG A 55 -1.09 -0.28 -11.56
C ARG A 55 -2.41 -0.05 -12.28
N PHE A 56 -3.51 -0.20 -11.55
CA PHE A 56 -4.85 -0.02 -12.08
C PHE A 56 -5.65 0.89 -11.15
N TYR A 57 -6.72 1.48 -11.69
CA TYR A 57 -7.62 2.33 -10.92
C TYR A 57 -9.07 1.97 -11.20
N LEU A 58 -9.93 2.22 -10.21
CA LEU A 58 -11.37 2.08 -10.34
C LEU A 58 -12.01 3.44 -10.11
N ASP A 59 -12.83 3.89 -11.07
CA ASP A 59 -13.53 5.16 -11.00
C ASP A 59 -15.01 4.86 -10.82
N GLU A 60 -15.52 5.06 -9.60
CA GLU A 60 -16.85 4.65 -9.21
C GLU A 60 -17.71 5.87 -8.87
N VAL A 61 -18.96 5.86 -9.36
CA VAL A 61 -19.91 6.93 -9.10
C VAL A 61 -21.19 6.31 -8.54
N TYR A 62 -21.75 6.95 -7.51
CA TYR A 62 -22.92 6.43 -6.84
C TYR A 62 -23.97 7.51 -6.63
N GLU A 63 -25.19 7.05 -6.37
CA GLU A 63 -26.31 7.93 -6.06
C GLU A 63 -25.97 8.87 -4.92
N ASP A 64 -25.39 8.33 -3.86
CA ASP A 64 -25.01 9.07 -2.66
C ASP A 64 -24.05 8.17 -1.88
N GLU A 65 -23.69 8.59 -0.66
CA GLU A 65 -22.80 7.77 0.14
C GLU A 65 -23.46 6.48 0.59
N ALA A 66 -24.78 6.51 0.84
CA ALA A 66 -25.48 5.29 1.24
C ALA A 66 -25.41 4.23 0.16
N ALA A 67 -25.48 4.64 -1.11
CA ALA A 67 -25.39 3.68 -2.22
C ALA A 67 -23.99 3.07 -2.31
N PHE A 68 -22.95 3.84 -2.00
CA PHE A 68 -21.60 3.28 -1.97
C PHE A 68 -21.45 2.29 -0.83
N LEU A 69 -21.99 2.62 0.35
CA LEU A 69 -21.90 1.71 1.49
C LEU A 69 -22.65 0.42 1.22
N GLN A 70 -23.79 0.50 0.53
CA GLN A 70 -24.52 -0.70 0.17
C GLN A 70 -23.72 -1.56 -0.81
N HIS A 71 -23.08 -0.93 -1.80
CA HIS A 71 -22.20 -1.66 -2.71
C HIS A 71 -21.13 -2.42 -1.94
N CYS A 72 -20.58 -1.80 -0.90
CA CYS A 72 -19.53 -2.45 -0.09
C CYS A 72 -20.05 -3.66 0.66
N ARG A 73 -21.37 -3.77 0.85
CA ARG A 73 -21.97 -4.87 1.59
C ARG A 73 -22.57 -5.93 0.68
N ASN A 74 -22.45 -5.79 -0.64
CA ASN A 74 -23.14 -6.66 -1.58
C ASN A 74 -22.22 -7.81 -2.03
N GLU A 75 -22.79 -8.71 -2.82
CA GLU A 75 -22.10 -9.94 -3.19
C GLU A 75 -21.07 -9.74 -4.28
N THR A 76 -21.28 -8.77 -5.18
CA THR A 76 -20.36 -8.59 -6.30
C THR A 76 -18.96 -8.24 -5.81
N ILE A 77 -18.85 -7.27 -4.90
CA ILE A 77 -17.54 -6.88 -4.40
C ILE A 77 -16.92 -8.01 -3.59
N ALA A 78 -17.74 -8.83 -2.92
CA ALA A 78 -17.20 -9.93 -2.13
C ALA A 78 -16.54 -10.98 -3.04
N ARG A 79 -17.17 -11.28 -4.17
CA ARG A 79 -16.55 -12.20 -5.12
C ARG A 79 -15.32 -11.58 -5.77
N PHE A 80 -15.36 -10.26 -6.01
CA PHE A 80 -14.22 -9.55 -6.55
C PHE A 80 -12.98 -9.75 -5.67
N TYR A 81 -13.14 -9.61 -4.35
CA TYR A 81 -12.01 -9.76 -3.45
C TYR A 81 -11.55 -11.20 -3.34
N GLU A 82 -12.48 -12.16 -3.44
CA GLU A 82 -12.08 -13.56 -3.50
C GLU A 82 -11.20 -13.82 -4.72
N LEU A 83 -11.48 -13.15 -5.84
CA LEU A 83 -10.73 -13.41 -7.06
C LEU A 83 -9.30 -12.89 -6.97
N ILE A 84 -9.09 -11.76 -6.28
CA ILE A 84 -7.79 -11.08 -6.30
C ILE A 84 -7.01 -11.23 -5.01
N ASP A 85 -7.60 -11.83 -3.96
CA ASP A 85 -6.95 -11.81 -2.64
C ASP A 85 -5.58 -12.45 -2.65
N SER A 86 -5.35 -13.43 -3.51
CA SER A 86 -4.09 -14.16 -3.46
C SER A 86 -2.92 -13.39 -4.07
N TYR A 87 -3.12 -12.18 -4.57
CA TYR A 87 -2.04 -11.49 -5.25
C TYR A 87 -2.10 -9.96 -5.21
N ALA A 88 -3.26 -9.35 -5.05
CA ALA A 88 -3.36 -7.91 -5.28
C ALA A 88 -2.89 -7.07 -4.09
N PHE A 89 -2.32 -5.90 -4.39
CA PHE A 89 -1.98 -4.91 -3.37
C PHE A 89 -3.04 -3.83 -3.42
N GLY A 90 -3.72 -3.62 -2.30
CA GLY A 90 -4.78 -2.64 -2.21
C GLY A 90 -6.00 -3.21 -1.51
N PRO A 91 -7.12 -2.46 -1.50
CA PRO A 91 -7.31 -1.16 -2.16
C PRO A 91 -6.67 0.02 -1.44
N LEU A 92 -6.26 1.03 -2.20
CA LEU A 92 -5.88 2.33 -1.67
C LEU A 92 -6.88 3.34 -2.21
N PHE A 93 -7.68 3.92 -1.31
CA PHE A 93 -8.70 4.88 -1.71
C PHE A 93 -8.05 6.24 -1.92
N LEU A 94 -7.98 6.67 -3.18
CA LEU A 94 -7.39 7.97 -3.47
C LEU A 94 -8.23 9.10 -2.89
N PHE A 95 -9.53 9.11 -3.18
CA PHE A 95 -10.42 10.08 -2.56
C PHE A 95 -11.86 9.62 -2.71
N LYS A 96 -12.72 10.26 -1.94
CA LYS A 96 -14.16 10.20 -2.11
C LYS A 96 -14.69 11.62 -2.03
N GLY A 97 -15.69 11.94 -2.84
CA GLY A 97 -16.17 13.31 -2.87
C GLY A 97 -17.49 13.46 -3.58
N TYR A 98 -17.93 14.71 -3.70
CA TYR A 98 -19.23 15.07 -4.23
C TYR A 98 -19.05 15.92 -5.48
N ARG A 99 -19.85 15.64 -6.50
CA ARG A 99 -19.75 16.36 -7.76
C ARG A 99 -20.28 17.78 -7.61
N VAL A 100 -19.53 18.74 -8.13
CA VAL A 100 -19.92 20.15 -8.11
C VAL A 100 -20.78 20.43 -9.35
N GLU A 101 -22.00 20.87 -9.13
CA GLU A 101 -22.87 21.28 -10.24
C GLU A 101 -23.20 22.77 -10.15
N MET B 5 -11.11 2.47 -24.68
CA MET B 5 -10.61 3.29 -25.77
C MET B 5 -10.43 4.74 -25.32
N THR B 6 -11.12 5.12 -24.25
CA THR B 6 -11.06 6.50 -23.78
C THR B 6 -9.83 6.73 -22.93
N TYR B 7 -9.38 7.98 -22.90
CA TYR B 7 -8.19 8.41 -22.18
C TYR B 7 -8.62 9.24 -20.98
N HIS B 8 -8.15 8.87 -19.79
CA HIS B 8 -8.65 9.40 -18.54
C HIS B 8 -7.54 10.16 -17.81
N VAL B 9 -7.87 11.35 -17.33
CA VAL B 9 -6.91 12.22 -16.65
C VAL B 9 -7.54 12.74 -15.36
N LEU B 10 -6.86 12.50 -14.24
CA LEU B 10 -7.35 12.88 -12.92
C LEU B 10 -6.41 13.94 -12.33
N VAL B 11 -6.97 15.09 -11.97
CA VAL B 11 -6.19 16.26 -11.56
C VAL B 11 -6.65 16.72 -10.19
N GLN B 12 -5.70 17.25 -9.41
CA GLN B 12 -5.95 17.69 -8.03
C GLN B 12 -5.48 19.12 -7.82
N PHE B 13 -6.31 19.91 -7.13
CA PHE B 13 -5.98 21.28 -6.76
C PHE B 13 -6.28 21.53 -5.28
N ASP B 14 -5.56 22.48 -4.70
CA ASP B 14 -5.89 23.03 -3.39
C ASP B 14 -6.02 24.55 -3.50
N VAL B 15 -6.94 25.11 -2.73
CA VAL B 15 -7.17 26.55 -2.73
C VAL B 15 -7.36 27.04 -1.33
N PRO B 16 -7.08 28.33 -1.05
CA PRO B 16 -7.37 28.91 0.25
C PRO B 16 -8.87 28.85 0.55
N SER B 17 -9.19 28.91 1.84
CA SER B 17 -10.58 28.71 2.28
C SER B 17 -11.50 29.79 1.73
N ASP B 18 -10.99 31.00 1.52
CA ASP B 18 -11.79 32.09 0.99
C ASP B 18 -11.84 32.09 -0.53
N LYS B 19 -11.35 31.04 -1.18
CA LYS B 19 -11.37 30.92 -2.64
C LYS B 19 -12.15 29.71 -3.11
N ARG B 20 -12.91 29.06 -2.22
CA ARG B 20 -13.62 27.84 -2.61
C ARG B 20 -14.66 28.10 -3.68
N GLU B 21 -15.47 29.15 -3.49
CA GLU B 21 -16.48 29.48 -4.48
C GLU B 21 -15.84 29.94 -5.79
N ALA B 22 -14.74 30.68 -5.70
CA ALA B 22 -14.08 31.16 -6.92
C ALA B 22 -13.53 30.01 -7.74
N PHE B 23 -12.96 29.00 -7.10
CA PHE B 23 -12.41 27.88 -7.85
C PHE B 23 -13.51 27.01 -8.45
N ALA B 24 -14.61 26.81 -7.71
CA ALA B 24 -15.72 26.03 -8.25
C ALA B 24 -16.25 26.65 -9.53
N ALA B 25 -16.38 27.98 -9.57
CA ALA B 25 -16.84 28.65 -10.78
C ALA B 25 -15.82 28.54 -11.91
N ALA B 26 -14.52 28.63 -11.57
CA ALA B 26 -13.49 28.48 -12.59
C ALA B 26 -13.46 27.06 -13.13
N GLY B 27 -13.56 26.07 -12.25
CA GLY B 27 -13.60 24.68 -12.72
C GLY B 27 -14.81 24.39 -13.57
N LEU B 28 -15.97 24.93 -13.18
CA LEU B 28 -17.17 24.74 -13.99
C LEU B 28 -17.04 25.41 -15.35
N PHE B 29 -16.40 26.58 -15.40
CA PHE B 29 -16.13 27.22 -16.69
C PHE B 29 -15.25 26.33 -17.56
N ASP B 30 -14.18 25.80 -16.97
CA ASP B 30 -13.30 24.90 -17.71
C ASP B 30 -14.07 23.70 -18.25
N ALA B 31 -14.94 23.11 -17.42
CA ALA B 31 -15.66 21.91 -17.82
C ALA B 31 -16.66 22.21 -18.94
N ASN B 32 -17.51 23.22 -18.75
CA ASN B 32 -18.56 23.51 -19.72
C ASN B 32 -17.96 23.99 -21.04
N GLY B 33 -16.97 24.89 -20.98
CA GLY B 33 -16.36 25.38 -22.20
C GLY B 33 -15.64 24.29 -22.97
N SER B 34 -14.98 23.38 -22.25
CA SER B 34 -14.27 22.28 -22.89
C SER B 34 -15.26 21.30 -23.52
N LEU B 35 -16.30 20.92 -22.77
CA LEU B 35 -17.26 19.95 -23.28
C LEU B 35 -18.03 20.49 -24.48
N GLN B 36 -18.33 21.80 -24.48
CA GLN B 36 -19.15 22.34 -25.56
C GLN B 36 -18.35 22.55 -26.83
N ASN B 37 -17.09 22.93 -26.73
CA ASN B 37 -16.31 23.35 -27.90
C ASN B 37 -15.20 22.39 -28.31
N GLU B 38 -14.97 21.32 -27.57
CA GLU B 38 -13.93 20.36 -27.93
C GLU B 38 -14.55 18.99 -28.18
N PRO B 39 -14.69 18.59 -29.44
CA PRO B 39 -15.34 17.30 -29.74
C PRO B 39 -14.62 16.11 -29.14
N GLY B 40 -13.30 16.18 -28.99
CA GLY B 40 -12.56 15.10 -28.35
C GLY B 40 -12.72 15.02 -26.85
N THR B 41 -13.27 16.06 -26.22
CA THR B 41 -13.49 16.07 -24.78
C THR B 41 -14.87 15.49 -24.49
N LEU B 42 -14.90 14.31 -23.87
CA LEU B 42 -16.14 13.57 -23.69
C LEU B 42 -16.77 13.74 -22.31
N ARG B 43 -15.97 13.89 -21.27
CA ARG B 43 -16.48 14.05 -19.91
CA ARG B 43 -16.49 14.08 -19.92
C ARG B 43 -15.49 14.91 -19.12
N PHE B 44 -16.03 15.77 -18.26
CA PHE B 44 -15.20 16.71 -17.50
C PHE B 44 -15.96 17.05 -16.22
N GLU B 45 -15.51 16.50 -15.09
CA GLU B 45 -16.22 16.64 -13.84
C GLU B 45 -15.38 17.37 -12.80
N VAL B 46 -16.03 18.29 -12.08
CA VAL B 46 -15.44 18.99 -10.94
C VAL B 46 -15.99 18.34 -9.68
N ILE B 47 -15.08 17.85 -8.83
CA ILE B 47 -15.44 17.09 -7.64
C ILE B 47 -14.73 17.70 -6.44
N ARG B 48 -15.46 17.89 -5.35
CA ARG B 48 -14.85 18.35 -4.10
C ARG B 48 -14.69 17.18 -3.14
N ASP B 49 -13.57 17.17 -2.43
CA ASP B 49 -13.30 16.14 -1.42
C ASP B 49 -14.36 16.17 -0.33
N GLU B 50 -14.75 14.99 0.16
CA GLU B 50 -15.84 14.89 1.11
C GLU B 50 -15.48 15.48 2.48
N ASN B 51 -14.19 15.50 2.82
CA ASN B 51 -13.73 16.01 4.11
C ASN B 51 -12.93 17.30 4.00
N ASN B 52 -12.11 17.44 2.96
CA ASN B 52 -11.18 18.54 2.82
C ASN B 52 -11.83 19.60 1.93
N ARG B 53 -12.42 20.63 2.57
CA ARG B 53 -13.15 21.65 1.84
C ARG B 53 -12.25 22.47 0.92
N ASN B 54 -10.94 22.41 1.10
CA ASN B 54 -10.01 23.17 0.27
C ASN B 54 -9.50 22.37 -0.93
N ARG B 55 -9.84 21.10 -1.04
CA ARG B 55 -9.29 20.22 -2.08
C ARG B 55 -10.35 19.89 -3.11
N PHE B 56 -10.01 20.07 -4.39
CA PHE B 56 -10.89 19.78 -5.51
C PHE B 56 -10.19 18.85 -6.49
N TYR B 57 -10.98 18.09 -7.24
CA TYR B 57 -10.46 17.21 -8.27
C TYR B 57 -11.18 17.46 -9.59
N LEU B 58 -10.47 17.26 -10.69
CA LEU B 58 -11.03 17.30 -12.03
C LEU B 58 -10.92 15.90 -12.64
N ASP B 59 -12.06 15.35 -13.05
CA ASP B 59 -12.12 14.02 -13.67
C ASP B 59 -12.44 14.24 -15.15
N GLU B 60 -11.43 14.07 -16.00
CA GLU B 60 -11.53 14.39 -17.42
C GLU B 60 -11.39 13.12 -18.25
N VAL B 61 -12.19 13.02 -19.31
CA VAL B 61 -12.19 11.88 -20.22
C VAL B 61 -12.11 12.39 -21.65
N TYR B 62 -11.24 11.77 -22.45
CA TYR B 62 -11.00 12.20 -23.83
C TYR B 62 -11.07 10.99 -24.75
N GLU B 63 -11.32 11.28 -26.04
CA GLU B 63 -11.41 10.20 -27.03
C GLU B 63 -10.10 9.45 -27.16
N ASP B 64 -8.98 10.13 -27.00
CA ASP B 64 -7.65 9.52 -27.03
C ASP B 64 -6.67 10.53 -26.44
N GLU B 65 -5.39 10.16 -26.43
CA GLU B 65 -4.37 11.03 -25.84
C GLU B 65 -4.18 12.30 -26.67
N ALA B 66 -4.34 12.22 -27.98
CA ALA B 66 -4.16 13.40 -28.81
C ALA B 66 -5.21 14.47 -28.49
N ALA B 67 -6.43 14.04 -28.16
CA ALA B 67 -7.48 14.99 -27.79
C ALA B 67 -7.14 15.70 -26.48
N PHE B 68 -6.48 15.01 -25.55
CA PHE B 68 -6.05 15.68 -24.32
C PHE B 68 -4.93 16.68 -24.60
N LEU B 69 -3.99 16.31 -25.47
CA LEU B 69 -2.91 17.22 -25.81
C LEU B 69 -3.44 18.48 -26.50
N GLN B 70 -4.46 18.33 -27.33
CA GLN B 70 -5.08 19.50 -27.95
C GLN B 70 -5.81 20.35 -26.92
N HIS B 71 -6.51 19.70 -25.98
CA HIS B 71 -7.16 20.42 -24.89
C HIS B 71 -6.16 21.30 -24.14
N CYS B 72 -4.96 20.78 -23.89
CA CYS B 72 -3.94 21.55 -23.19
C CYS B 72 -3.47 22.75 -23.98
N ARG B 73 -3.75 22.80 -25.29
CA ARG B 73 -3.30 23.89 -26.15
C ARG B 73 -4.40 24.89 -26.48
N ASN B 74 -5.64 24.65 -26.07
CA ASN B 74 -6.76 25.44 -26.50
C ASN B 74 -6.99 26.64 -25.56
N GLU B 75 -8.03 27.42 -25.86
CA GLU B 75 -8.23 28.68 -25.16
C GLU B 75 -8.98 28.52 -23.84
N THR B 76 -9.80 27.48 -23.71
CA THR B 76 -10.57 27.30 -22.47
C THR B 76 -9.65 27.09 -21.28
N ILE B 77 -8.66 26.19 -21.42
CA ILE B 77 -7.74 25.91 -20.32
C ILE B 77 -6.87 27.12 -20.03
N ALA B 78 -6.52 27.91 -21.05
CA ALA B 78 -5.72 29.11 -20.82
C ALA B 78 -6.49 30.12 -19.99
N ARG B 79 -7.78 30.31 -20.30
CA ARG B 79 -8.62 31.19 -19.48
C ARG B 79 -8.84 30.61 -18.09
N PHE B 80 -8.92 29.29 -17.97
CA PHE B 80 -9.05 28.66 -16.67
C PHE B 80 -7.87 29.04 -15.77
N TYR B 81 -6.65 28.94 -16.29
CA TYR B 81 -5.47 29.24 -15.48
C TYR B 81 -5.37 30.74 -15.20
N GLU B 82 -5.87 31.58 -16.11
CA GLU B 82 -5.91 33.01 -15.82
C GLU B 82 -6.81 33.31 -14.63
N LEU B 83 -7.88 32.52 -14.45
CA LEU B 83 -8.81 32.78 -13.36
C LEU B 83 -8.22 32.36 -12.00
N ILE B 84 -7.42 31.29 -11.98
CA ILE B 84 -6.99 30.69 -10.72
C ILE B 84 -5.54 30.98 -10.37
N ASP B 85 -4.76 31.58 -11.28
CA ASP B 85 -3.31 31.65 -11.09
C ASP B 85 -2.91 32.40 -9.83
N SER B 86 -3.75 33.29 -9.33
CA SER B 86 -3.37 34.13 -8.20
C SER B 86 -3.54 33.47 -6.83
N TYR B 87 -4.08 32.25 -6.77
CA TYR B 87 -4.30 31.64 -5.45
C TYR B 87 -4.16 30.12 -5.40
N ALA B 88 -4.34 29.44 -6.53
CA ALA B 88 -4.50 27.99 -6.50
C ALA B 88 -3.17 27.26 -6.37
N PHE B 89 -3.21 26.10 -5.71
CA PHE B 89 -2.08 25.17 -5.66
C PHE B 89 -2.38 24.01 -6.61
N GLY B 90 -1.47 23.75 -7.54
CA GLY B 90 -1.68 22.71 -8.52
C GLY B 90 -1.32 23.18 -9.92
N PRO B 91 -1.59 22.35 -10.93
CA PRO B 91 -2.23 21.03 -10.83
C PRO B 91 -1.28 19.92 -10.41
N LEU B 92 -1.80 18.96 -9.64
CA LEU B 92 -1.12 17.70 -9.39
C LEU B 92 -1.88 16.61 -10.12
N PHE B 93 -1.22 16.00 -11.11
CA PHE B 93 -1.84 14.95 -11.91
C PHE B 93 -1.81 13.64 -11.12
N LEU B 94 -2.97 13.20 -10.64
CA LEU B 94 -3.05 11.94 -9.91
C LEU B 94 -2.67 10.77 -10.81
N PHE B 95 -3.30 10.67 -11.98
CA PHE B 95 -2.88 9.68 -12.96
C PHE B 95 -3.43 10.06 -14.33
N LYS B 96 -2.84 9.42 -15.35
CA LYS B 96 -3.37 9.38 -16.71
C LYS B 96 -3.35 7.92 -17.14
N GLY B 97 -4.39 7.49 -17.84
CA GLY B 97 -4.46 6.08 -18.17
C GLY B 97 -5.55 5.79 -19.18
N TYR B 98 -5.68 4.50 -19.50
CA TYR B 98 -6.60 4.03 -20.52
C TYR B 98 -7.65 3.12 -19.90
N ARG B 99 -8.88 3.26 -20.39
CA ARG B 99 -10.00 2.48 -19.87
C ARG B 99 -9.95 1.06 -20.40
N VAL B 100 -10.28 0.10 -19.54
CA VAL B 100 -10.36 -1.31 -19.89
C VAL B 100 -11.82 -1.66 -20.11
N GLU B 101 -12.21 -1.91 -21.36
CA GLU B 101 -13.62 -2.09 -21.66
C GLU B 101 -14.04 -3.55 -21.82
N GLY C 4 31.64 8.18 -7.53
CA GLY C 4 31.61 7.17 -6.49
C GLY C 4 30.24 7.01 -5.85
N MET C 5 30.23 6.38 -4.67
CA MET C 5 29.00 6.20 -3.89
C MET C 5 28.67 7.52 -3.21
N THR C 6 27.98 8.40 -3.92
CA THR C 6 27.60 9.68 -3.37
C THR C 6 26.29 9.58 -2.61
N TYR C 7 26.01 10.59 -1.79
CA TYR C 7 24.82 10.65 -0.96
C TYR C 7 23.87 11.68 -1.55
N HIS C 8 22.64 11.25 -1.84
CA HIS C 8 21.69 12.05 -2.59
C HIS C 8 20.46 12.37 -1.74
N VAL C 9 20.01 13.61 -1.81
CA VAL C 9 18.89 14.10 -0.99
C VAL C 9 17.98 14.92 -1.89
N LEU C 10 16.70 14.55 -1.94
CA LEU C 10 15.71 15.22 -2.77
C LEU C 10 14.62 15.81 -1.88
N VAL C 11 14.40 17.12 -1.99
CA VAL C 11 13.51 17.87 -1.12
C VAL C 11 12.43 18.55 -1.94
N GLN C 12 11.24 18.68 -1.37
CA GLN C 12 10.07 19.24 -2.04
C GLN C 12 9.46 20.35 -1.19
N PHE C 13 9.05 21.44 -1.85
CA PHE C 13 8.40 22.57 -1.21
C PHE C 13 7.20 23.02 -2.03
N ASP C 14 6.22 23.60 -1.34
CA ASP C 14 5.10 24.29 -1.98
C ASP C 14 5.02 25.71 -1.43
N VAL C 15 4.71 26.67 -2.30
CA VAL C 15 4.67 28.08 -1.93
C VAL C 15 3.38 28.71 -2.45
N PRO C 16 2.87 29.77 -1.82
CA PRO C 16 1.72 30.48 -2.39
C PRO C 16 2.08 31.10 -3.74
N SER C 17 1.03 31.40 -4.51
CA SER C 17 1.23 31.85 -5.89
C SER C 17 2.06 33.12 -5.97
N ASP C 18 1.91 34.02 -4.99
CA ASP C 18 2.62 35.29 -5.01
C ASP C 18 4.04 35.20 -4.50
N LYS C 19 4.54 33.99 -4.18
CA LYS C 19 5.87 33.82 -3.63
C LYS C 19 6.76 32.96 -4.52
N ARG C 20 6.43 32.82 -5.81
CA ARG C 20 7.17 31.88 -6.65
C ARG C 20 8.61 32.32 -6.88
N GLU C 21 8.82 33.51 -7.43
CA GLU C 21 10.21 33.93 -7.66
C GLU C 21 10.90 34.34 -6.38
N ALA C 22 10.14 34.64 -5.32
CA ALA C 22 10.75 34.84 -4.02
C ALA C 22 11.39 33.55 -3.52
N PHE C 23 10.71 32.42 -3.69
CA PHE C 23 11.31 31.14 -3.32
C PHE C 23 12.45 30.76 -4.27
N ALA C 24 12.26 30.99 -5.57
CA ALA C 24 13.31 30.70 -6.53
C ALA C 24 14.59 31.46 -6.18
N ALA C 25 14.46 32.73 -5.78
CA ALA C 25 15.62 33.50 -5.36
C ALA C 25 16.25 32.91 -4.10
N ALA C 26 15.42 32.50 -3.13
CA ALA C 26 15.95 31.92 -1.90
C ALA C 26 16.68 30.62 -2.16
N GLY C 27 16.15 29.78 -3.05
CA GLY C 27 16.83 28.53 -3.37
C GLY C 27 18.16 28.75 -4.06
N LEU C 28 18.25 29.78 -4.91
CA LEU C 28 19.51 30.04 -5.61
C LEU C 28 20.57 30.56 -4.66
N PHE C 29 20.17 31.38 -3.68
CA PHE C 29 21.13 31.82 -2.66
C PHE C 29 21.61 30.64 -1.83
N ASP C 30 20.70 29.73 -1.49
CA ASP C 30 21.10 28.52 -0.77
C ASP C 30 22.08 27.70 -1.61
N ALA C 31 21.82 27.54 -2.90
CA ALA C 31 22.67 26.73 -3.76
C ALA C 31 24.05 27.32 -3.91
N ASN C 32 24.12 28.63 -4.22
CA ASN C 32 25.43 29.25 -4.44
C ASN C 32 26.22 29.38 -3.15
N GLY C 33 25.56 29.76 -2.06
CA GLY C 33 26.25 29.86 -0.79
C GLY C 33 26.78 28.52 -0.31
N SER C 34 26.01 27.45 -0.51
CA SER C 34 26.45 26.12 -0.13
C SER C 34 27.66 25.69 -0.94
N LEU C 35 27.59 25.86 -2.27
CA LEU C 35 28.70 25.46 -3.13
C LEU C 35 29.96 26.27 -2.83
N GLN C 36 29.80 27.56 -2.54
CA GLN C 36 30.96 28.42 -2.34
C GLN C 36 31.57 28.27 -0.95
N ASN C 37 30.87 27.64 0.00
CA ASN C 37 31.35 27.56 1.37
C ASN C 37 31.49 26.15 1.91
N GLU C 38 31.02 25.13 1.21
CA GLU C 38 30.95 23.77 1.76
C GLU C 38 31.63 22.78 0.80
N PRO C 39 32.89 22.44 1.05
CA PRO C 39 33.57 21.48 0.15
C PRO C 39 32.89 20.13 0.05
N GLY C 40 32.16 19.72 1.09
CA GLY C 40 31.47 18.44 1.06
C GLY C 40 30.16 18.43 0.30
N THR C 41 29.65 19.61 -0.08
CA THR C 41 28.43 19.72 -0.85
C THR C 41 28.79 19.67 -2.33
N LEU C 42 28.37 18.61 -3.02
CA LEU C 42 28.83 18.34 -4.38
C LEU C 42 27.88 18.83 -5.46
N ARG C 43 26.60 19.03 -5.14
CA ARG C 43 25.63 19.50 -6.11
C ARG C 43 24.43 20.04 -5.36
N PHE C 44 23.77 21.05 -5.95
CA PHE C 44 22.63 21.68 -5.30
C PHE C 44 21.83 22.41 -6.40
N GLU C 45 20.79 21.77 -6.90
CA GLU C 45 20.01 22.30 -8.01
C GLU C 45 18.60 22.66 -7.54
N VAL C 46 18.10 23.79 -8.02
CA VAL C 46 16.74 24.25 -7.77
C VAL C 46 15.91 23.96 -9.02
N ILE C 47 14.80 23.25 -8.84
CA ILE C 47 13.98 22.79 -9.95
C ILE C 47 12.53 23.17 -9.68
N ARG C 48 11.85 23.69 -10.70
CA ARG C 48 10.43 24.01 -10.61
C ARG C 48 9.63 22.99 -11.41
N ASP C 49 8.50 22.57 -10.83
CA ASP C 49 7.65 21.58 -11.49
C ASP C 49 7.18 22.09 -12.84
N GLU C 50 7.14 21.19 -13.83
CA GLU C 50 6.80 21.61 -15.19
C GLU C 50 5.34 22.03 -15.30
N ASN C 51 4.47 21.49 -14.45
CA ASN C 51 3.05 21.82 -14.49
C ASN C 51 2.56 22.53 -13.23
N ASN C 52 2.97 22.08 -12.05
CA ASN C 52 2.51 22.67 -10.80
C ASN C 52 3.26 23.97 -10.56
N ARG C 53 2.55 25.10 -10.69
CA ARG C 53 3.18 26.41 -10.59
C ARG C 53 3.78 26.68 -9.21
N ASN C 54 3.24 26.05 -8.17
CA ASN C 54 3.60 26.38 -6.80
C ASN C 54 4.59 25.41 -6.17
N ARG C 55 5.06 24.41 -6.90
CA ARG C 55 5.87 23.33 -6.34
C ARG C 55 7.30 23.41 -6.86
N PHE C 56 8.27 23.30 -5.95
CA PHE C 56 9.68 23.29 -6.28
C PHE C 56 10.34 22.06 -5.66
N TYR C 57 11.51 21.71 -6.21
CA TYR C 57 12.31 20.61 -5.70
C TYR C 57 13.76 21.04 -5.59
N LEU C 58 14.46 20.48 -4.61
CA LEU C 58 15.88 20.70 -4.41
C LEU C 58 16.61 19.37 -4.57
N ASP C 59 17.53 19.32 -5.54
CA ASP C 59 18.29 18.12 -5.85
C ASP C 59 19.70 18.30 -5.31
N GLU C 60 20.02 17.61 -4.21
CA GLU C 60 21.26 17.82 -3.48
C GLU C 60 22.09 16.55 -3.49
N VAL C 61 23.41 16.71 -3.64
CA VAL C 61 24.36 15.61 -3.57
C VAL C 61 25.46 15.97 -2.59
N TYR C 62 25.94 14.97 -1.83
CA TYR C 62 26.94 15.19 -0.80
C TYR C 62 28.01 14.11 -0.86
N GLU C 63 29.17 14.46 -0.31
CA GLU C 63 30.29 13.54 -0.22
C GLU C 63 29.89 12.25 0.51
N ASP C 64 29.23 12.41 1.65
CA ASP C 64 28.70 11.29 2.43
C ASP C 64 27.58 11.83 3.30
N GLU C 65 27.04 10.98 4.17
CA GLU C 65 25.99 11.41 5.07
C GLU C 65 26.50 12.46 6.06
N ALA C 66 27.77 12.37 6.45
CA ALA C 66 28.33 13.33 7.39
C ALA C 66 28.36 14.73 6.79
N ALA C 67 28.59 14.84 5.48
CA ALA C 67 28.61 16.16 4.84
C ALA C 67 27.23 16.76 4.75
N PHE C 68 26.19 15.94 4.57
CA PHE C 68 24.83 16.45 4.60
C PHE C 68 24.47 16.98 5.98
N LEU C 69 24.84 16.24 7.03
CA LEU C 69 24.56 16.69 8.39
C LEU C 69 25.28 18.00 8.69
N GLN C 70 26.52 18.14 8.22
CA GLN C 70 27.23 19.41 8.38
C GLN C 70 26.50 20.54 7.68
N HIS C 71 26.04 20.30 6.45
CA HIS C 71 25.25 21.30 5.74
C HIS C 71 24.02 21.72 6.53
N CYS C 72 23.39 20.76 7.23
CA CYS C 72 22.20 21.06 8.01
C CYS C 72 22.51 21.92 9.23
N ARG C 73 23.77 21.97 9.66
CA ARG C 73 24.18 22.77 10.81
C ARG C 73 24.88 24.06 10.42
N ASN C 74 25.13 24.28 9.13
CA ASN C 74 25.86 25.47 8.70
C ASN C 74 24.89 26.65 8.62
N GLU C 75 25.43 27.83 8.33
CA GLU C 75 24.64 29.05 8.41
C GLU C 75 23.96 29.40 7.09
N THR C 76 24.34 28.78 5.97
CA THR C 76 23.64 29.02 4.72
C THR C 76 22.20 28.51 4.79
N ILE C 77 22.02 27.27 5.28
CA ILE C 77 20.67 26.72 5.39
C ILE C 77 19.85 27.52 6.40
N ALA C 78 20.49 28.04 7.46
CA ALA C 78 19.76 28.81 8.46
C ALA C 78 19.21 30.10 7.86
N ARG C 79 20.03 30.80 7.08
CA ARG C 79 19.55 31.99 6.37
CA ARG C 79 19.54 31.98 6.39
C ARG C 79 18.39 31.63 5.43
N PHE C 80 18.52 30.50 4.74
CA PHE C 80 17.49 30.07 3.79
C PHE C 80 16.14 29.92 4.47
N TYR C 81 16.11 29.26 5.63
CA TYR C 81 14.84 29.08 6.33
C TYR C 81 14.33 30.39 6.91
N GLU C 82 15.23 31.31 7.27
CA GLU C 82 14.78 32.63 7.68
C GLU C 82 14.07 33.36 6.55
N LEU C 83 14.39 33.02 5.30
CA LEU C 83 13.75 33.65 4.15
C LEU C 83 12.35 33.10 3.92
N ILE C 84 12.19 31.77 4.00
CA ILE C 84 10.96 31.12 3.55
C ILE C 84 10.01 30.75 4.68
N ASP C 85 10.43 30.89 5.94
CA ASP C 85 9.64 30.34 7.04
C ASP C 85 8.24 30.95 7.12
N SER C 86 8.07 32.19 6.67
CA SER C 86 6.78 32.86 6.80
C SER C 86 5.76 32.45 5.74
N TYR C 87 6.14 31.64 4.76
CA TYR C 87 5.20 31.29 3.70
C TYR C 87 5.31 29.87 3.15
N ALA C 88 6.48 29.23 3.21
CA ALA C 88 6.67 27.98 2.50
C ALA C 88 6.06 26.80 3.25
N PHE C 89 5.66 25.78 2.48
CA PHE C 89 5.19 24.51 3.02
C PHE C 89 6.25 23.45 2.71
N GLY C 90 6.81 22.86 3.76
CA GLY C 90 7.90 21.93 3.62
C GLY C 90 8.91 22.12 4.73
N PRO C 91 10.04 21.42 4.67
CA PRO C 91 10.43 20.51 3.60
C PRO C 91 9.76 19.15 3.67
N LEU C 92 9.51 18.55 2.51
CA LEU C 92 9.16 17.14 2.40
C LEU C 92 10.32 16.42 1.74
N PHE C 93 10.92 15.48 2.46
CA PHE C 93 12.05 14.73 1.91
C PHE C 93 11.50 13.59 1.07
N LEU C 94 11.63 13.73 -0.26
CA LEU C 94 11.20 12.67 -1.16
C LEU C 94 12.01 11.41 -0.92
N PHE C 95 13.34 11.53 -0.87
CA PHE C 95 14.17 10.39 -0.52
C PHE C 95 15.56 10.87 -0.10
N LYS C 96 16.26 9.98 0.59
CA LYS C 96 17.70 10.04 0.76
C LYS C 96 18.27 8.70 0.33
N GLY C 97 19.37 8.72 -0.41
CA GLY C 97 19.87 7.47 -0.96
C GLY C 97 21.31 7.55 -1.39
N TYR C 98 21.81 6.40 -1.83
CA TYR C 98 23.20 6.24 -2.23
C TYR C 98 23.27 5.87 -3.71
N ARG C 99 24.28 6.40 -4.39
CA ARG C 99 24.43 6.18 -5.81
C ARG C 99 24.91 4.76 -6.10
N VAL C 100 24.28 4.13 -7.10
CA VAL C 100 24.71 2.82 -7.59
C VAL C 100 25.75 3.06 -8.68
N GLU C 101 26.93 2.49 -8.51
CA GLU C 101 28.01 2.69 -9.47
C GLU C 101 28.19 1.49 -10.39
N MET D 5 17.70 26.18 -19.53
CA MET D 5 16.59 25.48 -18.90
C MET D 5 16.67 23.98 -19.16
N THR D 6 17.51 23.29 -18.40
CA THR D 6 17.60 21.84 -18.52
C THR D 6 16.29 21.20 -18.05
N TYR D 7 16.07 19.96 -18.50
CA TYR D 7 14.84 19.22 -18.22
C TYR D 7 15.20 18.06 -17.31
N HIS D 8 14.60 18.04 -16.12
CA HIS D 8 14.90 17.04 -15.09
C HIS D 8 13.73 16.06 -14.96
N VAL D 9 14.07 14.78 -14.83
CA VAL D 9 13.08 13.71 -14.70
C VAL D 9 13.53 12.78 -13.58
N LEU D 10 12.69 12.62 -12.56
CA LEU D 10 12.96 11.74 -11.43
C LEU D 10 11.97 10.59 -11.45
N VAL D 11 12.49 9.37 -11.52
CA VAL D 11 11.66 8.17 -11.66
C VAL D 11 11.92 7.23 -10.48
N GLN D 12 10.89 6.50 -10.08
CA GLN D 12 10.96 5.60 -8.93
C GLN D 12 10.46 4.21 -9.33
N PHE D 13 11.17 3.18 -8.88
CA PHE D 13 10.83 1.79 -9.13
C PHE D 13 10.91 0.98 -7.83
N ASP D 14 10.03 -0.01 -7.69
CA ASP D 14 10.13 -1.00 -6.63
C ASP D 14 10.29 -2.38 -7.26
N VAL D 15 11.14 -3.22 -6.66
CA VAL D 15 11.37 -4.56 -7.19
C VAL D 15 11.33 -5.57 -6.04
N PRO D 16 11.02 -6.84 -6.32
CA PRO D 16 11.06 -7.85 -5.25
C PRO D 16 12.46 -8.01 -4.68
N SER D 17 12.51 -8.55 -3.47
CA SER D 17 13.77 -8.62 -2.72
C SER D 17 14.84 -9.43 -3.47
N ASP D 18 14.42 -10.42 -4.26
CA ASP D 18 15.37 -11.26 -4.98
C ASP D 18 15.76 -10.69 -6.34
N LYS D 19 15.33 -9.47 -6.65
CA LYS D 19 15.64 -8.84 -7.93
C LYS D 19 16.37 -7.51 -7.76
N ARG D 20 17.05 -7.32 -6.62
CA ARG D 20 17.76 -6.07 -6.38
C ARG D 20 18.96 -5.93 -7.31
N GLU D 21 19.79 -6.97 -7.40
CA GLU D 21 20.95 -6.91 -8.29
C GLU D 21 20.53 -6.88 -9.75
N ALA D 22 19.44 -7.57 -10.09
CA ALA D 22 18.97 -7.59 -11.47
C ALA D 22 18.56 -6.20 -11.94
N PHE D 23 17.79 -5.49 -11.10
CA PHE D 23 17.35 -4.16 -11.50
C PHE D 23 18.51 -3.17 -11.55
N ALA D 24 19.43 -3.27 -10.58
CA ALA D 24 20.60 -2.38 -10.59
C ALA D 24 21.37 -2.51 -11.90
N ALA D 25 21.56 -3.74 -12.38
CA ALA D 25 22.25 -3.95 -13.65
C ALA D 25 21.46 -3.37 -14.81
N ALA D 26 20.13 -3.55 -14.82
CA ALA D 26 19.31 -2.98 -15.87
C ALA D 26 19.34 -1.45 -15.82
N GLY D 27 19.26 -0.88 -14.61
CA GLY D 27 19.34 0.57 -14.48
C GLY D 27 20.66 1.13 -14.97
N LEU D 28 21.76 0.45 -14.63
CA LEU D 28 23.07 0.89 -15.11
C LEU D 28 23.20 0.73 -16.62
N PHE D 29 22.51 -0.27 -17.19
CA PHE D 29 22.49 -0.41 -18.65
C PHE D 29 21.75 0.76 -19.29
N ASP D 30 20.61 1.13 -18.72
CA ASP D 30 19.87 2.30 -19.21
C ASP D 30 20.73 3.56 -19.10
N ALA D 31 21.43 3.74 -17.98
CA ALA D 31 22.24 4.92 -17.80
C ALA D 31 23.37 5.00 -18.82
N ASN D 32 24.17 3.93 -18.92
CA ASN D 32 25.33 3.97 -19.80
C ASN D 32 24.92 4.02 -21.27
N GLY D 33 23.87 3.31 -21.65
CA GLY D 33 23.41 3.36 -23.02
C GLY D 33 22.88 4.73 -23.41
N SER D 34 22.10 5.35 -22.53
CA SER D 34 21.58 6.69 -22.82
C SER D 34 22.70 7.71 -22.91
N LEU D 35 23.70 7.59 -22.02
CA LEU D 35 24.80 8.54 -22.06
C LEU D 35 25.74 8.28 -23.24
N GLN D 36 25.95 7.01 -23.60
CA GLN D 36 26.90 6.75 -24.66
C GLN D 36 26.32 6.98 -26.07
N ASN D 37 25.00 7.09 -26.20
CA ASN D 37 24.38 7.05 -27.52
C ASN D 37 23.38 8.17 -27.82
N GLU D 38 22.98 8.97 -26.85
CA GLU D 38 21.96 10.00 -27.07
C GLU D 38 22.51 11.38 -26.73
N PRO D 39 22.75 12.25 -27.72
CA PRO D 39 23.35 13.56 -27.41
C PRO D 39 22.48 14.42 -26.49
N GLY D 40 21.17 14.20 -26.45
CA GLY D 40 20.33 15.06 -25.62
C GLY D 40 20.43 14.78 -24.14
N THR D 41 21.14 13.73 -23.72
CA THR D 41 21.13 13.27 -22.34
C THR D 41 22.36 13.79 -21.60
N LEU D 42 22.14 14.59 -20.56
CA LEU D 42 23.25 15.23 -19.84
C LEU D 42 23.68 14.47 -18.60
N ARG D 43 22.76 13.79 -17.91
CA ARG D 43 23.06 13.06 -16.70
C ARG D 43 22.06 11.92 -16.54
N PHE D 44 22.51 10.78 -16.02
CA PHE D 44 21.63 9.64 -15.78
C PHE D 44 22.22 8.84 -14.62
N GLU D 45 21.62 8.99 -13.44
CA GLU D 45 22.12 8.37 -12.22
C GLU D 45 21.13 7.33 -11.69
N VAL D 46 21.67 6.24 -11.16
CA VAL D 46 20.89 5.20 -10.49
C VAL D 46 21.16 5.31 -8.99
N ILE D 47 20.08 5.46 -8.22
CA ILE D 47 20.17 5.71 -6.78
C ILE D 47 19.32 4.70 -6.04
N ARG D 48 19.85 4.16 -4.94
CA ARG D 48 19.14 3.22 -4.08
C ARG D 48 18.72 3.93 -2.80
N ASP D 49 17.47 3.72 -2.39
CA ASP D 49 16.97 4.29 -1.15
C ASP D 49 17.83 3.84 0.03
N GLU D 50 18.09 4.76 0.96
CA GLU D 50 19.03 4.48 2.03
C GLU D 50 18.48 3.46 3.04
N ASN D 51 17.17 3.30 3.12
CA ASN D 51 16.57 2.34 4.04
C ASN D 51 15.80 1.23 3.36
N ASN D 52 15.08 1.55 2.28
CA ASN D 52 14.26 0.59 1.56
C ASN D 52 15.11 -0.07 0.49
N ARG D 53 15.52 -1.32 0.73
CA ARG D 53 16.41 -2.01 -0.20
C ARG D 53 15.74 -2.41 -1.50
N ASN D 54 14.41 -2.31 -1.58
CA ASN D 54 13.67 -2.70 -2.77
C ASN D 54 13.30 -1.52 -3.66
N ARG D 55 13.69 -0.30 -3.29
CA ARG D 55 13.25 0.92 -3.97
C ARG D 55 14.44 1.63 -4.59
N PHE D 56 14.33 1.96 -5.88
CA PHE D 56 15.38 2.63 -6.62
C PHE D 56 14.84 3.92 -7.24
N TYR D 57 15.76 4.81 -7.60
CA TYR D 57 15.42 6.08 -8.24
C TYR D 57 16.36 6.34 -9.42
N LEU D 58 15.80 6.89 -10.50
CA LEU D 58 16.56 7.34 -11.65
C LEU D 58 16.49 8.86 -11.72
N ASP D 59 17.65 9.50 -11.68
CA ASP D 59 17.79 10.96 -11.71
C ASP D 59 18.35 11.34 -13.08
N GLU D 60 17.48 11.82 -13.96
CA GLU D 60 17.82 12.07 -15.35
C GLU D 60 17.73 13.55 -15.69
N VAL D 61 18.66 14.03 -16.52
CA VAL D 61 18.71 15.42 -16.95
C VAL D 61 18.97 15.45 -18.45
N TYR D 62 18.21 16.30 -19.16
CA TYR D 62 18.29 16.43 -20.61
C TYR D 62 18.41 17.90 -20.98
N GLU D 63 18.87 18.15 -22.22
CA GLU D 63 19.01 19.52 -22.69
C GLU D 63 17.70 20.28 -22.65
N ASP D 64 16.61 19.62 -23.03
CA ASP D 64 15.28 20.22 -23.04
C ASP D 64 14.28 19.07 -23.02
N GLU D 65 12.99 19.43 -23.12
CA GLU D 65 11.96 18.40 -23.10
C GLU D 65 12.04 17.53 -24.35
N ALA D 66 12.36 18.12 -25.50
CA ALA D 66 12.43 17.35 -26.74
C ALA D 66 13.45 16.22 -26.63
N ALA D 67 14.57 16.47 -25.94
CA ALA D 67 15.58 15.44 -25.76
C ALA D 67 15.05 14.28 -24.92
N PHE D 68 14.18 14.56 -23.95
CA PHE D 68 13.59 13.49 -23.16
C PHE D 68 12.59 12.68 -24.01
N LEU D 69 11.76 13.37 -24.78
CA LEU D 69 10.81 12.68 -25.66
C LEU D 69 11.55 11.79 -26.66
N GLN D 70 12.70 12.25 -27.15
CA GLN D 70 13.53 11.42 -28.01
C GLN D 70 14.06 10.20 -27.26
N HIS D 71 14.47 10.41 -26.01
CA HIS D 71 14.95 9.29 -25.19
C HIS D 71 13.87 8.23 -25.02
N CYS D 72 12.61 8.66 -24.84
CA CYS D 72 11.52 7.73 -24.64
C CYS D 72 11.23 6.88 -25.87
N ARG D 73 11.66 7.32 -27.06
CA ARG D 73 11.43 6.57 -28.29
C ARG D 73 12.68 5.91 -28.84
N ASN D 74 13.78 5.91 -28.08
CA ASN D 74 15.03 5.33 -28.54
C ASN D 74 15.14 3.88 -28.09
N GLU D 75 16.23 3.22 -28.51
CA GLU D 75 16.37 1.78 -28.31
C GLU D 75 16.71 1.42 -26.87
N THR D 76 17.47 2.27 -26.17
CA THR D 76 17.97 1.90 -24.84
C THR D 76 16.82 1.71 -23.85
N ILE D 77 15.89 2.66 -23.79
CA ILE D 77 14.77 2.53 -22.86
C ILE D 77 13.90 1.34 -23.23
N ALA D 78 13.85 0.98 -24.52
CA ALA D 78 13.06 -0.17 -24.93
C ALA D 78 13.66 -1.47 -24.40
N ARG D 79 14.99 -1.59 -24.45
CA ARG D 79 15.64 -2.78 -23.90
C ARG D 79 15.60 -2.80 -22.38
N PHE D 80 15.69 -1.63 -21.75
CA PHE D 80 15.57 -1.54 -20.30
C PHE D 80 14.23 -2.12 -19.83
N TYR D 81 13.15 -1.76 -20.52
CA TYR D 81 11.83 -2.26 -20.13
C TYR D 81 11.68 -3.74 -20.46
N GLU D 82 12.35 -4.22 -21.52
CA GLU D 82 12.33 -5.65 -21.80
C GLU D 82 13.00 -6.45 -20.68
N LEU D 83 13.99 -5.86 -20.02
CA LEU D 83 14.72 -6.56 -18.97
C LEU D 83 13.93 -6.64 -17.67
N ILE D 84 13.17 -5.60 -17.34
CA ILE D 84 12.55 -5.48 -16.01
C ILE D 84 11.05 -5.77 -16.01
N ASP D 85 10.42 -5.93 -17.18
CA ASP D 85 8.96 -5.98 -17.24
C ASP D 85 8.37 -7.12 -16.43
N SER D 86 9.13 -8.19 -16.23
CA SER D 86 8.57 -9.37 -15.57
C SER D 86 8.55 -9.28 -14.06
N TYR D 87 9.06 -8.20 -13.46
CA TYR D 87 9.08 -8.17 -12.00
C TYR D 87 8.94 -6.77 -11.40
N ALA D 88 9.31 -5.73 -12.13
CA ALA D 88 9.42 -4.40 -11.54
C ALA D 88 8.07 -3.71 -11.42
N PHE D 89 7.91 -2.95 -10.34
CA PHE D 89 6.75 -2.07 -10.14
C PHE D 89 7.16 -0.64 -10.48
N GLY D 90 6.44 -0.04 -11.42
CA GLY D 90 6.78 1.29 -11.89
C GLY D 90 6.63 1.38 -13.39
N PRO D 91 7.03 2.51 -13.98
CA PRO D 91 7.62 3.68 -13.32
C PRO D 91 6.61 4.57 -12.63
N LEU D 92 7.02 5.18 -11.52
CA LEU D 92 6.30 6.29 -10.93
C LEU D 92 7.16 7.53 -11.10
N PHE D 93 6.63 8.52 -11.82
CA PHE D 93 7.36 9.75 -12.08
C PHE D 93 7.19 10.68 -10.88
N LEU D 94 8.24 10.82 -10.07
CA LEU D 94 8.19 11.75 -8.94
C LEU D 94 7.97 13.17 -9.41
N PHE D 95 8.72 13.61 -10.43
CA PHE D 95 8.43 14.89 -11.06
C PHE D 95 9.13 14.98 -12.41
N LYS D 96 8.64 15.91 -13.22
CA LYS D 96 9.36 16.44 -14.37
C LYS D 96 9.44 17.94 -14.18
N GLY D 97 10.61 18.52 -14.44
CA GLY D 97 10.75 19.93 -14.15
C GLY D 97 11.86 20.59 -14.93
N TYR D 98 11.92 21.91 -14.80
CA TYR D 98 12.93 22.75 -15.43
C TYR D 98 13.84 23.34 -14.37
N ARG D 99 15.13 23.39 -14.68
CA ARG D 99 16.10 23.97 -13.76
C ARG D 99 15.89 25.48 -13.65
N VAL D 100 15.94 25.99 -12.43
CA VAL D 100 15.83 27.43 -12.19
C VAL D 100 17.19 28.06 -12.42
N GLU D 101 17.24 29.02 -13.35
CA GLU D 101 18.45 29.76 -13.74
C GLU D 101 19.72 28.89 -13.76
N GLY E 4 5.53 13.87 28.36
CA GLY E 4 6.08 15.14 27.93
C GLY E 4 6.18 15.27 26.42
N MET E 5 7.33 15.77 25.94
CA MET E 5 7.56 15.95 24.51
C MET E 5 8.21 14.69 23.96
N THR E 6 7.39 13.65 23.78
CA THR E 6 7.87 12.39 23.26
C THR E 6 8.19 12.51 21.77
N TYR E 7 8.91 11.50 21.27
CA TYR E 7 9.35 11.44 19.88
C TYR E 7 8.63 10.28 19.19
N HIS E 8 8.00 10.57 18.05
CA HIS E 8 7.08 9.65 17.41
C HIS E 8 7.58 9.28 16.01
N VAL E 9 7.57 7.97 15.70
CA VAL E 9 8.03 7.44 14.42
C VAL E 9 6.95 6.53 13.87
N LEU E 10 6.51 6.79 12.64
CA LEU E 10 5.48 6.00 11.98
C LEU E 10 6.05 5.40 10.70
N VAL E 11 5.96 4.08 10.57
CA VAL E 11 6.62 3.32 9.51
C VAL E 11 5.58 2.49 8.79
N GLN E 12 5.77 2.33 7.47
CA GLN E 12 4.84 1.61 6.61
C GLN E 12 5.57 0.50 5.85
N PHE E 13 4.93 -0.66 5.75
CA PHE E 13 5.46 -1.81 5.02
C PHE E 13 4.37 -2.42 4.15
N ASP E 14 4.78 -3.01 3.03
CA ASP E 14 3.92 -3.83 2.19
C ASP E 14 4.54 -5.21 2.03
N VAL E 15 3.70 -6.24 2.00
CA VAL E 15 4.17 -7.62 1.86
C VAL E 15 3.26 -8.37 0.92
N PRO E 16 3.80 -9.40 0.25
CA PRO E 16 2.96 -10.23 -0.62
C PRO E 16 1.84 -10.90 0.15
N SER E 17 0.79 -11.27 -0.58
CA SER E 17 -0.44 -11.76 0.05
C SER E 17 -0.19 -13.00 0.90
N ASP E 18 0.81 -13.81 0.56
CA ASP E 18 1.08 -15.04 1.28
C ASP E 18 2.09 -14.85 2.42
N LYS E 19 2.44 -13.61 2.75
CA LYS E 19 3.38 -13.33 3.83
C LYS E 19 2.76 -12.50 4.94
N ARG E 20 1.43 -12.41 4.97
CA ARG E 20 0.76 -11.55 5.96
C ARG E 20 1.01 -12.04 7.38
N GLU E 21 0.88 -13.34 7.60
CA GLU E 21 1.13 -13.89 8.93
C GLU E 21 2.61 -13.81 9.29
N ALA E 22 3.48 -13.99 8.30
CA ALA E 22 4.92 -13.94 8.55
C ALA E 22 5.35 -12.56 9.04
N PHE E 23 4.87 -11.51 8.37
CA PHE E 23 5.24 -10.16 8.79
C PHE E 23 4.62 -9.82 10.14
N ALA E 24 3.37 -10.23 10.36
CA ALA E 24 2.70 -9.92 11.62
C ALA E 24 3.46 -10.52 12.80
N ALA E 25 3.97 -11.75 12.64
CA ALA E 25 4.77 -12.36 13.70
C ALA E 25 6.09 -11.63 13.87
N ALA E 26 6.71 -11.21 12.76
CA ALA E 26 7.99 -10.51 12.85
C ALA E 26 7.83 -9.15 13.53
N GLY E 27 6.75 -8.42 13.21
CA GLY E 27 6.52 -7.15 13.86
C GLY E 27 6.24 -7.29 15.34
N LEU E 28 5.52 -8.36 15.73
CA LEU E 28 5.23 -8.58 17.14
C LEU E 28 6.51 -8.91 17.91
N PHE E 29 7.42 -9.67 17.31
CA PHE E 29 8.71 -9.90 17.94
C PHE E 29 9.46 -8.58 18.13
N ASP E 30 9.44 -7.72 17.11
CA ASP E 30 10.09 -6.41 17.22
C ASP E 30 9.49 -5.61 18.38
N ALA E 31 8.16 -5.63 18.50
CA ALA E 31 7.51 -4.90 19.58
C ALA E 31 7.86 -5.46 20.94
N ASN E 32 7.69 -6.78 21.11
CA ASN E 32 7.96 -7.40 22.42
C ASN E 32 9.43 -7.27 22.79
N GLY E 33 10.33 -7.53 21.84
CA GLY E 33 11.75 -7.44 22.15
C GLY E 33 12.19 -6.03 22.50
N SER E 34 11.59 -5.03 21.84
CA SER E 34 11.94 -3.65 22.15
C SER E 34 11.42 -3.24 23.54
N LEU E 35 10.19 -3.63 23.87
CA LEU E 35 9.64 -3.29 25.18
C LEU E 35 10.43 -3.97 26.30
N GLN E 36 10.89 -5.19 26.07
CA GLN E 36 11.58 -5.93 27.13
C GLN E 36 12.99 -5.42 27.37
N ASN E 37 13.65 -4.88 26.34
CA ASN E 37 15.07 -4.57 26.42
C ASN E 37 15.42 -3.10 26.31
N GLU E 38 14.49 -2.23 25.92
CA GLU E 38 14.82 -0.84 25.62
C GLU E 38 14.02 0.10 26.52
N PRO E 39 14.60 0.60 27.61
CA PRO E 39 13.87 1.53 28.49
C PRO E 39 13.41 2.80 27.77
N GLY E 40 14.19 3.28 26.81
CA GLY E 40 13.83 4.48 26.07
C GLY E 40 12.74 4.29 25.03
N THR E 41 12.32 3.05 24.77
CA THR E 41 11.25 2.78 23.82
C THR E 41 9.93 2.71 24.58
N LEU E 42 9.06 3.68 24.33
CA LEU E 42 7.85 3.87 25.14
C LEU E 42 6.62 3.19 24.56
N ARG E 43 6.61 2.85 23.28
CA ARG E 43 5.47 2.22 22.64
C ARG E 43 5.91 1.64 21.31
N PHE E 44 5.26 0.56 20.90
CA PHE E 44 5.60 -0.10 19.63
C PHE E 44 4.41 -0.97 19.22
N GLU E 45 3.53 -0.40 18.40
CA GLU E 45 2.30 -1.06 17.97
C GLU E 45 2.41 -1.53 16.53
N VAL E 46 1.84 -2.70 16.25
CA VAL E 46 1.74 -3.24 14.89
C VAL E 46 0.29 -3.13 14.45
N ILE E 47 0.07 -2.45 13.32
CA ILE E 47 -1.27 -2.13 12.84
C ILE E 47 -1.40 -2.61 11.40
N ARG E 48 -2.53 -3.24 11.08
CA ARG E 48 -2.85 -3.63 9.72
C ARG E 48 -3.87 -2.67 9.15
N ASP E 49 -3.67 -2.28 7.88
CA ASP E 49 -4.62 -1.41 7.20
C ASP E 49 -5.99 -2.07 7.18
N GLU E 50 -7.04 -1.25 7.32
CA GLU E 50 -8.38 -1.80 7.49
C GLU E 50 -8.89 -2.45 6.21
N ASN E 51 -8.44 -1.99 5.04
CA ASN E 51 -8.87 -2.55 3.77
C ASN E 51 -7.76 -3.29 3.03
N ASN E 52 -6.53 -2.81 3.11
CA ASN E 52 -5.41 -3.41 2.37
C ASN E 52 -4.70 -4.39 3.29
N ARG E 53 -5.01 -5.69 3.13
CA ARG E 53 -4.42 -6.71 3.98
C ARG E 53 -2.93 -6.92 3.74
N ASN E 54 -2.37 -6.32 2.70
CA ASN E 54 -0.94 -6.44 2.42
C ASN E 54 -0.11 -5.31 3.02
N ARG E 55 -0.75 -4.34 3.68
CA ARG E 55 -0.07 -3.14 4.17
C ARG E 55 -0.14 -3.08 5.69
N PHE E 56 1.00 -2.81 6.32
CA PHE E 56 1.11 -2.74 7.77
C PHE E 56 1.77 -1.43 8.16
N TYR E 57 1.52 -1.00 9.39
CA TYR E 57 2.14 0.19 9.95
C TYR E 57 2.71 -0.12 11.33
N LEU E 58 3.84 0.51 11.63
CA LEU E 58 4.45 0.45 12.96
C LEU E 58 4.38 1.83 13.59
N ASP E 59 3.70 1.93 14.73
CA ASP E 59 3.55 3.17 15.47
C ASP E 59 4.49 3.10 16.68
N GLU E 60 5.59 3.84 16.61
CA GLU E 60 6.66 3.77 17.61
C GLU E 60 6.80 5.09 18.34
N VAL E 61 7.05 5.01 19.65
CA VAL E 61 7.23 6.19 20.49
C VAL E 61 8.50 6.01 21.31
N TYR E 62 9.28 7.09 21.45
CA TYR E 62 10.52 7.08 22.19
C TYR E 62 10.57 8.33 23.08
N GLU E 63 11.43 8.27 24.10
CA GLU E 63 11.50 9.41 25.02
C GLU E 63 12.26 10.58 24.42
N ASP E 64 13.12 10.35 23.42
CA ASP E 64 13.76 11.41 22.66
C ASP E 64 14.32 10.77 21.38
N GLU E 65 14.95 11.59 20.55
CA GLU E 65 15.48 11.10 19.28
C GLU E 65 16.70 10.21 19.49
N ALA E 66 17.51 10.52 20.50
CA ALA E 66 18.60 9.64 20.85
C ALA E 66 18.12 8.23 21.14
N ALA E 67 16.96 8.08 21.81
CA ALA E 67 16.47 6.75 22.12
C ALA E 67 16.04 6.02 20.85
N PHE E 68 15.52 6.75 19.85
CA PHE E 68 15.19 6.12 18.58
C PHE E 68 16.45 5.65 17.86
N LEU E 69 17.50 6.46 17.91
CA LEU E 69 18.75 6.10 17.23
C LEU E 69 19.38 4.88 17.88
N GLN E 70 19.26 4.75 19.20
CA GLN E 70 19.77 3.55 19.88
C GLN E 70 18.97 2.33 19.47
N HIS E 71 17.65 2.47 19.32
CA HIS E 71 16.82 1.36 18.87
C HIS E 71 17.26 0.87 17.50
N CYS E 72 17.60 1.80 16.60
CA CYS E 72 18.07 1.42 15.26
C CYS E 72 19.40 0.70 15.29
N ARG E 73 20.16 0.82 16.38
CA ARG E 73 21.45 0.16 16.52
C ARG E 73 21.38 -1.14 17.32
N ASN E 74 20.24 -1.44 17.95
CA ASN E 74 20.16 -2.57 18.87
C ASN E 74 19.89 -3.87 18.12
N GLU E 75 19.87 -4.97 18.88
CA GLU E 75 19.77 -6.30 18.30
C GLU E 75 18.37 -6.63 17.80
N THR E 76 17.33 -6.07 18.43
CA THR E 76 15.97 -6.44 18.08
C THR E 76 15.64 -6.07 16.64
N ILE E 77 15.96 -4.84 16.23
CA ILE E 77 15.65 -4.41 14.88
C ILE E 77 16.50 -5.17 13.86
N ALA E 78 17.73 -5.55 14.24
CA ALA E 78 18.57 -6.33 13.34
C ALA E 78 17.95 -7.69 13.05
N ARG E 79 17.43 -8.36 14.09
CA ARG E 79 16.74 -9.62 13.87
CA ARG E 79 16.73 -9.63 13.90
C ARG E 79 15.46 -9.42 13.10
N PHE E 80 14.72 -8.35 13.36
CA PHE E 80 13.49 -8.05 12.63
C PHE E 80 13.75 -7.98 11.13
N TYR E 81 14.83 -7.28 10.75
CA TYR E 81 15.13 -7.13 9.33
C TYR E 81 15.63 -8.42 8.70
N GLU E 82 16.30 -9.28 9.49
CA GLU E 82 16.66 -10.59 8.98
C GLU E 82 15.42 -11.41 8.64
N LEU E 83 14.34 -11.23 9.40
CA LEU E 83 13.13 -12.03 9.21
C LEU E 83 12.41 -11.64 7.92
N ILE E 84 12.36 -10.34 7.61
CA ILE E 84 11.49 -9.84 6.54
C ILE E 84 12.24 -9.53 5.25
N ASP E 85 13.57 -9.66 5.24
CA ASP E 85 14.34 -9.17 4.10
C ASP E 85 13.96 -9.87 2.80
N SER E 86 13.52 -11.13 2.87
CA SER E 86 13.29 -11.88 1.64
C SER E 86 11.99 -11.54 0.94
N TYR E 87 11.13 -10.70 1.52
CA TYR E 87 9.83 -10.47 0.90
C TYR E 87 9.26 -9.06 1.08
N ALA E 88 9.66 -8.35 2.13
CA ALA E 88 8.97 -7.12 2.50
C ALA E 88 9.39 -5.94 1.63
N PHE E 89 8.43 -5.04 1.39
CA PHE E 89 8.69 -3.76 0.73
C PHE E 89 8.67 -2.66 1.78
N GLY E 90 9.82 -2.00 1.96
CA GLY E 90 9.94 -0.97 2.97
C GLY E 90 11.32 -0.99 3.61
N PRO E 91 11.51 -0.19 4.66
CA PRO E 91 10.51 0.68 5.28
C PRO E 91 10.25 2.00 4.53
N LEU E 92 9.02 2.48 4.60
CA LEU E 92 8.69 3.84 4.22
C LEU E 92 8.34 4.60 5.48
N PHE E 93 9.12 5.63 5.81
CA PHE E 93 8.90 6.41 7.02
C PHE E 93 7.83 7.46 6.72
N LEU E 94 6.64 7.28 7.31
CA LEU E 94 5.56 8.23 7.07
C LEU E 94 5.87 9.58 7.73
N PHE E 95 6.33 9.56 8.98
CA PHE E 95 6.82 10.80 9.58
C PHE E 95 7.67 10.49 10.81
N LYS E 96 8.44 11.48 11.21
CA LYS E 96 9.05 11.58 12.53
C LYS E 96 8.66 12.92 13.11
N GLY E 97 8.30 12.95 14.38
CA GLY E 97 7.79 14.19 14.95
C GLY E 97 7.85 14.19 16.46
N TYR E 98 7.46 15.34 17.02
CA TYR E 98 7.49 15.58 18.46
C TYR E 98 6.10 15.86 18.99
N ARG E 99 5.79 15.28 20.15
CA ARG E 99 4.49 15.46 20.76
C ARG E 99 4.26 16.92 21.14
N VAL E 100 3.06 17.41 20.83
CA VAL E 100 2.64 18.75 21.21
C VAL E 100 2.07 18.67 22.62
N GLU E 101 2.67 19.42 23.55
CA GLU E 101 2.36 19.35 24.98
C GLU E 101 2.69 17.97 25.55
N GLY F 4 -9.74 -5.59 22.90
CA GLY F 4 -9.14 -6.38 21.85
C GLY F 4 -9.44 -5.88 20.46
N MET F 5 -8.39 -5.79 19.62
CA MET F 5 -8.49 -5.26 18.26
C MET F 5 -9.02 -3.83 18.27
N THR F 6 -8.21 -2.94 18.85
CA THR F 6 -8.53 -1.52 18.85
C THR F 6 -8.38 -0.93 17.46
N TYR F 7 -8.97 0.25 17.27
CA TYR F 7 -9.10 0.89 15.98
C TYR F 7 -8.22 2.13 15.95
N HIS F 8 -7.33 2.22 14.95
CA HIS F 8 -6.33 3.28 14.87
C HIS F 8 -6.62 4.20 13.68
N VAL F 9 -6.52 5.50 13.91
CA VAL F 9 -6.76 6.52 12.88
C VAL F 9 -5.62 7.54 12.96
N LEU F 10 -4.91 7.72 11.84
CA LEU F 10 -3.85 8.71 11.73
C LEU F 10 -4.25 9.75 10.70
N VAL F 11 -4.27 11.03 11.11
CA VAL F 11 -4.75 12.12 10.28
C VAL F 11 -3.67 13.18 10.15
N GLN F 12 -3.66 13.88 9.02
CA GLN F 12 -2.65 14.88 8.69
C GLN F 12 -3.27 16.21 8.32
N PHE F 13 -2.62 17.30 8.76
CA PHE F 13 -3.06 18.66 8.47
C PHE F 13 -1.85 19.54 8.18
N ASP F 14 -2.05 20.55 7.33
CA ASP F 14 -1.08 21.61 7.10
C ASP F 14 -1.74 22.96 7.40
N VAL F 15 -0.98 23.87 7.99
CA VAL F 15 -1.51 25.19 8.35
C VAL F 15 -0.52 26.26 7.91
N PRO F 16 -0.99 27.48 7.69
CA PRO F 16 -0.07 28.59 7.41
C PRO F 16 0.90 28.81 8.56
N SER F 17 2.02 29.49 8.24
N SER F 17 2.02 29.47 8.23
CA SER F 17 3.09 29.66 9.21
CA SER F 17 3.09 29.68 9.21
C SER F 17 2.67 30.51 10.40
C SER F 17 2.61 30.47 10.41
N ASP F 18 1.68 31.39 10.21
CA ASP F 18 1.17 32.24 11.29
C ASP F 18 -0.02 31.63 12.02
N LYS F 19 -0.33 30.35 11.76
CA LYS F 19 -1.43 29.65 12.43
C LYS F 19 -0.95 28.42 13.17
N ARG F 20 0.36 28.31 13.44
CA ARG F 20 0.89 27.13 14.11
C ARG F 20 0.38 27.02 15.54
N GLU F 21 0.42 28.14 16.29
CA GLU F 21 -0.08 28.12 17.65
C GLU F 21 -1.59 27.92 17.69
N ALA F 22 -2.32 28.50 16.73
CA ALA F 22 -3.77 28.37 16.70
C ALA F 22 -4.20 26.92 16.47
N PHE F 23 -3.55 26.23 15.53
CA PHE F 23 -3.93 24.84 15.27
C PHE F 23 -3.56 23.94 16.45
N ALA F 24 -2.39 24.15 17.04
CA ALA F 24 -1.99 23.35 18.19
C ALA F 24 -3.02 23.46 19.31
N ALA F 25 -3.54 24.67 19.56
CA ALA F 25 -4.59 24.84 20.55
C ALA F 25 -5.86 24.11 20.14
N ALA F 26 -6.24 24.21 18.86
CA ALA F 26 -7.44 23.52 18.40
C ALA F 26 -7.25 22.00 18.45
N GLY F 27 -6.07 21.51 18.08
CA GLY F 27 -5.82 20.08 18.17
C GLY F 27 -5.87 19.57 19.60
N LEU F 28 -5.32 20.35 20.53
CA LEU F 28 -5.38 19.97 21.94
C LEU F 28 -6.81 20.03 22.47
N PHE F 29 -7.64 20.92 21.94
CA PHE F 29 -9.05 20.93 22.31
C PHE F 29 -9.74 19.67 21.84
N ASP F 30 -9.49 19.26 20.61
CA ASP F 30 -10.06 18.02 20.08
C ASP F 30 -9.64 16.83 20.93
N ALA F 31 -8.35 16.76 21.28
CA ALA F 31 -7.85 15.64 22.07
C ALA F 31 -8.47 15.62 23.46
N ASN F 32 -8.38 16.74 24.18
CA ASN F 32 -8.87 16.78 25.55
C ASN F 32 -10.38 16.63 25.62
N GLY F 33 -11.10 17.26 24.70
CA GLY F 33 -12.55 17.13 24.67
C GLY F 33 -13.02 15.73 24.32
N SER F 34 -12.28 15.04 23.44
CA SER F 34 -12.65 13.67 23.08
C SER F 34 -12.33 12.69 24.20
N LEU F 35 -11.17 12.87 24.84
CA LEU F 35 -10.77 11.94 25.89
C LEU F 35 -11.61 12.11 27.15
N GLN F 36 -12.14 13.30 27.40
CA GLN F 36 -12.89 13.56 28.61
C GLN F 36 -14.37 13.23 28.51
N ASN F 37 -14.92 13.15 27.29
CA ASN F 37 -16.36 13.01 27.10
C ASN F 37 -16.79 11.77 26.31
N GLU F 38 -15.86 11.01 25.76
CA GLU F 38 -16.20 9.87 24.90
C GLU F 38 -15.60 8.59 25.45
N PRO F 39 -16.40 7.67 26.01
CA PRO F 39 -15.83 6.50 26.67
C PRO F 39 -15.01 5.59 25.76
N GLY F 40 -15.36 5.52 24.47
CA GLY F 40 -14.65 4.67 23.54
C GLY F 40 -13.36 5.23 22.98
N THR F 41 -13.01 6.48 23.32
CA THR F 41 -11.78 7.09 22.86
C THR F 41 -10.67 6.78 23.86
N LEU F 42 -9.65 6.06 23.40
CA LEU F 42 -8.60 5.57 24.29
C LEU F 42 -7.33 6.41 24.24
N ARG F 43 -7.04 7.05 23.11
CA ARG F 43 -5.85 7.87 22.97
C ARG F 43 -6.08 8.91 21.89
N PHE F 44 -5.54 10.11 22.09
CA PHE F 44 -5.67 11.18 21.11
C PHE F 44 -4.47 12.12 21.29
N GLU F 45 -3.47 11.98 20.43
CA GLU F 45 -2.23 12.73 20.54
C GLU F 45 -2.09 13.71 19.38
N VAL F 46 -1.52 14.87 19.67
CA VAL F 46 -1.19 15.88 18.67
C VAL F 46 0.32 15.89 18.49
N ILE F 47 0.77 15.76 17.25
CA ILE F 47 2.19 15.63 16.91
C ILE F 47 2.54 16.63 15.83
N ARG F 48 3.70 17.26 15.95
CA ARG F 48 4.21 18.17 14.94
C ARG F 48 5.39 17.53 14.22
N ASP F 49 5.41 17.66 12.89
CA ASP F 49 6.50 17.09 12.11
C ASP F 49 7.85 17.67 12.56
N GLU F 50 8.87 16.83 12.58
CA GLU F 50 10.16 17.24 13.13
C GLU F 50 10.86 18.26 12.25
N ASN F 51 10.55 18.28 10.95
CA ASN F 51 11.19 19.22 10.02
C ASN F 51 10.24 20.23 9.41
N ASN F 52 8.97 19.86 9.18
CA ASN F 52 8.00 20.74 8.55
C ASN F 52 7.14 21.37 9.65
N ARG F 53 7.44 22.62 9.98
CA ARG F 53 6.75 23.30 11.08
C ARG F 53 5.29 23.60 10.77
N ASN F 54 4.83 23.40 9.54
CA ASN F 54 3.44 23.65 9.18
C ASN F 54 2.59 22.40 9.17
N ARG F 55 3.16 21.23 9.43
CA ARG F 55 2.46 19.96 9.31
C ARG F 55 2.26 19.32 10.68
N PHE F 56 1.03 18.91 10.96
CA PHE F 56 0.66 18.24 12.20
C PHE F 56 0.01 16.90 11.91
N TYR F 57 0.09 16.00 12.88
CA TYR F 57 -0.54 14.69 12.79
C TYR F 57 -1.38 14.43 14.03
N LEU F 58 -2.51 13.75 13.85
CA LEU F 58 -3.36 13.31 14.94
C LEU F 58 -3.34 11.79 15.01
N ASP F 59 -2.90 11.25 16.13
CA ASP F 59 -2.76 9.82 16.36
C ASP F 59 -3.87 9.40 17.33
N GLU F 60 -4.91 8.76 16.80
CA GLU F 60 -6.11 8.45 17.54
C GLU F 60 -6.31 6.94 17.63
N VAL F 61 -6.80 6.49 18.79
CA VAL F 61 -7.08 5.07 19.04
C VAL F 61 -8.45 4.96 19.68
N TYR F 62 -9.28 4.03 19.20
CA TYR F 62 -10.64 3.88 19.67
C TYR F 62 -10.91 2.44 20.09
N GLU F 63 -11.93 2.29 20.94
CA GLU F 63 -12.38 0.98 21.40
C GLU F 63 -12.55 0.01 20.25
N ASP F 64 -13.28 0.44 19.22
CA ASP F 64 -13.48 -0.33 17.99
C ASP F 64 -13.87 0.66 16.91
N GLU F 65 -14.25 0.14 15.73
CA GLU F 65 -14.69 1.02 14.66
C GLU F 65 -15.93 1.81 15.04
N ALA F 66 -16.88 1.15 15.71
CA ALA F 66 -18.12 1.83 16.11
C ALA F 66 -17.82 3.03 16.99
N ALA F 67 -16.80 2.93 17.86
CA ALA F 67 -16.44 4.06 18.70
C ALA F 67 -15.89 5.22 17.89
N PHE F 68 -15.25 4.94 16.74
CA PHE F 68 -14.79 6.02 15.88
C PHE F 68 -15.96 6.68 15.16
N LEU F 69 -16.91 5.88 14.67
CA LEU F 69 -18.11 6.43 14.05
C LEU F 69 -18.86 7.33 15.03
N GLN F 70 -18.90 6.94 16.30
CA GLN F 70 -19.52 7.77 17.33
C GLN F 70 -18.78 9.09 17.48
N HIS F 71 -17.45 9.02 17.55
CA HIS F 71 -16.64 10.24 17.65
C HIS F 71 -16.89 11.18 16.48
N CYS F 72 -17.05 10.62 15.27
CA CYS F 72 -17.30 11.44 14.09
C CYS F 72 -18.64 12.14 14.14
N ARG F 73 -19.56 11.69 15.01
CA ARG F 73 -20.88 12.29 15.12
C ARG F 73 -21.06 13.14 16.37
N ASN F 74 -20.03 13.24 17.22
CA ASN F 74 -20.18 13.95 18.49
C ASN F 74 -19.83 15.42 18.33
N GLU F 75 -19.90 16.15 19.44
CA GLU F 75 -19.80 17.61 19.39
C GLU F 75 -18.36 18.09 19.26
N THR F 76 -17.40 17.35 19.80
CA THR F 76 -16.02 17.84 19.84
C THR F 76 -15.45 18.01 18.43
N ILE F 77 -15.58 16.97 17.60
CA ILE F 77 -14.99 17.04 16.26
C ILE F 77 -15.65 18.15 15.44
N ALA F 78 -16.95 18.38 15.63
CA ALA F 78 -17.62 19.44 14.89
C ALA F 78 -17.08 20.82 15.28
N ARG F 79 -16.85 21.04 16.57
CA ARG F 79 -16.30 22.32 17.02
C ARG F 79 -14.85 22.49 16.57
N PHE F 80 -14.09 21.38 16.56
CA PHE F 80 -12.71 21.42 16.09
C PHE F 80 -12.63 21.93 14.65
N TYR F 81 -13.52 21.44 13.79
CA TYR F 81 -13.53 21.90 12.40
C TYR F 81 -14.03 23.34 12.29
N GLU F 82 -14.92 23.77 13.18
CA GLU F 82 -15.30 25.17 13.23
C GLU F 82 -14.10 26.06 13.51
N LEU F 83 -13.19 25.58 14.37
CA LEU F 83 -12.07 26.41 14.81
C LEU F 83 -11.00 26.57 13.73
N ILE F 84 -10.86 25.59 12.84
CA ILE F 84 -9.74 25.57 11.89
C ILE F 84 -10.16 25.87 10.46
N ASP F 85 -11.46 25.96 10.16
CA ASP F 85 -11.89 25.96 8.77
C ASP F 85 -11.33 27.14 7.98
N SER F 86 -11.09 28.27 8.63
CA SER F 86 -10.69 29.46 7.89
C SER F 86 -9.24 29.44 7.44
N TYR F 87 -8.42 28.47 7.88
CA TYR F 87 -7.02 28.48 7.50
C TYR F 87 -6.42 27.10 7.22
N ALA F 88 -6.95 26.02 7.78
CA ALA F 88 -6.24 24.74 7.75
C ALA F 88 -6.45 24.01 6.42
N PHE F 89 -5.44 23.23 6.04
CA PHE F 89 -5.50 22.33 4.90
C PHE F 89 -5.60 20.90 5.43
N GLY F 90 -6.64 20.18 5.02
CA GLY F 90 -6.87 18.84 5.51
C GLY F 90 -8.35 18.59 5.75
N PRO F 91 -8.69 17.41 6.30
CA PRO F 91 -7.77 16.35 6.71
C PRO F 91 -7.26 15.47 5.56
N LEU F 92 -6.07 14.91 5.74
CA LEU F 92 -5.57 13.81 4.92
C LEU F 92 -5.40 12.62 5.85
N PHE F 93 -6.15 11.55 5.60
CA PHE F 93 -6.08 10.34 6.42
C PHE F 93 -4.90 9.51 5.96
N LEU F 94 -3.86 9.44 6.79
CA LEU F 94 -2.74 8.55 6.48
C LEU F 94 -3.19 7.09 6.45
N PHE F 95 -3.98 6.68 7.43
CA PHE F 95 -4.56 5.34 7.40
C PHE F 95 -5.63 5.22 8.47
N LYS F 96 -6.46 4.19 8.32
CA LYS F 96 -7.27 3.63 9.39
C LYS F 96 -6.95 2.14 9.44
N GLY F 97 -6.88 1.58 10.65
CA GLY F 97 -6.48 0.19 10.73
C GLY F 97 -6.80 -0.45 12.05
N TYR F 98 -6.44 -1.73 12.15
CA TYR F 98 -6.67 -2.54 13.34
C TYR F 98 -5.34 -2.96 13.96
N ARG F 99 -5.25 -2.87 15.29
CA ARG F 99 -4.10 -3.40 16.00
C ARG F 99 -3.96 -4.89 15.76
N VAL F 100 -2.77 -5.31 15.37
CA VAL F 100 -2.44 -6.72 15.25
C VAL F 100 -2.16 -7.25 16.65
N GLU F 101 -2.79 -8.37 16.99
CA GLU F 101 -2.66 -9.05 18.29
C GLU F 101 -2.05 -10.43 18.10
N GLY F 102 -1.38 -10.91 19.14
CA GLY F 102 -0.86 -12.26 19.14
C GLY F 102 -1.88 -13.36 19.31
N GLY G 4 1.17 -22.22 3.55
CA GLY G 4 0.03 -23.06 3.88
C GLY G 4 0.42 -24.41 4.47
N MET G 5 -0.09 -25.48 3.86
CA MET G 5 0.18 -26.83 4.32
C MET G 5 1.35 -27.41 3.52
N THR G 6 2.56 -27.04 3.91
CA THR G 6 3.75 -27.58 3.29
C THR G 6 3.92 -29.05 3.66
N TYR G 7 4.73 -29.74 2.87
CA TYR G 7 4.98 -31.18 3.01
C TYR G 7 6.38 -31.38 3.58
N HIS G 8 6.47 -32.08 4.71
CA HIS G 8 7.72 -32.20 5.46
C HIS G 8 8.16 -33.67 5.48
N VAL G 9 9.45 -33.89 5.23
CA VAL G 9 10.03 -35.23 5.14
C VAL G 9 11.32 -35.25 5.96
N LEU G 10 11.37 -36.10 6.97
CA LEU G 10 12.53 -36.22 7.85
C LEU G 10 13.21 -37.56 7.63
N VAL G 11 14.51 -37.52 7.31
CA VAL G 11 15.27 -38.70 6.89
C VAL G 11 16.48 -38.89 7.80
N GLN G 12 16.87 -40.15 7.98
CA GLN G 12 17.97 -40.52 8.88
C GLN G 12 18.99 -41.36 8.13
N PHE G 13 20.27 -41.08 8.36
CA PHE G 13 21.38 -41.85 7.80
C PHE G 13 22.42 -42.11 8.87
N ASP G 14 23.07 -43.28 8.77
CA ASP G 14 24.24 -43.60 9.57
C ASP G 14 25.41 -43.90 8.64
N VAL G 15 26.60 -43.47 9.03
CA VAL G 15 27.81 -43.68 8.22
C VAL G 15 28.95 -44.09 9.11
N PRO G 16 29.93 -44.82 8.56
CA PRO G 16 31.09 -45.21 9.37
C PRO G 16 31.86 -44.00 9.87
N SER G 17 32.69 -44.25 10.90
CA SER G 17 33.37 -43.15 11.59
C SER G 17 34.26 -42.34 10.66
N ASP G 18 34.83 -42.97 9.64
CA ASP G 18 35.74 -42.30 8.73
C ASP G 18 35.05 -41.74 7.49
N LYS G 19 33.71 -41.71 7.46
CA LYS G 19 32.96 -41.19 6.34
C LYS G 19 32.09 -39.99 6.73
N ARG G 20 32.40 -39.34 7.86
CA ARG G 20 31.55 -38.26 8.35
C ARG G 20 31.61 -37.04 7.44
N GLU G 21 32.82 -36.57 7.12
CA GLU G 21 32.95 -35.41 6.25
C GLU G 21 32.45 -35.73 4.84
N ALA G 22 32.72 -36.95 4.36
CA ALA G 22 32.27 -37.34 3.03
C ALA G 22 30.75 -37.24 2.92
N PHE G 23 30.03 -37.75 3.93
CA PHE G 23 28.57 -37.66 3.89
C PHE G 23 28.11 -36.22 4.07
N ALA G 24 28.79 -35.46 4.94
CA ALA G 24 28.43 -34.06 5.14
C ALA G 24 28.50 -33.29 3.83
N ALA G 25 29.56 -33.50 3.06
CA ALA G 25 29.69 -32.83 1.77
C ALA G 25 28.64 -33.34 0.79
N ALA G 26 28.36 -34.65 0.82
CA ALA G 26 27.36 -35.20 -0.11
C ALA G 26 25.96 -34.67 0.22
N GLY G 27 25.61 -34.60 1.50
CA GLY G 27 24.32 -34.05 1.88
C GLY G 27 24.19 -32.58 1.57
N LEU G 28 25.29 -31.83 1.66
CA LEU G 28 25.26 -30.41 1.30
C LEU G 28 25.09 -30.25 -0.20
N PHE G 29 25.68 -31.15 -0.99
CA PHE G 29 25.46 -31.13 -2.44
C PHE G 29 23.98 -31.35 -2.75
N ASP G 30 23.38 -32.37 -2.12
CA ASP G 30 21.97 -32.64 -2.32
C ASP G 30 21.11 -31.45 -1.92
N ALA G 31 21.42 -30.85 -0.78
CA ALA G 31 20.65 -29.70 -0.30
C ALA G 31 20.77 -28.51 -1.24
N ASN G 32 22.01 -28.13 -1.57
CA ASN G 32 22.22 -26.94 -2.39
C ASN G 32 21.73 -27.15 -3.82
N GLY G 33 21.95 -28.34 -4.38
CA GLY G 33 21.50 -28.59 -5.74
C GLY G 33 19.99 -28.66 -5.86
N SER G 34 19.32 -29.23 -4.86
CA SER G 34 17.86 -29.32 -4.90
C SER G 34 17.22 -27.96 -4.69
N LEU G 35 17.68 -27.20 -3.71
CA LEU G 35 17.11 -25.89 -3.45
C LEU G 35 17.31 -24.95 -4.64
N GLN G 36 18.45 -25.04 -5.31
CA GLN G 36 18.77 -24.12 -6.38
C GLN G 36 18.02 -24.44 -7.68
N ASN G 37 17.70 -25.71 -7.92
CA ASN G 37 17.16 -26.12 -9.20
C ASN G 37 15.74 -26.68 -9.13
N GLU G 38 15.17 -26.82 -7.94
CA GLU G 38 13.82 -27.40 -7.80
C GLU G 38 12.91 -26.38 -7.15
N PRO G 39 12.07 -25.67 -7.93
CA PRO G 39 11.22 -24.63 -7.35
C PRO G 39 10.29 -25.15 -6.27
N GLY G 40 9.88 -26.41 -6.33
CA GLY G 40 9.03 -26.99 -5.31
C GLY G 40 9.74 -27.40 -4.04
N THR G 41 11.07 -27.38 -4.02
CA THR G 41 11.85 -27.70 -2.83
C THR G 41 12.11 -26.41 -2.07
N LEU G 42 11.46 -26.27 -0.91
CA LEU G 42 11.47 -25.01 -0.17
C LEU G 42 12.54 -24.94 0.89
N ARG G 43 12.87 -26.05 1.54
CA ARG G 43 13.85 -26.06 2.62
C ARG G 43 14.52 -27.42 2.64
N PHE G 44 15.83 -27.43 2.93
CA PHE G 44 16.60 -28.67 2.90
C PHE G 44 17.82 -28.48 3.79
N GLU G 45 17.83 -29.13 4.95
CA GLU G 45 18.86 -28.93 5.95
C GLU G 45 19.53 -30.26 6.28
N VAL G 46 20.86 -30.22 6.42
CA VAL G 46 21.65 -31.37 6.84
C VAL G 46 21.99 -31.17 8.31
N ILE G 47 21.57 -32.11 9.15
CA ILE G 47 21.71 -32.00 10.60
C ILE G 47 22.51 -33.20 11.11
N ARG G 48 23.46 -32.93 12.00
CA ARG G 48 24.28 -33.96 12.63
C ARG G 48 23.83 -34.15 14.07
N ASP G 49 23.65 -35.40 14.47
CA ASP G 49 23.17 -35.69 15.82
C ASP G 49 24.15 -35.15 16.86
N GLU G 50 23.60 -34.60 17.94
CA GLU G 50 24.44 -33.88 18.91
C GLU G 50 25.42 -34.80 19.63
N ASN G 51 25.08 -36.09 19.80
CA ASN G 51 25.95 -37.04 20.46
C ASN G 51 26.50 -38.11 19.52
N ASN G 52 25.66 -38.64 18.63
CA ASN G 52 26.06 -39.72 17.73
C ASN G 52 26.72 -39.09 16.50
N ARG G 53 28.06 -39.12 16.48
CA ARG G 53 28.82 -38.50 15.40
C ARG G 53 28.61 -39.20 14.06
N ASN G 54 28.12 -40.43 14.06
CA ASN G 54 27.92 -41.20 12.83
C ASN G 54 26.52 -41.05 12.26
N ARG G 55 25.63 -40.33 12.92
CA ARG G 55 24.23 -40.24 12.54
C ARG G 55 23.91 -38.84 12.04
N PHE G 56 23.27 -38.76 10.87
CA PHE G 56 22.85 -37.50 10.29
C PHE G 56 21.35 -37.55 10.00
N TYR G 57 20.76 -36.36 9.85
CA TYR G 57 19.35 -36.24 9.51
C TYR G 57 19.19 -35.22 8.39
N LEU G 58 18.22 -35.48 7.50
CA LEU G 58 17.82 -34.54 6.46
C LEU G 58 16.42 -34.05 6.77
N ASP G 59 16.27 -32.74 6.94
CA ASP G 59 14.99 -32.10 7.20
C ASP G 59 14.58 -31.36 5.93
N GLU G 60 13.61 -31.93 5.21
CA GLU G 60 13.23 -31.45 3.89
C GLU G 60 11.80 -30.95 3.90
N VAL G 61 11.56 -29.83 3.20
CA VAL G 61 10.25 -29.20 3.11
C VAL G 61 9.94 -28.94 1.64
N TYR G 62 8.73 -29.29 1.22
CA TYR G 62 8.35 -29.19 -0.17
C TYR G 62 7.02 -28.44 -0.32
N GLU G 63 6.80 -27.94 -1.53
CA GLU G 63 5.54 -27.29 -1.87
C GLU G 63 4.35 -28.18 -1.52
N ASP G 64 4.36 -29.40 -2.01
CA ASP G 64 3.32 -30.38 -1.76
C ASP G 64 3.92 -31.78 -1.91
N GLU G 65 3.07 -32.80 -1.86
CA GLU G 65 3.57 -34.17 -2.00
C GLU G 65 4.13 -34.41 -3.39
N ALA G 66 3.51 -33.82 -4.41
CA ALA G 66 3.99 -34.02 -5.78
C ALA G 66 5.39 -33.47 -5.97
N ALA G 67 5.73 -32.38 -5.28
CA ALA G 67 7.07 -31.82 -5.39
C ALA G 67 8.12 -32.75 -4.80
N PHE G 68 7.78 -33.42 -3.70
CA PHE G 68 8.68 -34.43 -3.14
C PHE G 68 8.85 -35.60 -4.10
N LEU G 69 7.74 -36.05 -4.69
CA LEU G 69 7.81 -37.16 -5.64
C LEU G 69 8.66 -36.80 -6.85
N GLN G 70 8.60 -35.54 -7.29
CA GLN G 70 9.43 -35.11 -8.40
C GLN G 70 10.90 -35.02 -7.99
N HIS G 71 11.15 -34.52 -6.77
CA HIS G 71 12.52 -34.49 -6.26
C HIS G 71 13.14 -35.88 -6.23
N CYS G 72 12.33 -36.89 -5.91
CA CYS G 72 12.82 -38.27 -5.89
C CYS G 72 13.22 -38.77 -7.27
N ARG G 73 12.76 -38.11 -8.34
CA ARG G 73 13.00 -38.56 -9.70
C ARG G 73 14.06 -37.75 -10.43
N ASN G 74 14.59 -36.69 -9.81
CA ASN G 74 15.50 -35.79 -10.50
C ASN G 74 16.94 -36.23 -10.33
N GLU G 75 17.86 -35.45 -10.92
CA GLU G 75 19.26 -35.85 -11.02
C GLU G 75 20.07 -35.55 -9.76
N THR G 76 19.65 -34.55 -8.98
CA THR G 76 20.40 -34.19 -7.77
C THR G 76 20.44 -35.37 -6.80
N ILE G 77 19.28 -35.98 -6.53
CA ILE G 77 19.23 -37.10 -5.59
C ILE G 77 19.95 -38.31 -6.16
N ALA G 78 19.89 -38.50 -7.49
CA ALA G 78 20.58 -39.63 -8.10
C ALA G 78 22.09 -39.51 -7.92
N ARG G 79 22.62 -38.29 -8.05
CA ARG G 79 24.04 -38.06 -7.82
C ARG G 79 24.38 -38.17 -6.34
N PHE G 80 23.47 -37.73 -5.47
CA PHE G 80 23.66 -37.88 -4.03
C PHE G 80 23.89 -39.34 -3.67
N TYR G 81 23.04 -40.23 -4.17
CA TYR G 81 23.15 -41.64 -3.83
C TYR G 81 24.38 -42.28 -4.47
N GLU G 82 24.81 -41.80 -5.64
CA GLU G 82 26.06 -42.29 -6.22
C GLU G 82 27.25 -41.96 -5.33
N LEU G 83 27.19 -40.82 -4.63
CA LEU G 83 28.32 -40.41 -3.78
C LEU G 83 28.40 -41.26 -2.52
N ILE G 84 27.26 -41.70 -1.98
CA ILE G 84 27.23 -42.34 -0.66
C ILE G 84 26.97 -43.84 -0.72
N ASP G 85 26.72 -44.41 -1.90
CA ASP G 85 26.24 -45.78 -1.97
C ASP G 85 27.24 -46.78 -1.38
N SER G 86 28.53 -46.48 -1.45
CA SER G 86 29.53 -47.44 -1.02
C SER G 86 29.75 -47.48 0.49
N TYR G 87 29.02 -46.69 1.28
CA TYR G 87 29.27 -46.72 2.72
C TYR G 87 28.05 -46.44 3.59
N ALA G 88 27.03 -45.75 3.06
CA ALA G 88 25.98 -45.21 3.91
C ALA G 88 24.91 -46.23 4.24
N PHE G 89 24.44 -46.20 5.48
CA PHE G 89 23.25 -46.93 5.91
C PHE G 89 22.06 -45.99 5.87
N GLY G 90 21.00 -46.40 5.17
CA GLY G 90 19.84 -45.57 5.00
C GLY G 90 19.39 -45.55 3.55
N PRO G 91 18.36 -44.74 3.26
CA PRO G 91 17.65 -43.82 4.15
C PRO G 91 16.60 -44.48 5.06
N LEU G 92 16.44 -43.95 6.28
CA LEU G 92 15.33 -44.30 7.15
C LEU G 92 14.42 -43.09 7.23
N PHE G 93 13.21 -43.22 6.68
CA PHE G 93 12.25 -42.11 6.70
C PHE G 93 11.60 -42.06 8.07
N LEU G 94 11.99 -41.07 8.88
CA LEU G 94 11.38 -40.90 10.19
C LEU G 94 9.89 -40.61 10.07
N PHE G 95 9.53 -39.58 9.31
CA PHE G 95 8.12 -39.35 9.03
C PHE G 95 7.96 -38.54 7.75
N LYS G 96 6.75 -38.54 7.23
CA LYS G 96 6.27 -37.59 6.24
C LYS G 96 4.99 -36.98 6.78
N GLY G 97 4.84 -35.67 6.64
CA GLY G 97 3.70 -35.03 7.26
C GLY G 97 3.35 -33.69 6.65
N TYR G 98 2.26 -33.11 7.15
CA TYR G 98 1.75 -31.84 6.69
C TYR G 98 1.77 -30.82 7.82
N ARG G 99 2.23 -29.61 7.50
CA ARG G 99 2.31 -28.54 8.47
C ARG G 99 0.92 -28.10 8.93
N VAL G 100 0.78 -27.87 10.22
CA VAL G 100 -0.49 -27.42 10.80
C VAL G 100 -0.52 -25.89 10.77
N GLU G 101 -1.57 -25.35 10.15
CA GLU G 101 -1.80 -23.91 10.02
C GLU G 101 -0.54 -23.11 9.73
N GLY H 4 23.56 -20.24 10.49
CA GLY H 4 24.81 -20.85 10.90
C GLY H 4 24.63 -22.25 11.47
N MET H 5 25.43 -22.57 12.49
CA MET H 5 25.39 -23.89 13.13
C MET H 5 24.31 -23.84 14.21
N THR H 6 23.06 -23.93 13.75
CA THR H 6 21.92 -23.84 14.65
C THR H 6 21.65 -25.18 15.32
N TYR H 7 20.78 -25.15 16.32
CA TYR H 7 20.50 -26.29 17.18
C TYR H 7 19.06 -26.75 16.95
N HIS H 8 18.89 -28.01 16.57
CA HIS H 8 17.61 -28.52 16.10
C HIS H 8 17.08 -29.59 17.04
N VAL H 9 15.78 -29.50 17.37
CA VAL H 9 15.12 -30.41 18.29
C VAL H 9 13.84 -30.90 17.64
N LEU H 10 13.70 -32.22 17.52
CA LEU H 10 12.52 -32.86 16.92
C LEU H 10 11.79 -33.67 17.98
N VAL H 11 10.49 -33.40 18.13
CA VAL H 11 9.68 -33.95 19.21
C VAL H 11 8.44 -34.62 18.64
N GLN H 12 7.94 -35.64 19.35
CA GLN H 12 6.81 -36.44 18.89
C GLN H 12 5.78 -36.61 20.00
N PHE H 13 4.49 -36.53 19.62
CA PHE H 13 3.39 -36.71 20.54
C PHE H 13 2.31 -37.57 19.89
N ASP H 14 1.60 -38.34 20.73
CA ASP H 14 0.40 -39.05 20.32
C ASP H 14 -0.77 -38.61 21.20
N VAL H 15 -1.93 -38.41 20.59
CA VAL H 15 -3.12 -37.95 21.32
C VAL H 15 -4.29 -38.83 20.94
N PRO H 16 -5.29 -38.93 21.82
CA PRO H 16 -6.51 -39.68 21.47
C PRO H 16 -7.26 -39.01 20.33
N SER H 17 -8.06 -39.81 19.62
CA SER H 17 -8.68 -39.35 18.38
C SER H 17 -9.61 -38.17 18.60
N ASP H 18 -10.21 -38.06 19.78
CA ASP H 18 -11.12 -36.96 20.08
C ASP H 18 -10.39 -35.72 20.60
N LYS H 19 -9.06 -35.72 20.57
CA LYS H 19 -8.27 -34.58 21.02
C LYS H 19 -7.32 -34.07 19.92
N ARG H 20 -7.60 -34.41 18.66
CA ARG H 20 -6.72 -33.97 17.58
C ARG H 20 -6.75 -32.45 17.41
N GLU H 21 -7.93 -31.86 17.46
CA GLU H 21 -8.03 -30.40 17.33
C GLU H 21 -7.46 -29.70 18.56
N ALA H 22 -7.69 -30.26 19.75
CA ALA H 22 -7.20 -29.62 20.96
C ALA H 22 -5.68 -29.55 20.98
N PHE H 23 -5.01 -30.63 20.54
CA PHE H 23 -3.54 -30.62 20.55
C PHE H 23 -3.00 -29.66 19.49
N ALA H 24 -3.60 -29.64 18.30
CA ALA H 24 -3.13 -28.73 17.26
C ALA H 24 -3.18 -27.29 17.73
N ALA H 25 -4.27 -26.90 18.40
CA ALA H 25 -4.38 -25.56 18.94
C ALA H 25 -3.32 -25.33 20.03
N ALA H 26 -3.08 -26.35 20.87
CA ALA H 26 -2.05 -26.23 21.89
C ALA H 26 -0.67 -26.09 21.26
N GLY H 27 -0.40 -26.88 20.21
CA GLY H 27 0.89 -26.79 19.55
C GLY H 27 1.11 -25.44 18.88
N LEU H 28 0.07 -24.91 18.24
CA LEU H 28 0.18 -23.60 17.60
C LEU H 28 0.41 -22.49 18.64
N PHE H 29 -0.22 -22.63 19.82
CA PHE H 29 0.05 -21.66 20.88
C PHE H 29 1.51 -21.71 21.31
N ASP H 30 2.05 -22.93 21.47
CA ASP H 30 3.45 -23.09 21.82
C ASP H 30 4.35 -22.45 20.76
N ALA H 31 4.07 -22.73 19.49
CA ALA H 31 4.89 -22.22 18.40
C ALA H 31 4.82 -20.70 18.33
N ASN H 32 3.61 -20.15 18.29
CA ASN H 32 3.45 -18.71 18.11
C ASN H 32 3.94 -17.94 19.32
N GLY H 33 3.64 -18.42 20.53
CA GLY H 33 4.10 -17.73 21.72
C GLY H 33 5.61 -17.77 21.88
N SER H 34 6.22 -18.91 21.53
CA SER H 34 7.68 -19.04 21.66
C SER H 34 8.39 -18.15 20.65
N LEU H 35 7.90 -18.12 19.41
CA LEU H 35 8.56 -17.36 18.36
C LEU H 35 8.51 -15.86 18.64
N GLN H 36 7.38 -15.39 19.17
CA GLN H 36 7.20 -13.95 19.33
C GLN H 36 7.97 -13.40 20.53
N ASN H 37 8.23 -14.22 21.56
CA ASN H 37 8.76 -13.76 22.83
C ASN H 37 10.15 -14.30 23.17
N GLU H 38 10.68 -15.24 22.41
CA GLU H 38 12.02 -15.80 22.70
C GLU H 38 12.97 -15.48 21.56
N PRO H 39 13.92 -14.55 21.76
CA PRO H 39 14.85 -14.21 20.67
C PRO H 39 15.70 -15.38 20.21
N GLY H 40 15.95 -16.35 21.09
CA GLY H 40 16.73 -17.52 20.72
C GLY H 40 15.97 -18.62 20.02
N THR H 41 14.64 -18.52 19.95
CA THR H 41 13.82 -19.51 19.27
C THR H 41 13.59 -19.04 17.84
N LEU H 42 14.24 -19.72 16.88
CA LEU H 42 14.29 -19.24 15.51
C LEU H 42 13.21 -19.85 14.63
N ARG H 43 12.75 -21.06 14.92
CA ARG H 43 11.74 -21.72 14.11
CA ARG H 43 11.72 -21.70 14.12
C ARG H 43 10.97 -22.70 14.99
N PHE H 44 9.68 -22.86 14.69
CA PHE H 44 8.81 -23.74 15.48
C PHE H 44 7.61 -24.13 14.62
N GLU H 45 7.59 -25.36 14.13
CA GLU H 45 6.52 -25.84 13.26
C GLU H 45 5.79 -27.01 13.93
N VAL H 46 4.48 -27.06 13.73
CA VAL H 46 3.64 -28.15 14.20
C VAL H 46 3.24 -28.97 12.97
N ILE H 47 3.57 -30.25 12.97
CA ILE H 47 3.40 -31.13 11.81
C ILE H 47 2.52 -32.31 12.19
N ARG H 48 1.55 -32.61 11.33
CA ARG H 48 0.67 -33.77 11.47
C ARG H 48 1.19 -34.89 10.59
N ASP H 49 1.18 -36.12 11.11
CA ASP H 49 1.61 -37.26 10.31
C ASP H 49 0.65 -37.48 9.16
N GLU H 50 1.19 -37.86 7.99
CA GLU H 50 0.37 -37.94 6.79
C GLU H 50 -0.64 -39.07 6.85
N ASN H 51 -0.34 -40.14 7.60
CA ASN H 51 -1.23 -41.29 7.72
C ASN H 51 -1.82 -41.45 9.10
N ASN H 52 -1.05 -41.18 10.15
CA ASN H 52 -1.49 -41.38 11.53
C ASN H 52 -2.05 -40.05 12.04
N ARG H 53 -3.38 -39.96 12.11
CA ARG H 53 -4.07 -38.76 12.55
CA ARG H 53 -4.04 -38.73 12.54
C ARG H 53 -3.90 -38.47 14.03
N ASN H 54 -3.37 -39.41 14.80
CA ASN H 54 -3.15 -39.22 16.22
C ASN H 54 -1.74 -38.76 16.56
N ARG H 55 -0.85 -38.68 15.57
CA ARG H 55 0.56 -38.45 15.80
C ARG H 55 0.97 -37.08 15.27
N PHE H 56 1.66 -36.30 16.11
CA PHE H 56 2.13 -34.97 15.75
C PHE H 56 3.62 -34.85 16.01
N TYR H 57 4.27 -33.93 15.30
CA TYR H 57 5.67 -33.63 15.49
C TYR H 57 5.89 -32.13 15.63
N LEU H 58 6.84 -31.76 16.48
CA LEU H 58 7.27 -30.36 16.64
C LEU H 58 8.70 -30.24 16.14
N ASP H 59 8.90 -29.37 15.16
CA ASP H 59 10.21 -29.14 14.55
C ASP H 59 10.71 -27.78 15.03
N GLU H 60 11.65 -27.80 15.98
CA GLU H 60 12.10 -26.60 16.67
C GLU H 60 13.57 -26.32 16.35
N VAL H 61 13.89 -25.04 16.15
CA VAL H 61 15.25 -24.60 15.84
C VAL H 61 15.61 -23.44 16.76
N TYR H 62 16.83 -23.48 17.29
CA TYR H 62 17.30 -22.49 18.25
C TYR H 62 18.68 -21.97 17.85
N GLU H 63 19.03 -20.82 18.42
CA GLU H 63 20.33 -20.21 18.17
C GLU H 63 21.46 -21.14 18.60
N ASP H 64 21.31 -21.79 19.75
CA ASP H 64 22.29 -22.73 20.29
C ASP H 64 21.57 -23.54 21.37
N GLU H 65 22.31 -24.42 22.04
CA GLU H 65 21.69 -25.21 23.10
C GLU H 65 21.23 -24.34 24.25
N ALA H 66 21.97 -23.27 24.57
CA ALA H 66 21.54 -22.39 25.65
C ALA H 66 20.15 -21.82 25.38
N ALA H 67 19.87 -21.45 24.13
CA ALA H 67 18.55 -20.93 23.77
C ALA H 67 17.46 -21.98 23.95
N PHE H 68 17.79 -23.27 23.78
CA PHE H 68 16.82 -24.33 24.04
C PHE H 68 16.57 -24.48 25.54
N LEU H 69 17.63 -24.37 26.35
CA LEU H 69 17.48 -24.44 27.79
C LEU H 69 16.60 -23.30 28.31
N GLN H 70 16.80 -22.10 27.77
CA GLN H 70 15.95 -20.97 28.15
C GLN H 70 14.50 -21.19 27.73
N HIS H 71 14.29 -21.77 26.55
CA HIS H 71 12.93 -22.09 26.12
C HIS H 71 12.26 -23.07 27.09
N CYS H 72 12.99 -24.09 27.52
CA CYS H 72 12.45 -25.05 28.48
C CYS H 72 12.13 -24.39 29.82
N ARG H 73 12.75 -23.25 30.12
CA ARG H 73 12.54 -22.57 31.38
C ARG H 73 11.47 -21.47 31.32
N ASN H 74 10.99 -21.13 30.11
CA ASN H 74 10.08 -20.00 29.96
C ASN H 74 8.63 -20.43 30.22
N GLU H 75 7.72 -19.46 30.11
CA GLU H 75 6.33 -19.66 30.49
C GLU H 75 5.49 -20.30 29.40
N THR H 76 5.85 -20.10 28.13
CA THR H 76 5.06 -20.65 27.02
C THR H 76 4.99 -22.17 27.12
N ILE H 77 6.14 -22.83 27.33
CA ILE H 77 6.15 -24.29 27.39
C ILE H 77 5.44 -24.79 28.63
N ALA H 78 5.46 -24.01 29.72
CA ALA H 78 4.71 -24.41 30.91
C ALA H 78 3.22 -24.42 30.63
N ARG H 79 2.72 -23.40 29.93
CA ARG H 79 1.31 -23.35 29.59
C ARG H 79 0.95 -24.43 28.57
N PHE H 80 1.87 -24.72 27.64
CA PHE H 80 1.65 -25.80 26.68
C PHE H 80 1.38 -27.12 27.39
N TYR H 81 2.18 -27.43 28.40
CA TYR H 81 2.00 -28.70 29.12
C TYR H 81 0.75 -28.67 30.00
N GLU H 82 0.35 -27.50 30.48
CA GLU H 82 -0.93 -27.39 31.17
C GLU H 82 -2.10 -27.77 30.26
N LEU H 83 -1.98 -27.46 28.96
CA LEU H 83 -3.06 -27.71 28.02
C LEU H 83 -3.21 -29.19 27.66
N ILE H 84 -2.10 -29.94 27.60
CA ILE H 84 -2.11 -31.29 27.04
C ILE H 84 -1.91 -32.38 28.09
N ASP H 85 -1.65 -32.02 29.35
CA ASP H 85 -1.22 -33.03 30.32
C ASP H 85 -2.29 -34.10 30.55
N SER H 86 -3.56 -33.76 30.36
CA SER H 86 -4.64 -34.69 30.68
C SER H 86 -4.91 -35.72 29.60
N TYR H 87 -4.20 -35.69 28.47
CA TYR H 87 -4.52 -36.64 27.41
C TYR H 87 -3.31 -37.05 26.57
N ALA H 88 -2.28 -36.22 26.51
CA ALA H 88 -1.22 -36.41 25.53
C ALA H 88 -0.23 -37.48 25.95
N PHE H 89 0.22 -38.27 24.97
CA PHE H 89 1.33 -39.20 25.15
C PHE H 89 2.59 -38.56 24.59
N GLY H 90 3.60 -38.40 25.43
CA GLY H 90 4.83 -37.75 25.03
C GLY H 90 5.32 -36.80 26.11
N PRO H 91 6.39 -36.05 25.83
CA PRO H 91 7.11 -36.02 24.55
C PRO H 91 8.09 -37.16 24.34
N LEU H 92 8.25 -37.56 23.09
CA LEU H 92 9.34 -38.42 22.66
C LEU H 92 10.28 -37.57 21.81
N PHE H 93 11.52 -37.43 22.24
CA PHE H 93 12.51 -36.64 21.52
C PHE H 93 13.15 -37.52 20.45
N LEU H 94 12.83 -37.24 19.18
CA LEU H 94 13.41 -38.02 18.10
C LEU H 94 14.91 -37.78 18.00
N PHE H 95 15.33 -36.51 18.02
CA PHE H 95 16.76 -36.22 18.08
C PHE H 95 16.97 -34.77 18.49
N LYS H 96 18.21 -34.47 18.89
CA LYS H 96 18.74 -33.13 18.98
C LYS H 96 20.05 -33.09 18.21
N GLY H 97 20.27 -32.01 17.47
CA GLY H 97 21.43 -31.98 16.61
C GLY H 97 21.84 -30.58 16.19
N TYR H 98 22.94 -30.51 15.44
CA TYR H 98 23.51 -29.25 14.96
C TYR H 98 23.53 -29.25 13.44
N ARG H 99 23.17 -28.10 12.86
CA ARG H 99 23.10 -27.98 11.41
C ARG H 99 24.49 -27.95 10.80
N VAL H 100 24.65 -28.69 9.71
CA VAL H 100 25.90 -28.68 8.95
C VAL H 100 25.85 -27.52 7.96
N GLU H 101 26.86 -26.66 7.98
CA GLU H 101 26.89 -25.49 7.12
C GLU H 101 27.73 -25.74 5.86
N GLY I 4 -15.63 37.81 7.46
CA GLY I 4 -16.84 38.37 6.90
C GLY I 4 -17.42 37.51 5.78
N MET I 5 -17.16 36.21 5.84
CA MET I 5 -17.64 35.26 4.85
C MET I 5 -18.44 34.11 5.43
N THR I 6 -18.13 33.70 6.66
CA THR I 6 -18.88 32.64 7.31
C THR I 6 -20.34 33.04 7.48
N TYR I 7 -21.25 32.17 7.04
CA TYR I 7 -22.66 32.51 6.84
C TYR I 7 -23.51 31.82 7.90
N HIS I 8 -24.23 32.62 8.69
CA HIS I 8 -25.07 32.12 9.78
C HIS I 8 -26.54 32.26 9.43
N VAL I 9 -27.32 31.22 9.73
CA VAL I 9 -28.76 31.20 9.50
C VAL I 9 -29.44 30.69 10.77
N LEU I 10 -30.37 31.48 11.30
CA LEU I 10 -31.11 31.12 12.52
C LEU I 10 -32.58 30.99 12.17
N VAL I 11 -33.17 29.83 12.45
CA VAL I 11 -34.52 29.49 12.05
C VAL I 11 -35.34 29.14 13.29
N GLN I 12 -36.66 29.40 13.22
CA GLN I 12 -37.57 29.18 14.33
C GLN I 12 -38.80 28.43 13.87
N PHE I 13 -39.25 27.47 14.68
CA PHE I 13 -40.45 26.68 14.40
C PHE I 13 -41.31 26.59 15.67
N ASP I 14 -42.62 26.48 15.47
CA ASP I 14 -43.57 26.15 16.52
C ASP I 14 -44.29 24.86 16.16
N VAL I 15 -44.47 23.98 17.14
CA VAL I 15 -45.13 22.69 16.91
C VAL I 15 -46.20 22.47 17.97
N PRO I 16 -47.25 21.71 17.67
CA PRO I 16 -48.26 21.39 18.69
C PRO I 16 -47.64 20.59 19.84
N SER I 17 -48.33 20.64 20.99
CA SER I 17 -47.80 20.03 22.20
C SER I 17 -47.53 18.54 22.04
N ASP I 18 -48.32 17.85 21.22
CA ASP I 18 -48.16 16.42 21.03
C ASP I 18 -47.13 16.07 19.95
N LYS I 19 -46.42 17.06 19.40
CA LYS I 19 -45.44 16.83 18.34
C LYS I 19 -44.05 17.28 18.74
N ARG I 20 -43.79 17.46 20.04
CA ARG I 20 -42.48 17.91 20.48
C ARG I 20 -41.40 16.89 20.14
N GLU I 21 -41.64 15.62 20.49
CA GLU I 21 -40.66 14.57 20.21
C GLU I 21 -40.52 14.35 18.71
N ALA I 22 -41.62 14.40 17.97
CA ALA I 22 -41.56 14.17 16.53
C ALA I 22 -40.71 15.21 15.83
N PHE I 23 -40.84 16.48 16.22
CA PHE I 23 -40.05 17.53 15.58
C PHE I 23 -38.58 17.43 15.97
N ALA I 24 -38.31 17.15 17.25
CA ALA I 24 -36.92 17.04 17.70
C ALA I 24 -36.19 15.95 16.92
N ALA I 25 -36.84 14.80 16.70
CA ALA I 25 -36.23 13.74 15.90
C ALA I 25 -36.03 14.20 14.46
N ALA I 26 -37.00 14.93 13.90
CA ALA I 26 -36.84 15.43 12.55
C ALA I 26 -35.69 16.42 12.46
N GLY I 27 -35.52 17.25 13.49
CA GLY I 27 -34.42 18.22 13.47
C GLY I 27 -33.07 17.55 13.55
N LEU I 28 -32.96 16.49 14.34
CA LEU I 28 -31.68 15.80 14.46
C LEU I 28 -31.33 15.03 13.19
N PHE I 29 -32.33 14.47 12.50
CA PHE I 29 -32.06 13.84 11.21
C PHE I 29 -31.62 14.87 10.18
N ASP I 30 -32.28 16.04 10.19
CA ASP I 30 -31.86 17.14 9.32
C ASP I 30 -30.43 17.56 9.64
N ALA I 31 -30.12 17.74 10.94
CA ALA I 31 -28.80 18.20 11.34
C ALA I 31 -27.73 17.18 11.00
N ASN I 32 -27.96 15.91 11.36
CA ASN I 32 -26.94 14.90 11.14
CA ASN I 32 -26.96 14.87 11.14
C ASN I 32 -26.78 14.59 9.66
N GLY I 33 -27.87 14.57 8.90
CA GLY I 33 -27.76 14.33 7.46
C GLY I 33 -27.05 15.46 6.74
N SER I 34 -27.27 16.70 7.19
CA SER I 34 -26.61 17.84 6.56
C SER I 34 -25.13 17.89 6.90
N LEU I 35 -24.78 17.62 8.16
CA LEU I 35 -23.38 17.67 8.57
C LEU I 35 -22.58 16.54 7.96
N GLN I 36 -23.20 15.37 7.77
CA GLN I 36 -22.48 14.22 7.24
C GLN I 36 -22.30 14.28 5.73
N ASN I 37 -23.31 14.73 4.99
CA ASN I 37 -23.34 14.58 3.55
C ASN I 37 -23.22 15.90 2.79
N GLU I 38 -22.91 17.00 3.47
CA GLU I 38 -22.73 18.29 2.81
C GLU I 38 -21.43 18.92 3.29
N PRO I 39 -20.39 18.91 2.45
CA PRO I 39 -19.09 19.45 2.91
C PRO I 39 -19.15 20.91 3.33
N GLY I 40 -19.97 21.73 2.69
CA GLY I 40 -20.04 23.14 3.01
C GLY I 40 -20.79 23.48 4.29
N THR I 41 -21.40 22.50 4.94
CA THR I 41 -22.15 22.71 6.17
C THR I 41 -21.23 22.53 7.36
N LEU I 42 -21.05 23.58 8.16
CA LEU I 42 -20.14 23.56 9.29
C LEU I 42 -20.82 23.34 10.64
N ARG I 43 -22.07 23.79 10.79
CA ARG I 43 -22.76 23.63 12.06
C ARG I 43 -24.26 23.53 11.81
N PHE I 44 -24.93 22.69 12.61
CA PHE I 44 -26.39 22.53 12.52
C PHE I 44 -26.86 22.04 13.88
N GLU I 45 -27.35 22.96 14.71
CA GLU I 45 -27.80 22.64 16.05
C GLU I 45 -29.32 22.75 16.15
N VAL I 46 -29.92 21.85 16.92
CA VAL I 46 -31.33 21.90 17.27
C VAL I 46 -31.44 22.36 18.72
N ILE I 47 -32.21 23.42 18.95
CA ILE I 47 -32.31 24.05 20.27
C ILE I 47 -33.78 24.17 20.65
N ARG I 48 -34.07 23.85 21.91
CA ARG I 48 -35.42 23.98 22.46
C ARG I 48 -35.47 25.20 23.36
N ASP I 49 -36.55 25.98 23.24
CA ASP I 49 -36.72 27.14 24.10
C ASP I 49 -36.79 26.72 25.57
N GLU I 50 -36.09 27.48 26.43
CA GLU I 50 -35.96 27.09 27.83
C GLU I 50 -37.29 27.07 28.57
N ASN I 51 -38.27 27.85 28.11
CA ASN I 51 -39.58 27.90 28.75
C ASN I 51 -40.72 27.42 27.84
N ASN I 52 -40.66 27.74 26.55
CA ASN I 52 -41.76 27.40 25.64
C ASN I 52 -41.43 26.05 25.03
N ARG I 53 -42.16 25.03 25.49
CA ARG I 53 -41.96 23.65 25.07
CA ARG I 53 -41.88 23.68 25.04
C ARG I 53 -42.36 23.41 23.63
N ASN I 54 -43.11 24.32 23.02
CA ASN I 54 -43.56 24.13 21.64
C ASN I 54 -42.70 24.82 20.60
N ARG I 55 -41.65 25.51 21.02
CA ARG I 55 -40.84 26.33 20.15
C ARG I 55 -39.41 25.78 20.06
N PHE I 56 -38.91 25.66 18.84
CA PHE I 56 -37.57 25.15 18.57
C PHE I 56 -36.82 26.11 17.67
N TYR I 57 -35.49 26.10 17.78
CA TYR I 57 -34.63 26.92 16.93
C TYR I 57 -33.57 26.05 16.28
N LEU I 58 -33.20 26.40 15.06
CA LEU I 58 -32.11 25.76 14.32
C LEU I 58 -31.00 26.78 14.08
N ASP I 59 -29.81 26.47 14.56
CA ASP I 59 -28.63 27.34 14.47
C ASP I 59 -27.68 26.73 13.46
N GLU I 60 -27.62 27.31 12.26
CA GLU I 60 -26.89 26.75 11.14
C GLU I 60 -25.76 27.67 10.70
N VAL I 61 -24.62 27.07 10.36
CA VAL I 61 -23.45 27.80 9.87
C VAL I 61 -22.93 27.11 8.61
N TYR I 62 -22.59 27.91 7.61
CA TYR I 62 -22.07 27.41 6.34
C TYR I 62 -20.81 28.17 5.98
N GLU I 63 -19.98 27.55 5.11
CA GLU I 63 -18.71 28.16 4.74
C GLU I 63 -18.91 29.48 4.01
N ASP I 64 -20.01 29.60 3.27
CA ASP I 64 -20.39 30.84 2.60
C ASP I 64 -21.87 30.75 2.25
N GLU I 65 -22.41 31.84 1.69
CA GLU I 65 -23.83 31.84 1.36
C GLU I 65 -24.15 30.85 0.25
N ALA I 66 -23.22 30.64 -0.69
CA ALA I 66 -23.45 29.67 -1.75
C ALA I 66 -23.70 28.28 -1.19
N ALA I 67 -23.03 27.93 -0.09
CA ALA I 67 -23.23 26.62 0.51
C ALA I 67 -24.63 26.49 1.11
N PHE I 68 -25.17 27.58 1.65
CA PHE I 68 -26.53 27.53 2.18
C PHE I 68 -27.55 27.34 1.07
N LEU I 69 -27.38 28.04 -0.05
CA LEU I 69 -28.30 27.87 -1.17
C LEU I 69 -28.26 26.45 -1.71
N GLN I 70 -27.07 25.85 -1.76
CA GLN I 70 -26.94 24.45 -2.15
C GLN I 70 -27.66 23.55 -1.16
N HIS I 71 -27.55 23.86 0.14
CA HIS I 71 -28.23 23.08 1.16
C HIS I 71 -29.74 23.11 0.96
N CYS I 72 -30.28 24.27 0.56
CA CYS I 72 -31.72 24.39 0.33
C CYS I 72 -32.20 23.58 -0.87
N ARG I 73 -31.29 23.15 -1.73
CA ARG I 73 -31.64 22.36 -2.90
C ARG I 73 -31.31 20.88 -2.76
N ASN I 74 -30.78 20.45 -1.62
CA ASN I 74 -30.35 19.07 -1.44
C ASN I 74 -31.49 18.20 -0.93
N GLU I 75 -31.20 16.90 -0.78
CA GLU I 75 -32.22 15.93 -0.41
C GLU I 75 -32.59 15.99 1.07
N THR I 76 -31.63 16.36 1.93
CA THR I 76 -31.86 16.29 3.37
C THR I 76 -32.97 17.26 3.80
N ILE I 77 -32.89 18.50 3.34
CA ILE I 77 -33.92 19.48 3.73
C ILE I 77 -35.28 19.09 3.17
N ALA I 78 -35.30 18.51 1.96
CA ALA I 78 -36.57 18.11 1.36
C ALA I 78 -37.22 17.00 2.17
N ARG I 79 -36.42 16.03 2.63
CA ARG I 79 -36.93 14.98 3.50
C ARG I 79 -37.43 15.57 4.82
N PHE I 80 -36.70 16.55 5.35
CA PHE I 80 -37.08 17.21 6.60
C PHE I 80 -38.48 17.79 6.51
N TYR I 81 -38.78 18.49 5.42
CA TYR I 81 -40.09 19.12 5.28
C TYR I 81 -41.19 18.10 5.02
N GLU I 82 -40.86 16.97 4.41
CA GLU I 82 -41.85 15.90 4.30
C GLU I 82 -42.25 15.37 5.67
N LEU I 83 -41.33 15.43 6.64
CA LEU I 83 -41.63 14.95 7.98
C LEU I 83 -42.56 15.91 8.73
N ILE I 84 -42.33 17.22 8.60
CA ILE I 84 -42.96 18.20 9.47
C ILE I 84 -44.12 18.94 8.80
N ASP I 85 -44.39 18.70 7.52
CA ASP I 85 -45.36 19.53 6.81
C ASP I 85 -46.76 19.40 7.39
N SER I 86 -47.10 18.27 7.98
CA SER I 86 -48.47 18.02 8.42
C SER I 86 -48.82 18.72 9.74
N TYR I 87 -47.85 19.30 10.45
CA TYR I 87 -48.14 19.88 11.76
C TYR I 87 -47.36 21.15 12.10
N ALA I 88 -46.18 21.38 11.54
CA ALA I 88 -45.30 22.43 12.05
C ALA I 88 -45.71 23.82 11.56
N PHE I 89 -45.40 24.83 12.36
CA PHE I 89 -45.56 26.24 11.99
C PHE I 89 -44.17 26.82 11.76
N GLY I 90 -43.95 27.34 10.55
CA GLY I 90 -42.66 27.84 10.18
C GLY I 90 -42.31 27.46 8.75
N PRO I 91 -41.07 27.73 8.32
CA PRO I 91 -40.01 28.36 9.12
C PRO I 91 -40.17 29.86 9.26
N LEU I 92 -39.71 30.41 10.38
CA LEU I 92 -39.53 31.84 10.56
C LEU I 92 -38.03 32.09 10.70
N PHE I 93 -37.47 32.83 9.76
CA PHE I 93 -36.03 33.10 9.74
C PHE I 93 -35.75 34.29 10.65
N LEU I 94 -35.17 34.02 11.81
CA LEU I 94 -34.83 35.09 12.74
C LEU I 94 -33.79 36.03 12.14
N PHE I 95 -32.74 35.47 11.54
CA PHE I 95 -31.82 36.29 10.76
C PHE I 95 -30.93 35.42 9.89
N LYS I 96 -30.30 36.06 8.93
CA LYS I 96 -29.16 35.54 8.20
C LYS I 96 -28.05 36.59 8.29
N GLY I 97 -26.81 36.14 8.44
CA GLY I 97 -25.75 37.11 8.64
C GLY I 97 -24.38 36.52 8.45
N TYR I 98 -23.39 37.39 8.58
CA TYR I 98 -21.97 37.03 8.42
C TYR I 98 -21.23 37.25 9.73
N ARG I 99 -20.31 36.35 10.02
CA ARG I 99 -19.53 36.45 11.26
C ARG I 99 -18.50 37.56 11.16
N VAL I 100 -18.34 38.31 12.26
CA VAL I 100 -17.33 39.34 12.39
C VAL I 100 -16.13 38.75 13.11
N GLU I 101 -14.98 38.72 12.45
CA GLU I 101 -13.79 38.12 13.06
C GLU I 101 -12.62 39.10 13.12
N GLY J 4 -23.77 16.78 25.93
CA GLY J 4 -23.61 18.18 25.59
C GLY J 4 -24.91 18.96 25.55
N MET J 5 -25.64 18.96 26.67
CA MET J 5 -26.90 19.70 26.77
C MET J 5 -26.60 21.15 27.17
N THR J 6 -25.96 21.86 26.25
CA THR J 6 -25.44 23.18 26.53
C THR J 6 -26.55 24.22 26.57
N TYR J 7 -26.22 25.40 27.08
CA TYR J 7 -27.14 26.51 27.27
C TYR J 7 -26.81 27.59 26.25
N HIS J 8 -27.79 27.98 25.44
CA HIS J 8 -27.58 28.88 24.32
C HIS J 8 -28.34 30.18 24.55
N VAL J 9 -27.69 31.31 24.28
CA VAL J 9 -28.26 32.64 24.46
C VAL J 9 -28.02 33.44 23.19
N LEU J 10 -29.10 33.95 22.59
CA LEU J 10 -29.04 34.72 21.36
C LEU J 10 -29.51 36.15 21.64
N VAL J 11 -28.63 37.12 21.41
CA VAL J 11 -28.89 38.51 21.77
C VAL J 11 -28.78 39.38 20.52
N GLN J 12 -29.52 40.49 20.53
CA GLN J 12 -29.61 41.40 19.39
C GLN J 12 -29.39 42.83 19.83
N PHE J 13 -28.65 43.59 19.03
CA PHE J 13 -28.41 45.01 19.26
C PHE J 13 -28.59 45.78 17.97
N ASP J 14 -28.99 47.05 18.12
CA ASP J 14 -29.00 48.02 17.03
C ASP J 14 -28.15 49.21 17.42
N VAL J 15 -27.40 49.75 16.46
CA VAL J 15 -26.51 50.88 16.71
C VAL J 15 -26.67 51.92 15.62
N PRO J 16 -26.35 53.17 15.91
CA PRO J 16 -26.36 54.20 14.87
C PRO J 16 -25.35 53.91 13.77
N SER J 17 -25.60 54.51 12.60
CA SER J 17 -24.80 54.21 11.41
C SER J 17 -23.33 54.56 11.61
N ASP J 18 -23.04 55.61 12.39
CA ASP J 18 -21.67 56.03 12.64
C ASP J 18 -21.02 55.26 13.78
N LYS J 19 -21.68 54.25 14.32
CA LYS J 19 -21.15 53.46 15.43
C LYS J 19 -20.98 51.99 15.07
N ARG J 20 -21.05 51.64 13.78
CA ARG J 20 -20.96 50.25 13.37
C ARG J 20 -19.61 49.64 13.75
N GLU J 21 -18.52 50.33 13.41
CA GLU J 21 -17.20 49.83 13.74
C GLU J 21 -16.97 49.80 15.24
N ALA J 22 -17.49 50.81 15.95
CA ALA J 22 -17.29 50.87 17.40
C ALA J 22 -17.95 49.69 18.10
N PHE J 23 -19.16 49.31 17.67
CA PHE J 23 -19.83 48.19 18.32
C PHE J 23 -19.16 46.87 17.94
N ALA J 24 -18.71 46.73 16.70
CA ALA J 24 -18.02 45.51 16.29
C ALA J 24 -16.79 45.27 17.15
N ALA J 25 -15.98 46.32 17.35
CA ALA J 25 -14.81 46.20 18.22
C ALA J 25 -15.22 45.90 19.66
N ALA J 26 -16.34 46.48 20.11
CA ALA J 26 -16.80 46.23 21.46
C ALA J 26 -17.34 44.82 21.62
N GLY J 27 -18.08 44.34 20.61
CA GLY J 27 -18.56 42.97 20.67
C GLY J 27 -17.43 41.96 20.67
N LEU J 28 -16.39 42.19 19.86
CA LEU J 28 -15.26 41.28 19.82
C LEU J 28 -14.47 41.29 21.12
N PHE J 29 -14.42 42.44 21.81
CA PHE J 29 -13.78 42.46 23.13
C PHE J 29 -14.53 41.59 24.12
N ASP J 30 -15.87 41.66 24.09
CA ASP J 30 -16.68 40.80 24.95
C ASP J 30 -16.42 39.33 24.65
N ALA J 31 -16.41 38.97 23.35
CA ALA J 31 -16.23 37.57 22.97
C ALA J 31 -14.86 37.07 23.41
N ASN J 32 -13.79 37.79 23.06
CA ASN J 32 -12.45 37.32 23.36
C ASN J 32 -12.18 37.35 24.86
N GLY J 33 -12.59 38.42 25.54
CA GLY J 33 -12.39 38.49 26.97
C GLY J 33 -13.14 37.41 27.73
N SER J 34 -14.36 37.10 27.30
CA SER J 34 -15.14 36.07 27.97
C SER J 34 -14.57 34.68 27.69
N LEU J 35 -14.22 34.40 26.43
CA LEU J 35 -13.70 33.09 26.09
C LEU J 35 -12.35 32.84 26.76
N GLN J 36 -11.51 33.87 26.86
CA GLN J 36 -10.17 33.68 27.42
C GLN J 36 -10.20 33.48 28.93
N ASN J 37 -11.21 34.04 29.62
CA ASN J 37 -11.19 34.10 31.07
C ASN J 37 -12.28 33.27 31.75
N GLU J 38 -13.31 32.85 31.02
CA GLU J 38 -14.43 32.14 31.65
C GLU J 38 -14.48 30.69 31.19
N PRO J 39 -14.14 29.74 32.05
CA PRO J 39 -14.13 28.33 31.61
C PRO J 39 -15.50 27.78 31.26
N GLY J 40 -16.58 28.37 31.77
CA GLY J 40 -17.91 27.91 31.42
C GLY J 40 -18.45 28.46 30.12
N THR J 41 -17.76 29.43 29.52
CA THR J 41 -18.18 30.04 28.27
C THR J 41 -17.57 29.26 27.11
N LEU J 42 -18.42 28.57 26.35
CA LEU J 42 -17.96 27.65 25.32
C LEU J 42 -17.93 28.26 23.92
N ARG J 43 -18.73 29.27 23.65
CA ARG J 43 -18.79 29.88 22.33
C ARG J 43 -19.37 31.28 22.47
N PHE J 44 -18.86 32.20 21.64
CA PHE J 44 -19.28 33.60 21.73
C PHE J 44 -18.96 34.26 20.39
N GLU J 45 -19.97 34.39 19.53
CA GLU J 45 -19.80 34.90 18.18
C GLU J 45 -20.53 36.22 17.98
N VAL J 46 -19.86 37.15 17.30
CA VAL J 46 -20.44 38.41 16.86
C VAL J 46 -20.84 38.27 15.41
N ILE J 47 -22.11 38.53 15.10
CA ILE J 47 -22.66 38.37 13.76
C ILE J 47 -23.34 39.68 13.36
N ARG J 48 -23.15 40.08 12.12
CA ARG J 48 -23.77 41.28 11.58
C ARG J 48 -24.82 40.88 10.55
N ASP J 49 -25.99 41.52 10.63
CA ASP J 49 -27.11 41.13 9.79
C ASP J 49 -26.76 41.26 8.31
N GLU J 50 -27.35 40.37 7.51
CA GLU J 50 -27.00 40.30 6.10
C GLU J 50 -27.40 41.56 5.34
N ASN J 51 -28.57 42.13 5.67
CA ASN J 51 -29.08 43.28 4.96
C ASN J 51 -29.16 44.55 5.79
N ASN J 52 -29.32 44.43 7.11
CA ASN J 52 -29.44 45.58 8.00
C ASN J 52 -28.08 45.85 8.62
N ARG J 53 -27.43 46.94 8.20
CA ARG J 53 -26.07 47.23 8.64
C ARG J 53 -25.99 47.79 10.04
N ASN J 54 -27.12 48.17 10.65
CA ASN J 54 -27.11 48.67 12.01
C ASN J 54 -27.44 47.60 13.05
N ARG J 55 -27.70 46.37 12.62
CA ARG J 55 -28.14 45.30 13.51
C ARG J 55 -27.04 44.26 13.65
N PHE J 56 -26.78 43.85 14.90
CA PHE J 56 -25.79 42.83 15.22
C PHE J 56 -26.43 41.79 16.13
N TYR J 57 -25.83 40.59 16.14
CA TYR J 57 -26.29 39.51 17.01
C TYR J 57 -25.10 38.90 17.72
N LEU J 58 -25.35 38.44 18.95
CA LEU J 58 -24.35 37.74 19.76
C LEU J 58 -24.84 36.32 20.00
N ASP J 59 -24.12 35.34 19.47
CA ASP J 59 -24.47 33.93 19.61
C ASP J 59 -23.59 33.34 20.70
N GLU J 60 -24.17 33.11 21.88
CA GLU J 60 -23.43 32.71 23.06
C GLU J 60 -23.86 31.32 23.50
N VAL J 61 -22.89 30.49 23.89
CA VAL J 61 -23.12 29.13 24.34
C VAL J 61 -22.36 28.90 25.64
N TYR J 62 -23.01 28.31 26.63
CA TYR J 62 -22.41 28.10 27.94
C TYR J 62 -22.59 26.66 28.40
N GLU J 63 -21.70 26.28 29.32
CA GLU J 63 -21.76 24.99 30.01
C GLU J 63 -23.19 24.65 30.45
N ASP J 64 -23.79 25.56 31.21
CA ASP J 64 -25.15 25.41 31.72
C ASP J 64 -25.67 26.80 32.03
N GLU J 65 -26.88 26.86 32.60
CA GLU J 65 -27.47 28.15 32.94
C GLU J 65 -26.64 28.88 33.99
N ALA J 66 -26.01 28.13 34.92
CA ALA J 66 -25.21 28.77 35.96
C ALA J 66 -24.00 29.48 35.37
N ALA J 67 -23.39 28.90 34.34
CA ALA J 67 -22.24 29.54 33.71
C ALA J 67 -22.65 30.85 33.03
N PHE J 68 -23.87 30.90 32.47
CA PHE J 68 -24.37 32.15 31.91
C PHE J 68 -24.59 33.18 33.01
N LEU J 69 -25.19 32.76 34.13
CA LEU J 69 -25.38 33.66 35.25
C LEU J 69 -24.03 34.14 35.80
N GLN J 70 -23.03 33.24 35.81
CA GLN J 70 -21.69 33.66 36.17
C GLN J 70 -21.13 34.68 35.20
N HIS J 71 -21.36 34.47 33.90
CA HIS J 71 -20.88 35.41 32.89
C HIS J 71 -21.49 36.78 33.09
N CYS J 72 -22.77 36.85 33.47
CA CYS J 72 -23.42 38.13 33.67
C CYS J 72 -22.88 38.87 34.89
N ARG J 73 -22.22 38.17 35.81
CA ARG J 73 -21.67 38.80 37.01
C ARG J 73 -20.20 39.16 36.88
N ASN J 74 -19.55 38.81 35.77
CA ASN J 74 -18.12 38.95 35.66
C ASN J 74 -17.73 40.34 35.14
N GLU J 75 -16.43 40.54 34.95
CA GLU J 75 -15.90 41.87 34.63
C GLU J 75 -16.00 42.19 33.14
N THR J 76 -15.90 41.19 32.27
CA THR J 76 -15.86 41.46 30.84
C THR J 76 -17.16 42.11 30.36
N ILE J 77 -18.30 41.55 30.76
CA ILE J 77 -19.58 42.10 30.31
C ILE J 77 -19.79 43.49 30.90
N ALA J 78 -19.26 43.75 32.10
CA ALA J 78 -19.37 45.08 32.68
C ALA J 78 -18.62 46.11 31.86
N ARG J 79 -17.41 45.78 31.42
CA ARG J 79 -16.66 46.68 30.55
C ARG J 79 -17.35 46.82 29.19
N PHE J 80 -17.98 45.74 28.71
CA PHE J 80 -18.67 45.79 27.43
C PHE J 80 -19.79 46.82 27.45
N TYR J 81 -20.61 46.81 28.50
CA TYR J 81 -21.68 47.80 28.60
C TYR J 81 -21.15 49.20 28.85
N GLU J 82 -19.99 49.31 29.50
CA GLU J 82 -19.35 50.62 29.65
C GLU J 82 -19.04 51.22 28.28
N LEU J 83 -18.65 50.38 27.32
CA LEU J 83 -18.22 50.86 26.01
C LEU J 83 -19.39 51.27 25.13
N ILE J 84 -20.55 50.63 25.28
CA ILE J 84 -21.65 50.79 24.33
C ILE J 84 -22.84 51.54 24.90
N ASP J 85 -22.85 51.84 26.21
CA ASP J 85 -24.05 52.40 26.84
C ASP J 85 -24.45 53.73 26.22
N SER J 86 -23.48 54.51 25.72
CA SER J 86 -23.78 55.85 25.24
C SER J 86 -24.42 55.87 23.85
N TYR J 87 -24.53 54.73 23.17
CA TYR J 87 -25.08 54.75 21.82
C TYR J 87 -25.91 53.54 21.42
N ALA J 88 -25.69 52.36 21.98
CA ALA J 88 -26.32 51.15 21.48
C ALA J 88 -27.75 51.00 22.00
N PHE J 89 -28.59 50.37 21.17
CA PHE J 89 -29.95 50.00 21.54
C PHE J 89 -29.99 48.49 21.79
N GLY J 90 -30.36 48.09 23.00
CA GLY J 90 -30.38 46.71 23.37
C GLY J 90 -29.95 46.54 24.81
N PRO J 91 -29.86 45.29 25.29
CA PRO J 91 -30.01 44.06 24.52
C PRO J 91 -31.45 43.59 24.35
N LEU J 92 -31.72 42.96 23.22
CA LEU J 92 -32.97 42.23 23.00
C LEU J 92 -32.63 40.76 22.89
N PHE J 93 -33.16 39.95 23.81
CA PHE J 93 -32.88 38.52 23.85
C PHE J 93 -33.85 37.81 22.91
N LEU J 94 -33.34 37.33 21.77
CA LEU J 94 -34.18 36.51 20.89
C LEU J 94 -34.63 35.24 21.59
N PHE J 95 -33.70 34.54 22.23
CA PHE J 95 -34.09 33.35 22.99
C PHE J 95 -32.97 32.93 23.92
N LYS J 96 -33.33 32.10 24.89
CA LYS J 96 -32.43 31.28 25.67
C LYS J 96 -32.96 29.85 25.62
N GLY J 97 -32.06 28.88 25.45
CA GLY J 97 -32.53 27.52 25.31
C GLY J 97 -31.45 26.49 25.55
N TYR J 98 -31.84 25.23 25.39
CA TYR J 98 -30.97 24.08 25.56
C TYR J 98 -30.85 23.32 24.24
N ARG J 99 -29.65 22.84 23.94
CA ARG J 99 -29.45 22.09 22.71
CA ARG J 99 -29.43 22.09 22.71
C ARG J 99 -29.99 20.67 22.84
N VAL J 100 -30.70 20.24 21.81
CA VAL J 100 -31.32 18.91 21.81
C VAL J 100 -30.28 17.86 21.50
N GLU J 101 -30.22 16.83 22.33
CA GLU J 101 -29.23 15.75 22.26
C GLU J 101 -27.82 16.28 22.01
N GLY K 4 19.30 -44.59 -25.59
CA GLY K 4 20.15 -43.96 -24.59
C GLY K 4 19.40 -43.18 -23.54
N MET K 5 19.26 -43.79 -22.37
CA MET K 5 18.72 -43.14 -21.16
C MET K 5 17.25 -42.79 -21.41
N THR K 6 16.79 -41.60 -21.04
CA THR K 6 15.37 -41.34 -20.82
C THR K 6 14.63 -41.11 -22.13
N TYR K 7 13.31 -41.28 -22.05
CA TYR K 7 12.38 -41.20 -23.19
C TYR K 7 11.46 -40.01 -22.97
N HIS K 8 11.40 -39.09 -23.94
CA HIS K 8 10.71 -37.83 -23.79
C HIS K 8 9.56 -37.72 -24.78
N VAL K 9 8.42 -37.23 -24.29
CA VAL K 9 7.19 -37.12 -25.08
C VAL K 9 6.61 -35.72 -24.84
N LEU K 10 6.46 -34.94 -25.91
CA LEU K 10 5.88 -33.61 -25.82
C LEU K 10 4.56 -33.55 -26.58
N VAL K 11 3.53 -33.06 -25.89
CA VAL K 11 2.16 -33.09 -26.39
C VAL K 11 1.59 -31.68 -26.37
N GLN K 12 0.69 -31.40 -27.33
CA GLN K 12 0.13 -30.07 -27.49
C GLN K 12 -1.39 -30.16 -27.52
N PHE K 13 -2.05 -29.21 -26.86
CA PHE K 13 -3.50 -29.11 -26.83
C PHE K 13 -3.94 -27.67 -27.06
N ASP K 14 -5.12 -27.51 -27.65
CA ASP K 14 -5.79 -26.23 -27.75
C ASP K 14 -7.16 -26.32 -27.09
N VAL K 15 -7.57 -25.26 -26.41
CA VAL K 15 -8.87 -25.22 -25.74
C VAL K 15 -9.53 -23.88 -25.98
N PRO K 16 -10.86 -23.85 -25.95
CA PRO K 16 -11.58 -22.58 -26.10
C PRO K 16 -11.24 -21.62 -24.96
N SER K 17 -11.50 -20.33 -25.22
CA SER K 17 -11.08 -19.28 -24.30
C SER K 17 -11.70 -19.44 -22.92
N ASP K 18 -12.91 -19.97 -22.84
CA ASP K 18 -13.60 -20.14 -21.57
C ASP K 18 -13.27 -21.45 -20.87
N LYS K 19 -12.32 -22.22 -21.41
CA LYS K 19 -11.93 -23.50 -20.83
C LYS K 19 -10.47 -23.54 -20.40
N ARG K 20 -9.81 -22.39 -20.33
CA ARG K 20 -8.39 -22.38 -19.96
C ARG K 20 -8.18 -22.93 -18.56
N GLU K 21 -9.02 -22.53 -17.61
CA GLU K 21 -8.88 -23.02 -16.24
C GLU K 21 -9.31 -24.47 -16.12
N ALA K 22 -10.35 -24.86 -16.85
CA ALA K 22 -10.79 -26.26 -16.83
C ALA K 22 -9.68 -27.19 -17.27
N PHE K 23 -9.01 -26.86 -18.38
CA PHE K 23 -7.94 -27.73 -18.86
C PHE K 23 -6.74 -27.73 -17.92
N ALA K 24 -6.37 -26.56 -17.41
CA ALA K 24 -5.22 -26.50 -16.50
C ALA K 24 -5.41 -27.41 -15.30
N ALA K 25 -6.62 -27.44 -14.74
CA ALA K 25 -6.90 -28.34 -13.63
C ALA K 25 -6.84 -29.80 -14.07
N ALA K 26 -7.35 -30.10 -15.27
CA ALA K 26 -7.30 -31.47 -15.77
C ALA K 26 -5.87 -31.90 -16.03
N GLY K 27 -5.03 -31.00 -16.56
CA GLY K 27 -3.64 -31.34 -16.80
C GLY K 27 -2.89 -31.60 -15.50
N LEU K 28 -3.17 -30.79 -14.47
CA LEU K 28 -2.50 -31.00 -13.18
C LEU K 28 -2.98 -32.28 -12.51
N PHE K 29 -4.24 -32.67 -12.72
CA PHE K 29 -4.70 -33.97 -12.26
C PHE K 29 -3.89 -35.09 -12.91
N ASP K 30 -3.66 -34.98 -14.22
CA ASP K 30 -2.87 -35.97 -14.93
C ASP K 30 -1.46 -36.07 -14.38
N ALA K 31 -0.81 -34.92 -14.18
CA ALA K 31 0.56 -34.92 -13.69
C ALA K 31 0.66 -35.50 -12.29
N ASN K 32 -0.26 -35.09 -11.40
CA ASN K 32 -0.20 -35.56 -10.01
C ASN K 32 -0.60 -37.03 -9.92
N GLY K 33 -1.64 -37.44 -10.64
CA GLY K 33 -2.03 -38.84 -10.62
C GLY K 33 -0.96 -39.75 -11.17
N SER K 34 -0.25 -39.30 -12.20
CA SER K 34 0.81 -40.10 -12.80
C SER K 34 2.00 -40.24 -11.86
N LEU K 35 2.48 -39.11 -11.32
CA LEU K 35 3.62 -39.17 -10.40
C LEU K 35 3.29 -39.97 -9.15
N GLN K 36 2.04 -39.92 -8.70
CA GLN K 36 1.68 -40.64 -7.47
C GLN K 36 1.59 -42.14 -7.71
N ASN K 37 1.39 -42.58 -8.95
CA ASN K 37 1.05 -43.97 -9.19
C ASN K 37 1.91 -44.68 -10.23
N GLU K 38 2.79 -43.99 -10.94
CA GLU K 38 3.57 -44.60 -12.02
C GLU K 38 5.06 -44.44 -11.76
N PRO K 39 5.71 -45.47 -11.22
CA PRO K 39 7.16 -45.36 -10.97
C PRO K 39 7.95 -45.13 -12.25
N GLY K 40 7.44 -45.56 -13.40
CA GLY K 40 8.11 -45.33 -14.66
C GLY K 40 7.95 -43.94 -15.23
N THR K 41 7.01 -43.15 -14.70
CA THR K 41 6.82 -41.77 -15.14
C THR K 41 7.73 -40.87 -14.33
N LEU K 42 8.75 -40.31 -14.98
CA LEU K 42 9.81 -39.58 -14.29
C LEU K 42 9.57 -38.07 -14.25
N ARG K 43 8.69 -37.54 -15.10
CA ARG K 43 8.40 -36.12 -15.09
C ARG K 43 7.13 -35.86 -15.90
N PHE K 44 6.33 -34.89 -15.47
CA PHE K 44 5.09 -34.56 -16.14
C PHE K 44 4.75 -33.10 -15.80
N GLU K 45 5.02 -32.20 -16.72
CA GLU K 45 4.84 -30.77 -16.52
C GLU K 45 3.75 -30.22 -17.43
N VAL K 46 2.91 -29.36 -16.87
CA VAL K 46 1.90 -28.64 -17.64
C VAL K 46 2.42 -27.23 -17.90
N ILE K 47 2.43 -26.83 -19.17
CA ILE K 47 3.00 -25.56 -19.61
C ILE K 47 1.97 -24.85 -20.47
N ARG K 48 1.83 -23.54 -20.27
CA ARG K 48 0.98 -22.71 -21.09
C ARG K 48 1.83 -21.83 -21.99
N ASP K 49 1.41 -21.67 -23.24
CA ASP K 49 2.15 -20.85 -24.18
C ASP K 49 2.24 -19.41 -23.67
N GLU K 50 3.41 -18.81 -23.89
CA GLU K 50 3.69 -17.48 -23.34
C GLU K 50 2.81 -16.41 -23.98
N ASN K 51 2.43 -16.59 -25.24
CA ASN K 51 1.59 -15.62 -25.94
C ASN K 51 0.19 -16.12 -26.24
N ASN K 52 0.02 -17.42 -26.48
CA ASN K 52 -1.26 -18.00 -26.89
C ASN K 52 -1.89 -18.66 -25.67
N ARG K 53 -2.85 -17.97 -25.05
CA ARG K 53 -3.45 -18.43 -23.80
C ARG K 53 -4.42 -19.60 -24.00
N ASN K 54 -4.71 -20.00 -25.23
CA ASN K 54 -5.55 -21.16 -25.49
C ASN K 54 -4.75 -22.42 -25.76
N ARG K 55 -3.42 -22.35 -25.69
CA ARG K 55 -2.55 -23.46 -26.07
C ARG K 55 -1.75 -23.92 -24.86
N PHE K 56 -1.72 -25.23 -24.64
CA PHE K 56 -1.00 -25.84 -23.52
C PHE K 56 -0.10 -26.95 -24.04
N TYR K 57 0.97 -27.23 -23.29
CA TYR K 57 1.90 -28.29 -23.63
C TYR K 57 2.11 -29.20 -22.42
N LEU K 58 2.26 -30.49 -22.70
CA LEU K 58 2.62 -31.48 -21.68
C LEU K 58 4.02 -31.99 -21.98
N ASP K 59 4.95 -31.76 -21.04
CA ASP K 59 6.33 -32.19 -21.18
C ASP K 59 6.51 -33.43 -20.29
N GLU K 60 6.51 -34.60 -20.92
CA GLU K 60 6.52 -35.88 -20.22
C GLU K 60 7.85 -36.58 -20.41
N VAL K 61 8.32 -37.25 -19.36
CA VAL K 61 9.56 -38.02 -19.39
C VAL K 61 9.29 -39.39 -18.77
N TYR K 62 9.82 -40.44 -19.38
CA TYR K 62 9.55 -41.80 -18.93
C TYR K 62 10.86 -42.59 -18.83
N GLU K 63 10.79 -43.65 -18.04
CA GLU K 63 11.91 -44.57 -17.89
C GLU K 63 12.33 -45.13 -19.25
N ASP K 64 11.36 -45.55 -20.06
CA ASP K 64 11.59 -46.00 -21.42
C ASP K 64 10.27 -45.96 -22.16
N GLU K 65 10.31 -46.33 -23.44
CA GLU K 65 9.08 -46.37 -24.24
C GLU K 65 8.04 -47.28 -23.61
N ALA K 66 8.49 -48.38 -22.99
CA ALA K 66 7.56 -49.30 -22.34
C ALA K 66 6.77 -48.60 -21.25
N ALA K 67 7.44 -47.80 -20.42
CA ALA K 67 6.75 -47.07 -19.37
C ALA K 67 5.76 -46.06 -19.94
N PHE K 68 6.05 -45.52 -21.13
CA PHE K 68 5.10 -44.59 -21.75
C PHE K 68 3.84 -45.32 -22.21
N LEU K 69 4.01 -46.47 -22.87
CA LEU K 69 2.84 -47.26 -23.28
C LEU K 69 2.04 -47.69 -22.06
N GLN K 70 2.72 -48.03 -20.96
CA GLN K 70 2.03 -48.37 -19.73
C GLN K 70 1.22 -47.18 -19.22
N HIS K 71 1.80 -45.98 -19.26
CA HIS K 71 1.06 -44.78 -18.88
C HIS K 71 -0.17 -44.59 -19.74
N CYS K 72 -0.06 -44.91 -21.05
CA CYS K 72 -1.19 -44.76 -21.95
C CYS K 72 -2.31 -45.73 -21.67
N ARG K 73 -2.03 -46.85 -20.99
CA ARG K 73 -3.03 -47.85 -20.68
C ARG K 73 -3.60 -47.73 -19.28
N ASN K 74 -3.13 -46.76 -18.49
CA ASN K 74 -3.45 -46.71 -17.07
C ASN K 74 -4.73 -45.92 -16.81
N GLU K 75 -5.03 -45.72 -15.53
CA GLU K 75 -6.30 -45.13 -15.09
C GLU K 75 -6.27 -43.62 -15.15
N THR K 76 -5.11 -43.01 -14.87
CA THR K 76 -5.04 -41.55 -14.76
C THR K 76 -5.34 -40.88 -16.11
N ILE K 77 -4.71 -41.38 -17.18
CA ILE K 77 -4.92 -40.78 -18.50
C ILE K 77 -6.35 -40.99 -18.97
N ALA K 78 -7.00 -42.07 -18.54
CA ALA K 78 -8.37 -42.33 -18.96
C ALA K 78 -9.33 -41.31 -18.34
N ARG K 79 -9.10 -40.96 -17.07
CA ARG K 79 -9.93 -39.93 -16.43
C ARG K 79 -9.62 -38.55 -16.98
N PHE K 80 -8.36 -38.31 -17.38
CA PHE K 80 -7.99 -37.02 -17.98
C PHE K 80 -8.79 -36.77 -19.25
N TYR K 81 -8.85 -37.75 -20.15
CA TYR K 81 -9.62 -37.60 -21.37
C TYR K 81 -11.12 -37.51 -21.07
N GLU K 82 -11.56 -38.07 -19.95
CA GLU K 82 -12.95 -37.88 -19.54
C GLU K 82 -13.23 -36.42 -19.21
N LEU K 83 -12.23 -35.72 -18.68
CA LEU K 83 -12.42 -34.34 -18.24
C LEU K 83 -12.41 -33.36 -19.41
N ILE K 84 -11.65 -33.63 -20.47
CA ILE K 84 -11.41 -32.66 -21.53
C ILE K 84 -12.12 -33.01 -22.83
N ASP K 85 -12.70 -34.21 -22.96
CA ASP K 85 -13.19 -34.67 -24.26
C ASP K 85 -14.24 -33.75 -24.85
N SER K 86 -14.95 -32.99 -24.02
CA SER K 86 -16.06 -32.17 -24.50
C SER K 86 -15.62 -30.82 -25.05
N TYR K 87 -14.33 -30.48 -25.00
CA TYR K 87 -13.93 -29.16 -25.48
C TYR K 87 -12.51 -29.10 -26.07
N ALA K 88 -11.64 -30.02 -25.69
CA ALA K 88 -10.24 -29.91 -26.04
C ALA K 88 -9.97 -30.31 -27.48
N PHE K 89 -9.03 -29.61 -28.11
CA PHE K 89 -8.48 -29.98 -29.41
C PHE K 89 -7.13 -30.64 -29.18
N GLY K 90 -6.95 -31.85 -29.69
CA GLY K 90 -5.74 -32.60 -29.50
C GLY K 90 -6.02 -34.01 -29.08
N PRO K 91 -4.98 -34.77 -28.68
CA PRO K 91 -3.59 -34.33 -28.58
C PRO K 91 -2.85 -34.25 -29.91
N LEU K 92 -1.89 -33.34 -30.00
CA LEU K 92 -0.92 -33.30 -31.08
C LEU K 92 0.44 -33.62 -30.47
N PHE K 93 1.05 -34.71 -30.91
CA PHE K 93 2.34 -35.12 -30.37
C PHE K 93 3.44 -34.36 -31.11
N LEU K 94 4.06 -33.40 -30.42
CA LEU K 94 5.12 -32.61 -31.02
C LEU K 94 6.31 -33.49 -31.40
N PHE K 95 6.78 -34.32 -30.49
CA PHE K 95 7.81 -35.29 -30.80
C PHE K 95 7.85 -36.36 -29.71
N LYS K 96 8.52 -37.46 -30.03
CA LYS K 96 9.03 -38.40 -29.05
C LYS K 96 10.51 -38.60 -29.33
N GLY K 97 11.29 -38.79 -28.27
CA GLY K 97 12.72 -38.86 -28.47
C GLY K 97 13.43 -39.42 -27.26
N TYR K 98 14.73 -39.62 -27.44
CA TYR K 98 15.62 -40.17 -26.42
C TYR K 98 16.66 -39.13 -26.04
N ARG K 99 16.99 -39.08 -24.76
CA ARG K 99 17.97 -38.12 -24.27
C ARG K 99 19.37 -38.48 -24.74
N VAL K 100 20.14 -37.45 -25.09
CA VAL K 100 21.53 -37.62 -25.47
C VAL K 100 22.40 -37.41 -24.24
N GLU K 101 23.14 -38.45 -23.85
CA GLU K 101 24.01 -38.38 -22.68
C GLU K 101 25.41 -37.93 -23.07
N MET L 5 6.44 -20.41 -11.31
CA MET L 5 6.26 -20.09 -12.72
C MET L 5 7.60 -20.02 -13.46
N THR L 6 8.25 -21.16 -13.62
CA THR L 6 9.49 -21.21 -14.37
C THR L 6 9.21 -20.99 -15.86
N TYR L 7 10.29 -20.73 -16.61
CA TYR L 7 10.21 -20.36 -18.01
C TYR L 7 10.77 -21.50 -18.86
N HIS L 8 9.96 -22.00 -19.79
CA HIS L 8 10.29 -23.17 -20.58
C HIS L 8 10.51 -22.77 -22.03
N VAL L 9 11.62 -23.23 -22.61
CA VAL L 9 11.97 -22.95 -24.00
C VAL L 9 12.33 -24.25 -24.69
N LEU L 10 11.64 -24.56 -25.80
CA LEU L 10 11.87 -25.78 -26.55
C LEU L 10 12.37 -25.42 -27.95
N VAL L 11 13.56 -25.90 -28.30
CA VAL L 11 14.24 -25.53 -29.53
C VAL L 11 14.48 -26.78 -30.37
N GLN L 12 14.41 -26.62 -31.70
CA GLN L 12 14.56 -27.71 -32.64
C GLN L 12 15.61 -27.39 -33.69
N PHE L 13 16.46 -28.37 -33.99
CA PHE L 13 17.51 -28.24 -35.00
C PHE L 13 17.49 -29.44 -35.95
N ASP L 14 17.96 -29.21 -37.17
CA ASP L 14 18.22 -30.25 -38.15
C ASP L 14 19.66 -30.14 -38.63
N VAL L 15 20.31 -31.29 -38.80
CA VAL L 15 21.70 -31.31 -39.25
C VAL L 15 21.87 -32.36 -40.32
N PRO L 16 22.87 -32.20 -41.19
CA PRO L 16 23.17 -33.24 -42.17
C PRO L 16 23.52 -34.56 -41.50
N SER L 17 23.46 -35.64 -42.30
N SER L 17 23.47 -35.63 -42.30
CA SER L 17 23.63 -36.98 -41.75
CA SER L 17 23.64 -36.98 -41.77
C SER L 17 25.04 -37.20 -41.21
C SER L 17 25.04 -37.16 -41.18
N ASP L 18 26.05 -36.55 -41.80
CA ASP L 18 27.43 -36.69 -41.33
C ASP L 18 27.77 -35.74 -40.19
N LYS L 19 26.78 -35.03 -39.63
CA LYS L 19 27.02 -34.07 -38.57
C LYS L 19 26.23 -34.37 -37.30
N ARG L 20 25.66 -35.57 -37.17
CA ARG L 20 24.88 -35.90 -35.99
C ARG L 20 25.73 -35.87 -34.74
N GLU L 21 26.92 -36.47 -34.80
CA GLU L 21 27.78 -36.53 -33.62
C GLU L 21 28.37 -35.17 -33.27
N ALA L 22 28.70 -34.37 -34.29
CA ALA L 22 29.26 -33.04 -34.04
C ALA L 22 28.23 -32.14 -33.36
N PHE L 23 26.97 -32.20 -33.79
CA PHE L 23 25.95 -31.38 -33.16
C PHE L 23 25.68 -31.82 -31.73
N ALA L 24 25.61 -33.13 -31.50
CA ALA L 24 25.41 -33.64 -30.15
C ALA L 24 26.48 -33.12 -29.20
N ALA L 25 27.74 -33.12 -29.64
CA ALA L 25 28.80 -32.55 -28.83
C ALA L 25 28.61 -31.05 -28.64
N ALA L 26 28.14 -30.35 -29.68
CA ALA L 26 27.89 -28.92 -29.57
C ALA L 26 26.71 -28.65 -28.63
N GLY L 27 25.66 -29.46 -28.71
CA GLY L 27 24.54 -29.30 -27.80
C GLY L 27 24.91 -29.59 -26.36
N LEU L 28 25.76 -30.60 -26.14
CA LEU L 28 26.19 -30.92 -24.79
C LEU L 28 27.07 -29.83 -24.21
N PHE L 29 27.89 -29.19 -25.04
CA PHE L 29 28.68 -28.06 -24.59
C PHE L 29 27.77 -26.91 -24.13
N ASP L 30 26.76 -26.61 -24.94
CA ASP L 30 25.80 -25.56 -24.56
C ASP L 30 25.11 -25.90 -23.25
N ALA L 31 24.74 -27.17 -23.07
CA ALA L 31 24.02 -27.57 -21.86
C ALA L 31 24.91 -27.50 -20.62
N ASN L 32 26.09 -28.13 -20.68
CA ASN L 32 26.98 -28.13 -19.53
C ASN L 32 27.53 -26.74 -19.25
N GLY L 33 27.79 -25.97 -20.31
CA GLY L 33 28.26 -24.61 -20.12
C GLY L 33 27.21 -23.72 -19.47
N SER L 34 25.96 -23.86 -19.90
CA SER L 34 24.88 -23.03 -19.34
C SER L 34 24.59 -23.42 -17.90
N LEU L 35 24.63 -24.72 -17.58
CA LEU L 35 24.30 -25.17 -16.24
C LEU L 35 25.42 -24.85 -15.25
N GLN L 36 26.67 -24.84 -15.72
CA GLN L 36 27.81 -24.62 -14.84
C GLN L 36 28.14 -23.14 -14.63
N ASN L 37 27.70 -22.26 -15.54
CA ASN L 37 28.13 -20.87 -15.50
C ASN L 37 27.00 -19.86 -15.33
N GLU L 38 25.74 -20.26 -15.47
CA GLU L 38 24.63 -19.32 -15.45
C GLU L 38 23.65 -19.69 -14.34
N PRO L 39 23.54 -18.89 -13.28
CA PRO L 39 22.76 -19.32 -12.10
C PRO L 39 21.27 -19.39 -12.34
N GLY L 40 20.75 -18.74 -13.37
CA GLY L 40 19.33 -18.81 -13.65
C GLY L 40 18.90 -20.01 -14.47
N THR L 41 19.83 -20.86 -14.89
CA THR L 41 19.54 -21.99 -15.75
C THR L 41 19.27 -23.22 -14.89
N LEU L 42 18.04 -23.75 -14.96
CA LEU L 42 17.60 -24.84 -14.10
C LEU L 42 17.74 -26.21 -14.76
N ARG L 43 17.46 -26.31 -16.05
CA ARG L 43 17.56 -27.57 -16.77
C ARG L 43 17.93 -27.27 -18.22
N PHE L 44 18.73 -28.15 -18.81
CA PHE L 44 19.11 -28.02 -20.22
C PHE L 44 19.39 -29.41 -20.75
N GLU L 45 18.48 -29.94 -21.57
CA GLU L 45 18.55 -31.31 -22.06
C GLU L 45 18.68 -31.33 -23.58
N VAL L 46 19.46 -32.28 -24.07
CA VAL L 46 19.61 -32.53 -25.51
C VAL L 46 18.89 -33.83 -25.84
N ILE L 47 17.97 -33.78 -26.80
CA ILE L 47 17.12 -34.91 -27.14
C ILE L 47 17.22 -35.18 -28.63
N ARG L 48 17.30 -36.46 -28.99
CA ARG L 48 17.30 -36.89 -30.38
C ARG L 48 15.94 -37.46 -30.72
N ASP L 49 15.39 -37.06 -31.86
CA ASP L 49 14.11 -37.58 -32.29
C ASP L 49 14.19 -39.10 -32.47
N GLU L 50 13.13 -39.80 -32.07
CA GLU L 50 13.20 -41.26 -32.03
C GLU L 50 13.29 -41.86 -33.43
N ASN L 51 12.70 -41.21 -34.43
CA ASN L 51 12.71 -41.71 -35.80
C ASN L 51 13.61 -40.92 -36.73
N ASN L 52 13.61 -39.59 -36.63
CA ASN L 52 14.41 -38.74 -37.52
C ASN L 52 15.79 -38.57 -36.89
N ARG L 53 16.80 -39.24 -37.48
CA ARG L 53 18.14 -39.20 -36.94
C ARG L 53 18.81 -37.84 -37.11
N ASN L 54 18.28 -36.98 -37.98
CA ASN L 54 18.88 -35.68 -38.24
C ASN L 54 18.27 -34.56 -37.40
N ARG L 55 17.25 -34.84 -36.61
CA ARG L 55 16.52 -33.81 -35.87
C ARG L 55 16.81 -33.93 -34.38
N PHE L 56 17.15 -32.79 -33.76
CA PHE L 56 17.45 -32.72 -32.33
C PHE L 56 16.58 -31.66 -31.69
N TYR L 57 16.34 -31.80 -30.39
CA TYR L 57 15.58 -30.83 -29.61
C TYR L 57 16.37 -30.41 -28.38
N LEU L 58 16.16 -29.16 -27.96
CA LEU L 58 16.75 -28.62 -26.74
C LEU L 58 15.62 -28.22 -25.80
N ASP L 59 15.58 -28.88 -24.63
CA ASP L 59 14.53 -28.66 -23.64
C ASP L 59 15.16 -27.88 -22.48
N GLU L 60 14.88 -26.59 -22.42
CA GLU L 60 15.52 -25.67 -21.47
C GLU L 60 14.49 -25.11 -20.50
N VAL L 61 14.89 -24.99 -19.24
CA VAL L 61 14.06 -24.40 -18.19
C VAL L 61 14.91 -23.37 -17.45
N TYR L 62 14.32 -22.20 -17.19
CA TYR L 62 15.02 -21.12 -16.51
C TYR L 62 14.21 -20.64 -15.31
N GLU L 63 14.92 -20.08 -14.34
CA GLU L 63 14.37 -19.41 -13.17
C GLU L 63 13.08 -18.66 -13.51
N ASP L 64 13.19 -17.78 -14.50
CA ASP L 64 12.08 -16.97 -14.98
C ASP L 64 12.45 -16.45 -16.36
N GLU L 65 11.64 -15.54 -16.89
CA GLU L 65 11.89 -15.00 -18.22
C GLU L 65 13.18 -14.18 -18.28
N ALA L 66 13.53 -13.49 -17.19
CA ALA L 66 14.73 -12.65 -17.19
C ALA L 66 15.99 -13.49 -17.31
N ALA L 67 16.00 -14.68 -16.71
CA ALA L 67 17.17 -15.55 -16.80
C ALA L 67 17.40 -16.02 -18.23
N PHE L 68 16.33 -16.25 -18.99
CA PHE L 68 16.47 -16.61 -20.39
C PHE L 68 17.08 -15.47 -21.19
N LEU L 69 16.67 -14.23 -20.89
CA LEU L 69 17.24 -13.08 -21.58
C LEU L 69 18.74 -12.97 -21.32
N GLN L 70 19.16 -13.18 -20.06
CA GLN L 70 20.58 -13.20 -19.74
C GLN L 70 21.30 -14.31 -20.49
N HIS L 71 20.68 -15.50 -20.56
CA HIS L 71 21.29 -16.61 -21.28
C HIS L 71 21.54 -16.26 -22.75
N CYS L 72 20.57 -15.61 -23.40
CA CYS L 72 20.72 -15.28 -24.81
C CYS L 72 21.84 -14.28 -25.05
N ARG L 73 22.19 -13.48 -24.05
CA ARG L 73 23.25 -12.50 -24.18
C ARG L 73 24.60 -13.00 -23.71
N ASN L 74 24.66 -14.19 -23.11
CA ASN L 74 25.89 -14.68 -22.50
C ASN L 74 26.82 -15.29 -23.55
N GLU L 75 27.94 -15.84 -23.08
CA GLU L 75 29.02 -16.30 -23.96
C GLU L 75 28.86 -17.75 -24.36
N THR L 76 28.21 -18.59 -23.55
CA THR L 76 28.06 -20.00 -23.90
C THR L 76 27.29 -20.16 -25.20
N ILE L 77 26.14 -19.49 -25.32
CA ILE L 77 25.32 -19.62 -26.52
C ILE L 77 26.05 -19.07 -27.74
N ALA L 78 26.90 -18.06 -27.56
CA ALA L 78 27.63 -17.50 -28.69
C ALA L 78 28.63 -18.51 -29.24
N ARG L 79 29.36 -19.19 -28.37
CA ARG L 79 30.27 -20.25 -28.82
C ARG L 79 29.51 -21.41 -29.43
N PHE L 80 28.32 -21.70 -28.89
CA PHE L 80 27.49 -22.77 -29.43
C PHE L 80 27.18 -22.53 -30.90
N TYR L 81 26.86 -21.29 -31.26
CA TYR L 81 26.52 -21.00 -32.65
C TYR L 81 27.76 -20.99 -33.54
N GLU L 82 28.92 -20.62 -33.00
CA GLU L 82 30.16 -20.74 -33.75
C GLU L 82 30.42 -22.19 -34.13
N LEU L 83 30.08 -23.12 -33.23
CA LEU L 83 30.35 -24.54 -33.47
C LEU L 83 29.47 -25.09 -34.58
N ILE L 84 28.21 -24.65 -34.66
CA ILE L 84 27.23 -25.26 -35.56
C ILE L 84 26.94 -24.42 -36.79
N ASP L 85 27.52 -23.22 -36.90
CA ASP L 85 27.09 -22.29 -37.95
C ASP L 85 27.33 -22.86 -39.36
N SER L 86 28.32 -23.73 -39.51
CA SER L 86 28.68 -24.20 -40.84
C SER L 86 27.78 -25.30 -41.37
N TYR L 87 26.83 -25.81 -40.58
CA TYR L 87 26.05 -26.95 -41.07
C TYR L 87 24.61 -27.03 -40.56
N ALA L 88 24.34 -26.47 -39.39
CA ALA L 88 23.06 -26.72 -38.73
C ALA L 88 21.93 -25.92 -39.34
N PHE L 89 20.74 -26.53 -39.42
CA PHE L 89 19.52 -25.83 -39.80
C PHE L 89 18.75 -25.48 -38.54
N GLY L 90 18.52 -24.18 -38.32
CA GLY L 90 17.83 -23.72 -37.15
C GLY L 90 18.46 -22.45 -36.59
N PRO L 91 18.01 -22.02 -35.40
CA PRO L 91 17.02 -22.72 -34.57
C PRO L 91 15.56 -22.48 -34.98
N LEU L 92 14.71 -23.44 -34.65
CA LEU L 92 13.27 -23.29 -34.71
C LEU L 92 12.73 -23.38 -33.30
N PHE L 93 12.14 -22.29 -32.80
CA PHE L 93 11.60 -22.25 -31.45
C PHE L 93 10.21 -22.86 -31.48
N LEU L 94 10.09 -24.10 -30.98
CA LEU L 94 8.79 -24.77 -30.97
C LEU L 94 7.80 -24.03 -30.08
N PHE L 95 8.22 -23.66 -28.87
CA PHE L 95 7.42 -22.79 -28.03
C PHE L 95 8.28 -22.18 -26.93
N LYS L 96 7.78 -21.09 -26.37
CA LYS L 96 8.22 -20.58 -25.09
C LYS L 96 6.98 -20.47 -24.20
N GLY L 97 7.12 -20.77 -22.91
CA GLY L 97 5.94 -20.79 -22.07
C GLY L 97 6.28 -20.81 -20.60
N TYR L 98 5.22 -20.77 -19.80
CA TYR L 98 5.31 -20.73 -18.35
C TYR L 98 4.70 -21.99 -17.76
N ARG L 99 5.31 -22.49 -16.69
CA ARG L 99 4.76 -23.64 -15.99
C ARG L 99 3.46 -23.28 -15.29
N VAL L 100 2.46 -24.16 -15.42
CA VAL L 100 1.21 -24.01 -14.70
C VAL L 100 1.41 -24.53 -13.29
N GLU L 101 1.53 -23.62 -12.32
CA GLU L 101 1.77 -24.04 -10.94
C GLU L 101 0.51 -24.61 -10.31
N GLY L 102 -0.63 -23.97 -10.52
CA GLY L 102 -1.88 -24.42 -9.95
C GLY L 102 -3.09 -23.78 -10.60
C1 PPI M . -29.87 -5.37 -4.89
C2 PPI M . -29.63 -5.95 -3.50
C3 PPI M . -28.93 -7.30 -3.65
O1 PPI M . -30.78 -4.50 -5.06
O2 PPI M . -29.17 -5.74 -5.86
C1 PPI N . -26.48 -9.16 0.98
C2 PPI N . -26.92 -8.05 0.05
C3 PPI N . -27.14 -6.78 0.88
O1 PPI N . -26.73 -10.36 0.70
O2 PPI N . -25.87 -8.87 2.05
C1 PPI O . -27.42 1.28 -12.97
C2 PPI O . -26.42 1.27 -14.11
C3 PPI O . -26.42 2.60 -14.84
O1 PPI O . -28.45 2.00 -13.06
O2 PPI O . -27.25 0.57 -11.94
C1 PPI P . -30.30 -1.55 -12.80
C2 PPI P . -31.60 -0.80 -12.46
C3 PPI P . -32.77 -1.52 -13.12
O1 PPI P . -30.23 -2.22 -13.85
O2 PPI P . -29.33 -1.47 -12.01
C1 PPI Q . -15.04 -1.87 -5.18
C2 PPI Q . -13.65 -2.49 -5.07
C3 PPI Q . -12.78 -1.58 -4.19
O1 PPI Q . -15.95 -2.50 -5.77
O2 PPI Q . -15.28 -0.74 -4.67
C1 GOL R . -1.71 0.04 -3.62
O1 GOL R . -1.39 0.82 -4.73
C2 GOL R . -0.41 -0.63 -3.13
O2 GOL R . 0.70 0.13 -3.43
C3 GOL R . -0.60 -0.77 -1.62
O3 GOL R . -0.16 -2.05 -1.27
C1 PPI S . -14.39 -2.18 1.16
C2 PPI S . -14.36 -3.38 2.10
C3 PPI S . -15.79 -3.76 2.49
O1 PPI S . -15.13 -1.20 1.42
O2 PPI S . -13.66 -2.17 0.13
C1 PPI T . -5.01 12.13 -2.43
C2 PPI T . -5.80 12.22 -1.13
C3 PPI T . -6.57 13.54 -1.10
O1 PPI T . -4.92 11.02 -3.04
O2 PPI T . -4.45 13.15 -2.90
C1 GOL U . -19.40 20.08 -14.93
O1 GOL U . -20.33 20.50 -15.89
C2 GOL U . -19.92 18.76 -14.31
O2 GOL U . -19.93 17.72 -15.22
C3 GOL U . -18.99 18.47 -13.13
O3 GOL U . -19.29 19.36 -12.13
C1 PPI V . -7.09 -7.60 -0.31
C2 PPI V . -6.43 -7.57 -1.68
C3 PPI V . -5.53 -8.79 -1.79
O1 PPI V . -7.91 -8.50 -0.04
O2 PPI V . -6.78 -6.72 0.55
AS CAD W . 3.85 -1.87 -4.20
C1 CAD W . 4.45 -2.17 -2.36
C2 CAD W . 5.44 -1.70 -5.32
O1 CAD W . 2.87 -3.24 -4.74
O2 CAD W . 2.99 -0.52 -4.28
C1 PPI X . -16.61 -0.35 -18.02
C2 PPI X . -15.30 -0.86 -17.44
C3 PPI X . -14.28 0.24 -17.66
O1 PPI X . -17.66 -0.36 -17.33
O2 PPI X . -16.61 0.09 -19.20
N GLY Y . -11.68 -5.32 -22.13
CA GLY Y . -12.49 -6.50 -22.46
C GLY Y . -11.71 -7.79 -22.36
O GLY Y . -10.73 -7.87 -21.62
OH2 1PE Z . -12.19 36.31 -2.46
C12 1PE Z . -12.99 36.45 -3.62
C22 1PE Z . -12.51 35.56 -4.73
OH3 1PE Z . -11.73 36.33 -5.65
C13 1PE Z . -9.80 36.16 -7.03
C23 1PE Z . -11.10 35.53 -6.64
OH4 1PE Z . -8.90 36.12 -5.94
C14 1PE Z . -6.73 36.65 -5.06
C24 1PE Z . -7.66 36.78 -6.22
OH5 1PE Z . -7.10 37.56 -4.03
C15 1PE Z . -6.85 38.29 -1.77
C25 1PE Z . -6.55 37.22 -2.77
OH6 1PE Z . -8.22 38.25 -1.39
C1 GOL AA . -0.66 15.75 -1.00
O1 GOL AA . -1.61 15.19 -1.85
C2 GOL AA . -0.17 17.04 -1.69
O2 GOL AA . 0.62 16.78 -2.81
C3 GOL AA . 0.61 17.82 -0.61
O3 GOL AA . -0.15 18.94 -0.29
C1 PPI BA . -7.43 21.16 -17.31
C2 PPI BA . -6.87 21.93 -16.12
C3 PPI BA . -6.03 21.00 -15.25
O1 PPI BA . -8.37 21.66 -17.99
O2 PPI BA . -6.96 20.03 -17.62
C1 PPI CA . -17.31 7.89 -21.81
C2 PPI CA . -18.00 9.10 -21.20
C3 PPI CA . -18.99 8.64 -20.13
O1 PPI CA . -17.32 7.71 -23.06
O2 PPI CA . -16.72 7.06 -21.06
C1 GOL DA . -10.25 26.36 -28.58
O1 GOL DA . -9.36 27.39 -28.31
C2 GOL DA . -11.53 26.65 -27.77
O2 GOL DA . -12.58 27.04 -28.59
C3 GOL DA . -11.84 25.33 -27.01
O3 GOL DA . -11.08 25.36 -25.84
C1 GOL EA . -0.96 20.00 -3.35
O1 GOL EA . -1.03 21.36 -3.06
C2 GOL EA . -1.44 19.79 -4.81
O2 GOL EA . -2.82 19.75 -4.92
C3 GOL EA . -0.84 20.96 -5.61
O3 GOL EA . 0.36 21.32 -4.99
AS CAD FA . -0.83 22.27 0.32
C1 CAD FA . -1.04 22.12 2.26
C2 CAD FA . 1.08 22.30 -0.08
O1 CAD FA . -1.63 20.89 -0.45
O2 CAD FA . -1.51 23.62 -0.20
C1 PPI GA . -14.48 30.21 5.58
C2 PPI GA . -14.00 31.58 6.06
C3 PPI GA . -12.66 31.90 5.42
O1 PPI GA . -14.54 29.25 6.39
O2 PPI GA . -14.82 30.06 4.38
C1 PPI HA . -13.23 9.16 6.31
C2 PPI HA . -13.42 8.66 7.74
C3 PPI HA . -14.79 9.11 8.25
O1 PPI HA . -14.02 10.01 5.83
O2 PPI HA . -12.28 8.73 5.61
C1 GOL IA . -9.52 11.77 1.07
O1 GOL IA . -10.75 11.80 0.42
C2 GOL IA . -9.54 12.90 2.12
O2 GOL IA . -10.82 13.12 2.64
C3 GOL IA . -8.53 12.47 3.22
O3 GOL IA . -8.08 11.18 2.90
C1 GOL JA . -1.47 17.43 2.24
O1 GOL JA . -2.40 16.97 1.31
C2 GOL JA . -2.09 18.66 2.90
O2 GOL JA . -2.85 19.39 2.00
C3 GOL JA . -2.94 18.11 4.07
O3 GOL JA . -2.04 17.70 5.06
C1 PPI KA . 18.66 22.69 2.27
C2 PPI KA . 17.24 23.21 2.12
C3 PPI KA . 16.29 22.35 2.93
O1 PPI KA . 18.87 21.46 2.43
O2 PPI KA . 19.62 23.49 2.26
C1 GOL LA . 20.64 26.46 -9.54
O1 GOL LA . 19.58 25.61 -9.87
C2 GOL LA . 21.80 25.58 -9.05
O2 GOL LA . 22.19 24.66 -10.00
C3 GOL LA . 22.94 26.58 -8.69
O3 GOL LA . 24.11 25.84 -8.59
C1 GOL MA . 33.96 25.70 -1.80
O1 GOL MA . 33.29 24.82 -0.95
C2 GOL MA . 35.18 24.96 -2.36
O2 GOL MA . 34.86 24.18 -3.47
C3 GOL MA . 36.18 26.08 -2.70
O3 GOL MA . 37.42 25.46 -2.90
C1 PPI NA . 5.78 34.26 10.78
C2 PPI NA . 6.58 33.06 11.26
C3 PPI NA . 7.72 32.83 10.28
O1 PPI NA . 4.53 34.18 10.67
O2 PPI NA . 6.38 35.33 10.48
C1 PPI OA . 29.21 7.87 0.85
C2 PPI OA . 29.00 6.68 1.78
C3 PPI OA . 30.23 6.51 2.66
O1 PPI OA . 28.23 8.61 0.54
O2 PPI OA . 30.34 8.08 0.36
C1 PPI PA . 25.24 5.57 -12.14
C2 PPI PA . 25.22 6.53 -13.32
C3 PPI PA . 25.99 5.90 -14.49
O1 PPI PA . 24.30 5.61 -11.29
O2 PPI PA . 26.18 4.75 -12.02
OH3 1PE QA . 7.89 8.28 -2.88
C13 1PE QA . 8.16 10.08 -1.35
C23 1PE QA . 8.80 8.90 -2.00
OH4 1PE QA . 7.67 9.73 -0.07
C14 1PE QA . 7.27 10.66 2.10
C24 1PE QA . 7.08 10.83 0.62
OH5 1PE QA . 8.63 10.41 2.39
C1 PPI RA . 9.31 26.29 7.20
C2 PPI RA . 8.73 25.09 7.92
C3 PPI RA . 9.90 24.21 8.34
O1 PPI RA . 8.81 26.69 6.12
O2 PPI RA . 10.31 26.89 7.69
O1 PG4 SA . 21.48 19.13 -30.01
O1 PG4 SA . 21.46 18.95 -30.23
C1 PG4 SA . 22.44 19.45 -29.04
C1 PG4 SA . 22.34 19.26 -29.18
C2 PG4 SA . 23.48 18.34 -28.97
C2 PG4 SA . 23.39 18.16 -29.07
O2 PG4 SA . 24.32 18.53 -27.86
O2 PG4 SA . 24.27 18.46 -28.02
C3 PG4 SA . 24.79 17.33 -27.30
C3 PG4 SA . 24.77 17.34 -27.35
C4 PG4 SA . 25.61 17.65 -26.05
C4 PG4 SA . 25.58 17.79 -26.14
O3 PG4 SA . 25.29 16.76 -25.02
O3 PG4 SA . 25.39 16.90 -25.08
C5 PG4 SA . 26.05 15.57 -25.01
C5 PG4 SA . 26.09 15.70 -25.22
C6 PG4 SA . 25.49 14.65 -23.93
C6 PG4 SA . 25.64 14.76 -24.09
O4 PG4 SA . 26.00 13.35 -24.04
O4 PG4 SA . 26.76 14.13 -23.53
C7 PG4 SA . 26.31 12.76 -22.81
C7 PG4 SA . 26.51 12.81 -23.15
C8 PG4 SA . 27.52 11.84 -22.96
C8 PG4 SA . 25.83 12.10 -24.30
O5 PG4 SA . 27.82 11.26 -21.72
O5 PG4 SA . 24.66 11.52 -23.82
C1 PPI TA . 5.47 1.91 -7.17
C2 PPI TA . 6.63 2.58 -6.45
C3 PPI TA . 7.78 2.71 -7.44
O1 PPI TA . 4.72 1.10 -6.56
O2 PPI TA . 5.25 2.17 -8.39
C1 PPI UA . 6.63 -2.13 -15.76
C2 PPI UA . 7.96 -1.84 -16.43
C3 PPI UA . 8.06 -2.72 -17.68
O1 PPI UA . 5.62 -1.39 -16.00
O2 PPI UA . 6.52 -3.10 -14.97
C1 PPI VA . 14.41 -3.68 2.79
C2 PPI VA . 14.10 -4.81 3.78
C3 PPI VA . 13.29 -5.87 3.04
O1 PPI VA . 14.12 -3.82 1.58
O2 PPI VA . 14.94 -2.61 3.20
C1 PPI WA . 13.92 5.83 -18.47
C2 PPI WA . 13.34 4.71 -17.59
C3 PPI WA . 12.16 5.25 -16.79
O1 PPI WA . 13.38 6.97 -18.45
O2 PPI WA . 14.93 5.61 -19.18
OH2 1PE XA . 6.38 10.88 -19.79
C12 1PE XA . 5.82 10.00 -18.84
C22 1PE XA . 4.41 10.35 -18.50
OH3 1PE XA . 4.39 11.34 -17.47
C13 1PE XA . 3.18 12.43 -15.73
C23 1PE XA . 3.21 11.27 -16.68
OH4 1PE XA . 2.88 13.62 -16.44
C14 1PE XA . 3.35 15.88 -15.80
C24 1PE XA . 2.47 14.68 -15.59
OH5 1PE XA . 4.39 15.89 -14.84
C15 1PE XA . 4.70 17.02 -12.77
C25 1PE XA . 3.91 15.99 -13.51
OH6 1PE XA . 5.92 16.47 -12.30
OH2 1PE YA . 17.10 15.87 8.72
C12 1PE YA . 17.06 14.75 7.84
C22 1PE YA . 15.72 14.63 7.18
OH3 1PE YA . 14.98 13.58 7.77
C13 1PE YA . 13.30 11.89 7.52
C23 1PE YA . 14.28 12.78 6.82
OH4 1PE YA . 13.39 10.57 7.01
C14 1PE YA . 14.11 8.50 7.97
C24 1PE YA . 14.52 9.87 7.51
OH5 1PE YA . 15.26 7.77 8.38
C15 1PE YA . 16.26 6.96 10.40
C25 1PE YA . 15.03 6.99 9.55
OH6 1PE YA . 16.48 8.24 10.97
AS CAD ZA . -10.83 -6.45 2.32
C1 CAD ZA . -11.17 -4.73 1.44
C2 CAD ZA . -11.82 -7.88 1.41
O1 CAD ZA . -9.10 -6.83 2.27
O2 CAD ZA . -11.32 -6.35 3.85
C1 PPI AB . 11.79 -0.75 13.53
C2 PPI AB . 11.56 -1.41 12.17
C3 PPI AB . 11.20 -0.36 11.14
O1 PPI AB . 12.00 -1.45 14.55
O2 PPI AB . 11.78 0.50 13.63
C1 PPI BB . 2.88 7.50 25.97
C2 PPI BB . 2.16 6.26 25.43
C3 PPI BB . 3.18 5.13 25.29
O1 PPI BB . 2.53 8.64 25.60
O2 PPI BB . 3.83 7.35 26.79
C1 PPI CB . 4.27 10.56 29.13
C2 PPI CB . 4.40 9.96 30.54
C3 PPI CB . 5.28 8.72 30.47
O1 PPI CB . 3.67 11.65 28.96
O2 PPI CB . 4.76 9.94 28.15
C1 GOL DB . 7.95 0.37 -0.21
O1 GOL DB . 8.38 -0.35 -1.34
C2 GOL DB . 6.47 0.05 0.01
O2 GOL DB . 5.70 0.46 -1.06
C3 GOL DB . 6.12 0.79 1.32
O3 GOL DB . 4.75 0.73 1.46
C1 PPI EB . 15.48 1.50 9.85
C2 PPI EB . 16.62 1.74 10.84
C3 PPI EB . 17.46 2.92 10.38
O1 PPI EB . 14.42 0.95 10.23
O2 PPI EB . 15.61 1.85 8.65
C1 GOL FB . -1.09 15.94 23.64
O1 GOL FB . -0.91 15.67 22.28
C2 GOL FB . -2.47 15.41 24.03
O2 GOL FB . -2.64 14.09 23.62
C3 GOL FB . -2.49 15.54 25.57
O3 GOL FB . -3.80 15.26 25.97
C1 GOL GB . 5.05 19.38 0.62
O1 GOL GB . 5.26 19.95 -0.64
C2 GOL GB . 4.08 20.32 1.38
O2 GOL GB . 2.76 20.00 1.15
C3 GOL GB . 4.48 20.15 2.85
O3 GOL GB . 3.63 20.97 3.60
C1 GOL HB . 1.98 -4.67 19.06
O1 GOL HB . 0.78 -4.66 18.37
C2 GOL HB . 1.60 -4.77 20.53
O2 GOL HB . 0.56 -3.90 20.83
C3 GOL HB . 2.88 -4.45 21.31
O3 GOL HB . 2.47 -3.90 22.53
C1 PPI IB . -11.08 21.77 5.87
C2 PPI IB . -10.82 21.83 7.37
C3 PPI IB . -12.05 22.40 8.06
O1 PPI IB . -11.87 20.92 5.41
O2 PPI IB . -10.49 22.59 5.10
C1 PPI JB . -10.78 14.05 14.32
C2 PPI JB . -10.21 15.17 13.45
C3 PPI JB . -9.65 14.57 12.15
O1 PPI JB . -10.86 12.88 13.86
O2 PPI JB . -11.20 14.30 15.48
C1 PPI KB . -21.46 21.78 17.99
C2 PPI KB . -20.12 22.39 18.41
C3 PPI KB . -20.08 23.86 17.97
O1 PPI KB . -21.75 20.61 18.35
O2 PPI KB . -22.26 22.45 17.29
OH4 1PE LB . 3.04 16.76 1.08
C14 1PE LB . 2.98 14.42 1.60
C24 1PE LB . 2.93 15.45 0.53
OH5 1PE LB . 1.68 14.17 2.12
C15 1PE LB . 1.37 12.31 3.58
C25 1PE LB . 1.37 12.78 2.17
OH6 1PE LB . 2.63 12.56 4.20
C16 1PE LB . 4.34 10.90 4.30
C26 1PE LB . 3.11 11.46 4.96
OH7 1PE LB . 5.45 11.74 4.50
AS CAD MB . -11.58 7.82 28.07
C1 CAD MB . -12.25 7.97 29.91
C2 CAD MB . -9.76 8.54 27.96
O1 CAD MB . -11.63 6.11 27.57
O2 CAD MB . -12.52 8.67 27.10
C1 PPI NB . -2.36 3.52 24.44
C2 PPI NB . -3.50 2.50 24.48
C3 PPI NB . -3.31 1.49 23.35
O1 PPI NB . -2.51 4.61 23.83
O2 PPI NB . -1.26 3.27 25.01
C1 PPI OB . 16.79 -36.94 -0.51
C2 PPI OB . 17.71 -38.05 0.01
C3 PPI OB . 16.99 -38.85 1.08
O1 PPI OB . 15.57 -36.95 -0.22
O2 PPI OB . 17.27 -36.01 -1.22
C1 GOL PB . 18.93 -45.67 9.99
O1 GOL PB . 20.12 -44.98 9.81
C2 GOL PB . 19.28 -47.17 9.89
O2 GOL PB . 20.22 -47.55 10.82
C3 GOL PB . 19.79 -47.35 8.45
O3 GOL PB . 20.21 -48.67 8.32
C1 PPI QB . 31.04 -41.03 18.87
C2 PPI QB . 31.01 -42.54 18.67
C3 PPI QB . 32.05 -42.88 17.62
O1 PPI QB . 30.11 -40.31 18.42
O2 PPI QB . 32.02 -40.50 19.48
C1 PPI RB . 18.56 -45.78 -3.89
C2 PPI RB . 20.06 -45.46 -3.80
C3 PPI RB . 20.67 -45.31 -5.20
O1 PPI RB . 17.89 -45.98 -2.85
O2 PPI RB . 18.00 -45.85 -5.01
C1 PPI SB . 25.56 -27.30 -6.89
C2 PPI SB . 25.16 -28.31 -7.95
C3 PPI SB . 24.57 -27.57 -9.17
O1 PPI SB . 25.79 -27.69 -5.71
O2 PPI SB . 25.67 -26.08 -7.17
C1 PPI TB . 25.44 -32.46 25.26
C2 PPI TB . 26.28 -33.67 25.65
C3 PPI TB . 25.34 -34.73 26.22
O1 PPI TB . 24.48 -32.10 25.99
O2 PPI TB . 25.72 -31.81 24.22
AS CAD UB . 5.93 -43.18 -6.33
C1 CAD UB . 4.76 -42.46 -4.92
C2 CAD UB . 6.92 -44.74 -5.66
O1 CAD UB . 4.91 -43.63 -7.71
O2 CAD UB . 6.99 -42.06 -6.74
C1 PPI VB . 1.19 -45.10 22.54
C2 PPI VB . 0.91 -46.26 21.59
C3 PPI VB . -0.56 -46.14 21.19
O1 PPI VB . 1.40 -45.33 23.76
O2 PPI VB . 1.17 -43.92 22.09
C1 PPI WB . 4.86 -41.58 21.99
C2 PPI WB . 5.13 -41.18 23.43
C3 PPI WB . 4.37 -42.14 24.35
O1 PPI WB . 4.42 -42.73 21.73
O2 PPI WB . 5.06 -40.76 21.05
C1 PPI XB . 8.49 -27.70 23.51
C2 PPI XB . 7.41 -28.77 23.66
C3 PPI XB . 8.06 -30.14 23.66
O1 PPI XB . 8.17 -26.48 23.51
O2 PPI XB . 9.69 -28.04 23.40
OH2 1PE YB . 15.35 -31.38 27.76
C12 1PE YB . 15.80 -32.23 26.73
C22 1PE YB . 15.15 -33.58 26.80
OH3 1PE YB . 15.85 -34.49 25.97
C13 1PE YB . 16.46 -36.75 25.49
C23 1PE YB . 15.64 -35.85 26.36
OH4 1PE YB . 17.82 -36.34 25.51
C14 1PE YB . 20.03 -36.58 24.66
C24 1PE YB . 18.67 -37.18 24.76
OH5 1PE YB . 20.54 -36.30 25.95
C15 1PE YB . 22.54 -36.69 27.18
C25 1PE YB . 21.94 -36.05 25.96
OH6 1PE YB . 22.01 -36.08 28.35
C1 PPI ZB . -0.99 -40.01 2.04
C2 PPI ZB . -0.80 -38.91 1.00
C3 PPI ZB . -0.18 -37.71 1.70
O1 PPI ZB . -2.11 -40.14 2.62
O2 PPI ZB . -0.04 -40.79 2.30
C1 GOL AC . 15.47 -17.13 25.37
O1 GOL AC . 15.30 -16.70 24.05
C2 GOL AC . 14.91 -16.03 26.31
O2 GOL AC . 13.53 -15.93 26.24
C3 GOL AC . 15.40 -16.44 27.73
O3 GOL AC . 14.65 -15.72 28.65
AS CAD BC . -0.09 -14.14 14.75
C1 CAD BC . -0.27 -12.24 14.25
C2 CAD BC . 0.17 -15.24 13.15
O1 CAD BC . 1.39 -14.23 15.75
O2 CAD BC . -1.40 -14.68 15.51
C1 GOL CC . 7.28 -42.47 12.75
O1 GOL CC . 6.23 -42.17 13.62
C2 GOL CC . 8.44 -43.09 13.57
O2 GOL CC . 9.69 -42.81 13.03
C3 GOL CC . 8.25 -42.53 15.00
O3 GOL CC . 9.40 -42.81 15.73
C1 PPI DC . -33.11 23.54 7.14
C2 PPI DC . -34.51 23.64 7.75
C3 PPI DC . -34.93 25.10 7.82
O1 PPI DC . -32.65 22.42 6.80
O2 PPI DC . -32.42 24.58 6.98
C1 PPI EC . -18.84 16.87 9.99
C2 PPI EC . -18.72 18.04 10.97
C3 PPI EC . -18.72 19.34 10.16
O1 PPI EC . -19.48 15.85 10.32
O2 PPI EC . -18.28 16.94 8.87
OH2 1PE FC . -30.30 39.84 -1.85
C12 1PE FC . -31.49 39.13 -1.52
C22 1PE FC . -32.56 40.05 -1.04
OH3 1PE FC . -33.40 39.36 -0.14
C13 1PE FC . -34.52 39.33 1.99
C23 1PE FC . -33.81 40.16 0.96
OH4 1PE FC . -33.60 38.86 2.97
C14 1PE FC . -35.01 37.01 3.44
C24 1PE FC . -34.25 38.15 4.01
OH5 1PE FC . -35.64 36.27 4.47
C15 1PE FC . -36.03 33.92 4.34
C25 1PE FC . -36.53 35.28 3.96
OH6 1PE FC . -35.12 33.44 3.35
C16 1PE FC . -33.78 31.54 2.85
C26 1PE FC . -35.15 32.02 3.23
OH7 1PE FC . -33.38 32.05 1.59
C1 PPI GC . -45.01 23.70 7.49
C2 PPI GC . -43.92 23.83 6.43
C3 PPI GC . -44.11 25.14 5.65
O1 PPI GC . -45.29 22.58 7.98
O2 PPI GC . -45.64 24.74 7.87
AS CAD HC . -18.66 11.92 5.46
C1 CAD HC . -19.87 10.87 6.59
C2 CAD HC . -19.27 11.83 3.59
O1 CAD HC . -18.63 13.61 6.00
O2 CAD HC . -17.18 11.32 5.57
C1 PPI IC . -15.60 35.28 17.71
C2 PPI IC . -16.37 36.53 17.29
C3 PPI IC . -17.19 36.15 16.07
O1 PPI IC . -15.87 34.19 17.15
O2 PPI IC . -14.72 35.35 18.61
C1 PPI JC . -33.69 47.03 19.68
C2 PPI JC . -33.41 45.79 18.83
C3 PPI JC . -32.09 45.18 19.30
O1 PPI JC . -34.26 48.02 19.16
O2 PPI JC . -33.34 47.06 20.89
C1 PPI KC . -23.33 39.62 26.92
C2 PPI KC . -23.75 40.99 26.40
C3 PPI KC . -25.22 40.96 25.97
O1 PPI KC . -24.19 38.71 27.07
O2 PPI KC . -22.13 39.40 27.20
C1 PPI LC . -27.07 50.23 26.50
C2 PPI LC . -27.50 49.77 27.89
C3 PPI LC . -28.94 49.30 27.84
O1 PPI LC . -27.72 51.11 25.89
O2 PPI LC . -26.06 49.70 25.96
OH2 1PE MC . -20.49 -25.29 -22.57
C12 1PE MC . -19.34 -25.96 -22.10
C22 1PE MC . -19.65 -27.37 -21.68
OH3 1PE MC . -18.43 -28.11 -21.58
C13 1PE MC . -16.91 -28.94 -19.95
C23 1PE MC . -18.34 -28.84 -20.37
OH4 1PE MC . -16.54 -27.82 -19.17
C14 1PE MC . -15.65 -26.99 -17.11
C24 1PE MC . -16.27 -28.15 -17.81
OH5 1PE MC . -16.29 -25.79 -17.51
C15 1PE MC . -16.67 -23.46 -17.16
C25 1PE MC . -15.90 -24.67 -16.73
OH6 1PE MC . -16.81 -23.46 -18.58
C16 1PE MC . -18.36 -22.50 -20.11
C26 1PE MC . -17.31 -22.23 -19.08
OH7 1PE MC . -19.26 -23.51 -19.68
C1 PPI NC . 13.90 -35.68 -14.81
C2 PPI NC . 15.02 -36.69 -15.00
C3 PPI NC . 15.83 -36.32 -16.24
O1 PPI NC . 12.77 -36.05 -14.41
O2 PPI NC . 14.11 -34.46 -15.04
C1 PPI OC . -6.27 -14.85 -26.84
C2 PPI OC . -5.20 -15.79 -26.30
C3 PPI OC . -3.89 -15.01 -26.17
O1 PPI OC . -7.41 -15.29 -27.11
O2 PPI OC . -6.00 -13.63 -27.00
C1 PPI PC . -10.35 -35.17 -27.27
C2 PPI PC . -9.90 -35.66 -28.64
C3 PPI PC . -9.06 -36.93 -28.47
O1 PPI PC . -10.90 -34.05 -27.16
O2 PPI PC . -10.16 -35.90 -26.26
C1 PPI QC . -1.11 -37.94 -21.49
C2 PPI QC . -2.13 -37.05 -22.20
C3 PPI QC . -1.55 -36.63 -23.55
O1 PPI QC . -1.29 -38.25 -20.27
O2 PPI QC . -0.10 -38.37 -22.10
C1 PPI RC . -4.20 -20.38 -17.08
C2 PPI RC . -3.87 -19.21 -18.02
C3 PPI RC . -4.81 -19.25 -19.21
O1 PPI RC . -5.38 -20.54 -16.67
O2 PPI RC . -3.28 -21.17 -16.72
AS CAD SC . 22.66 -23.91 -11.78
C1 CAD SC . 23.98 -24.13 -10.34
C2 CAD SC . 21.03 -23.12 -11.04
O1 CAD SC . 22.29 -25.49 -12.51
O2 CAD SC . 23.25 -22.94 -12.91
C1 PPI TC . 20.23 -22.02 -26.77
C2 PPI TC . 20.42 -22.36 -28.24
C3 PPI TC . 19.15 -22.00 -29.00
O1 PPI TC . 19.10 -21.69 -26.33
O2 PPI TC . 21.23 -22.05 -25.99
C1 GOL UC . 14.94 -26.86 -40.52
O1 GOL UC . 15.11 -25.48 -40.52
C2 GOL UC . 14.00 -27.22 -39.34
O2 GOL UC . 14.67 -27.22 -38.12
C3 GOL UC . 12.89 -26.15 -39.38
O3 GOL UC . 11.75 -26.77 -39.92
C1 PPI VC . 15.53 -29.42 -43.61
C2 PPI VC . 16.09 -28.26 -44.41
C3 PPI VC . 14.94 -27.68 -45.23
O1 PPI VC . 14.97 -30.37 -44.22
O2 PPI VC . 15.63 -29.43 -42.35
C1 PPI WC . 22.68 -30.31 -47.12
C2 PPI WC . 22.01 -29.67 -48.33
C3 PPI WC . 22.93 -29.80 -49.55
O1 PPI WC . 22.88 -31.56 -47.10
O2 PPI WC . 23.03 -29.60 -46.15
C1 PPI XC . 10.71 -33.25 -43.44
C2 PPI XC . 11.20 -32.18 -42.46
C3 PPI XC . 12.67 -31.87 -42.75
O1 PPI XC . 10.12 -32.91 -44.49
O2 PPI XC . 10.90 -34.47 -43.18
OH2 1PE YC . 32.35 -34.03 -43.19
C12 1PE YC . 33.17 -32.87 -43.24
C22 1PE YC . 32.49 -31.73 -43.95
OH3 1PE YC . 32.76 -30.53 -43.26
C13 1PE YC . 31.11 -28.86 -42.73
C23 1PE YC . 32.03 -29.41 -43.77
OH4 1PE YC . 31.82 -28.03 -41.81
C14 1PE YC . 31.75 -28.61 -39.47
C24 1PE YC . 32.48 -28.75 -40.77
OH5 1PE YC . 32.49 -29.23 -38.43
C15 1PE YC . 33.28 -31.40 -37.79
C25 1PE YC . 32.10 -30.58 -38.20
OH6 1PE YC . 33.95 -31.88 -38.95
C16 1PE YC . 35.95 -32.02 -40.23
C26 1PE YC . 35.35 -31.72 -38.89
OH7 1PE YC . 35.28 -31.33 -41.27
C1 PPI ZC . 19.50 -17.21 -30.02
C2 PPI ZC . 19.47 -16.42 -28.71
C3 PPI ZC . 20.41 -15.22 -28.81
O1 PPI ZC . 19.23 -18.43 -30.02
O2 PPI ZC . 19.80 -16.61 -31.10
C1 PPI AD . 13.15 -28.62 -12.83
C2 PPI AD . 13.85 -29.01 -14.13
C3 PPI AD . 14.07 -30.52 -14.14
O1 PPI AD . 12.22 -27.77 -12.84
O2 PPI AD . 13.51 -29.15 -11.75
#